data_6II4
#
_entry.id   6II4
#
_cell.length_a   127.484
_cell.length_b   127.484
_cell.length_c   429.649
_cell.angle_alpha   90.00
_cell.angle_beta   90.00
_cell.angle_gamma   120.00
#
_symmetry.space_group_name_H-M   'H 3'
#
loop_
_entity.id
_entity.type
_entity.pdbx_description
1 polymer Hemagglutinin
2 polymer Hemagglutinin
3 polymer 'Heavy chain of L4A-14 Fab'
4 polymer 'Light chain of L4A-14 Fab'
#
loop_
_entity_poly.entity_id
_entity_poly.type
_entity_poly.pdbx_seq_one_letter_code
_entity_poly.pdbx_strand_id
1 'polypeptide(L)'
;DKICLGHHAVSNGTKVNTLTERGVEVVNATETVERTNIPRICSKGKRTVDLGQCGLLGTITGPPQCDQFLEFSADLIIER
REGSDVCYPGKFVNEEALRQILRESGGIDKEAMGFTYSGIRTNGATSACRRSGSSFYAEMKWLLSNTDNAAFPQMTKSYK
NTRKSPALIVWGIHHSVSTAEQTKLYGSGNKLVTVGSSNYQQSFVPSPGARPQVNGLSGRIDFHWLMLNPNDTVTFSFNG
AFIAPDRASFLRGKSMGIQSGVQVDANCEGDCYHSGGTIISNLPFQNIDSRAVGKCPRYVKQRSLLLATGMKNVPEI
;
A,C
2 'polypeptide(L)'
;AIAGFIENGWEGLIDGWYGFRHQNAQGEGTAADYKSTQSAIDQITGKLNRLIEKTNQQFELIDNEFNEVEKQIGNVINWT
RDSITEVWSYNAELLVAMENQHTIDLADSEMDKLYERVKRQLRENAEEDGTGCFEIFHKCDDDCMASIRNNTYDHSKYRE
EAMQNR
;
B,D
3 'polypeptide(L)'
;EVQLLESGGGVVQPGRSLRLSCAASGFTFSSYAIHWVRQAPGKGLEWVALISYDGSNKYYADSVKGRFTISRDNSKNTLY
LQMNSLRAEDTAVYYCNGHGSGGEVGSNWFDPWGQGTLVTVSSASTKGPSVFPLAPSSKSTSGGTAALGCLVKDYFPEPV
TVSWNSGALTSGVHTFPAVLQSSGLYSLSSVVTVPSSSLGTQTYICNVNHKPSNTKVDKKVEPKS
;
E,H
4 'polypeptide(L)'
;NFMLTQPHSVSESPGKTVTISCTRSSGSIASNYVQWYQQRPGSSPTTVIYEYNQRPSGVPDRFSGSIDSSSNSASLTISG
LKTEDEADYYCQSYDSANRVFGGGTKLTVLGQPKAAPSVTLFPPSSEELQANKATLVCLISDFYPGAVTVAWKADSSPVK
AGVETTTPSKQSNNKYAASSYLSLTPEQWKSHRSYSCQVTHEGSTVEKTVAP
;
F,L
#
# COMPACT_ATOMS: atom_id res chain seq x y z
N ASP A 1 -58.28 -76.08 -53.79
CA ASP A 1 -58.10 -77.45 -53.32
C ASP A 1 -57.43 -77.47 -51.94
N LYS A 2 -56.71 -76.39 -51.59
CA LYS A 2 -55.89 -76.41 -50.38
C LYS A 2 -55.82 -75.10 -49.61
N ILE A 3 -56.73 -74.13 -49.85
CA ILE A 3 -56.56 -72.76 -49.35
C ILE A 3 -56.14 -72.71 -47.89
N CYS A 4 -55.18 -71.84 -47.57
CA CYS A 4 -54.46 -71.85 -46.29
C CYS A 4 -54.43 -70.44 -45.70
N LEU A 5 -53.90 -70.36 -44.46
CA LEU A 5 -53.87 -69.12 -43.69
C LEU A 5 -52.58 -69.02 -42.90
N GLY A 6 -52.00 -67.82 -42.85
CA GLY A 6 -50.72 -67.62 -42.21
C GLY A 6 -50.47 -66.16 -41.87
N HIS A 7 -49.25 -65.87 -41.45
CA HIS A 7 -48.93 -64.55 -40.92
C HIS A 7 -47.47 -64.19 -41.21
N HIS A 8 -46.94 -63.19 -40.48
CA HIS A 8 -45.78 -62.39 -40.87
C HIS A 8 -44.45 -63.13 -41.03
N ALA A 9 -43.87 -63.60 -39.93
CA ALA A 9 -42.64 -64.40 -39.96
C ALA A 9 -41.48 -63.65 -40.64
N VAL A 10 -41.00 -62.60 -39.97
CA VAL A 10 -39.74 -62.00 -40.44
C VAL A 10 -38.59 -62.98 -40.18
N SER A 11 -37.48 -62.73 -40.87
CA SER A 11 -36.39 -63.70 -40.87
C SER A 11 -35.64 -63.72 -39.54
N ASN A 12 -35.24 -62.56 -39.03
CA ASN A 12 -34.28 -62.52 -37.91
C ASN A 12 -34.96 -62.69 -36.56
N GLY A 13 -35.79 -61.75 -36.16
CA GLY A 13 -36.39 -61.73 -34.84
C GLY A 13 -36.03 -60.48 -34.07
N THR A 14 -36.38 -60.47 -32.79
CA THR A 14 -36.16 -59.32 -31.91
C THR A 14 -35.91 -59.83 -30.49
N LYS A 15 -36.08 -58.96 -29.49
CA LYS A 15 -35.57 -59.16 -28.14
C LYS A 15 -36.64 -59.35 -27.06
N VAL A 16 -37.82 -58.76 -27.25
CA VAL A 16 -38.61 -58.22 -26.13
C VAL A 16 -38.99 -59.29 -25.08
N ASN A 17 -39.35 -58.78 -23.90
CA ASN A 17 -39.69 -59.58 -22.72
C ASN A 17 -41.21 -59.69 -22.55
N THR A 18 -41.58 -60.62 -21.68
CA THR A 18 -42.95 -60.77 -21.19
C THR A 18 -42.86 -61.34 -19.78
N LEU A 19 -43.96 -61.89 -19.28
CA LEU A 19 -43.96 -62.50 -17.95
C LEU A 19 -43.51 -63.97 -18.00
N THR A 20 -42.35 -64.19 -18.60
CA THR A 20 -41.69 -65.48 -18.63
C THR A 20 -40.19 -65.24 -18.73
N GLU A 21 -39.42 -66.32 -18.91
CA GLU A 21 -37.97 -66.18 -19.06
C GLU A 21 -37.65 -65.60 -20.44
N ARG A 22 -37.91 -64.30 -20.58
CA ARG A 22 -37.73 -63.50 -21.80
C ARG A 22 -38.78 -63.86 -22.84
N GLY A 23 -39.46 -64.99 -22.62
CA GLY A 23 -40.71 -65.32 -23.27
C GLY A 23 -40.65 -65.66 -24.75
N VAL A 24 -40.51 -64.62 -25.58
CA VAL A 24 -40.63 -64.76 -27.02
C VAL A 24 -39.76 -63.73 -27.72
N GLU A 25 -39.73 -63.79 -29.05
CA GLU A 25 -39.20 -62.72 -29.87
C GLU A 25 -40.23 -62.41 -30.94
N VAL A 26 -40.18 -61.18 -31.46
CA VAL A 26 -41.23 -60.63 -32.30
C VAL A 26 -40.63 -60.16 -33.61
N VAL A 27 -41.49 -59.63 -34.49
CA VAL A 27 -41.07 -59.18 -35.81
C VAL A 27 -40.53 -57.77 -35.77
N ASN A 28 -41.28 -56.83 -35.18
CA ASN A 28 -40.86 -55.44 -35.10
C ASN A 28 -41.02 -54.96 -33.66
N ALA A 29 -40.07 -54.15 -33.20
CA ALA A 29 -40.09 -53.61 -31.85
C ALA A 29 -39.33 -52.29 -31.84
N THR A 30 -39.77 -51.39 -30.97
CA THR A 30 -39.17 -50.06 -30.88
C THR A 30 -38.72 -49.78 -29.45
N GLU A 31 -37.95 -48.70 -29.30
CA GLU A 31 -37.39 -48.32 -28.02
C GLU A 31 -38.40 -47.53 -27.19
N THR A 32 -38.21 -47.57 -25.87
CA THR A 32 -39.00 -46.78 -24.94
C THR A 32 -38.16 -45.90 -24.02
N VAL A 33 -36.90 -46.24 -23.79
CA VAL A 33 -36.00 -45.46 -22.94
C VAL A 33 -35.17 -44.55 -23.83
N GLU A 34 -35.17 -43.25 -23.53
CA GLU A 34 -34.43 -42.27 -24.31
C GLU A 34 -33.05 -42.06 -23.71
N ARG A 35 -32.03 -42.23 -24.55
CA ARG A 35 -30.64 -42.02 -24.14
C ARG A 35 -29.97 -40.84 -24.82
N THR A 36 -30.63 -40.20 -25.79
CA THR A 36 -30.02 -39.15 -26.58
C THR A 36 -30.23 -37.80 -25.89
N ASN A 37 -29.13 -37.09 -25.65
CA ASN A 37 -29.14 -35.79 -25.00
C ASN A 37 -28.73 -34.71 -25.99
N ILE A 38 -29.14 -33.48 -25.69
CA ILE A 38 -28.69 -32.31 -26.44
C ILE A 38 -27.87 -31.44 -25.50
N PRO A 39 -26.53 -31.39 -25.65
CA PRO A 39 -25.73 -30.60 -24.71
C PRO A 39 -25.89 -29.10 -24.90
N ARG A 40 -27.14 -28.64 -24.96
CA ARG A 40 -27.49 -27.23 -25.04
C ARG A 40 -28.81 -27.02 -24.31
N ILE A 41 -29.26 -25.78 -24.27
CA ILE A 41 -30.58 -25.44 -23.74
C ILE A 41 -31.45 -25.02 -24.92
N CYS A 42 -32.38 -25.88 -25.32
CA CYS A 42 -33.26 -25.58 -26.45
C CYS A 42 -34.34 -24.62 -25.95
N SER A 43 -34.14 -23.33 -26.26
CA SER A 43 -34.95 -22.26 -25.70
C SER A 43 -35.95 -21.65 -26.67
N LYS A 44 -36.03 -22.16 -27.90
CA LYS A 44 -36.94 -21.56 -28.87
C LYS A 44 -38.38 -21.73 -28.42
N GLY A 45 -39.16 -20.66 -28.58
CA GLY A 45 -40.54 -20.63 -28.15
C GLY A 45 -40.74 -20.07 -26.76
N LYS A 46 -39.76 -20.25 -25.87
CA LYS A 46 -39.84 -19.76 -24.50
C LYS A 46 -39.00 -18.50 -24.37
N ARG A 47 -39.55 -17.49 -23.70
CA ARG A 47 -38.77 -16.31 -23.36
C ARG A 47 -37.80 -16.68 -22.23
N THR A 48 -36.52 -16.74 -22.55
CA THR A 48 -35.50 -17.27 -21.65
C THR A 48 -34.66 -16.15 -21.05
N VAL A 49 -34.20 -16.37 -19.83
CA VAL A 49 -33.34 -15.41 -19.11
C VAL A 49 -32.14 -16.17 -18.59
N ASP A 50 -30.94 -15.77 -19.03
CA ASP A 50 -29.69 -16.32 -18.54
C ASP A 50 -29.18 -15.38 -17.45
N LEU A 51 -29.42 -15.75 -16.19
CA LEU A 51 -29.12 -14.86 -15.08
C LEU A 51 -27.63 -14.57 -14.96
N GLY A 52 -26.79 -15.56 -15.23
CA GLY A 52 -25.35 -15.36 -15.15
C GLY A 52 -24.88 -15.08 -13.74
N GLN A 53 -24.28 -13.91 -13.53
CA GLN A 53 -23.74 -13.55 -12.23
C GLN A 53 -24.79 -13.03 -11.27
N CYS A 54 -26.04 -12.91 -11.70
CA CYS A 54 -27.12 -12.46 -10.80
C CYS A 54 -27.72 -13.68 -10.12
N GLY A 55 -27.52 -13.79 -8.81
CA GLY A 55 -28.24 -14.79 -8.05
C GLY A 55 -29.73 -14.51 -8.11
N LEU A 56 -30.52 -15.59 -8.24
CA LEU A 56 -31.96 -15.45 -8.41
C LEU A 56 -32.57 -14.57 -7.32
N LEU A 57 -32.27 -14.88 -6.05
CA LEU A 57 -32.79 -14.09 -4.95
C LEU A 57 -32.33 -12.64 -5.03
N GLY A 58 -31.18 -12.38 -5.65
CA GLY A 58 -30.74 -11.02 -5.83
C GLY A 58 -31.76 -10.16 -6.56
N THR A 59 -32.49 -10.75 -7.51
CA THR A 59 -33.52 -10.01 -8.23
C THR A 59 -34.53 -9.36 -7.30
N ILE A 60 -34.62 -9.83 -6.05
CA ILE A 60 -35.51 -9.20 -5.07
C ILE A 60 -34.81 -8.06 -4.34
N THR A 61 -33.55 -8.26 -3.92
CA THR A 61 -32.85 -7.21 -3.17
C THR A 61 -32.26 -6.15 -4.10
N GLY A 62 -31.70 -6.58 -5.23
CA GLY A 62 -31.12 -5.66 -6.19
C GLY A 62 -29.68 -5.28 -5.92
N PRO A 63 -28.77 -6.25 -5.84
CA PRO A 63 -27.35 -5.91 -5.86
C PRO A 63 -26.96 -5.39 -7.24
N PRO A 64 -25.73 -4.89 -7.41
CA PRO A 64 -25.35 -4.37 -8.73
C PRO A 64 -25.52 -5.38 -9.85
N GLN A 65 -24.95 -6.58 -9.68
CA GLN A 65 -24.97 -7.58 -10.74
C GLN A 65 -26.37 -8.07 -11.09
N CYS A 66 -27.40 -7.62 -10.36
CA CYS A 66 -28.78 -8.00 -10.67
C CYS A 66 -29.60 -6.84 -11.22
N ASP A 67 -29.02 -5.65 -11.37
CA ASP A 67 -29.77 -4.51 -11.90
C ASP A 67 -30.33 -4.79 -13.29
N GLN A 68 -29.76 -5.74 -14.03
CA GLN A 68 -30.30 -6.10 -15.33
C GLN A 68 -31.70 -6.70 -15.20
N PHE A 69 -31.91 -7.53 -14.18
CA PHE A 69 -33.12 -8.35 -14.06
C PHE A 69 -33.96 -7.94 -12.85
N LEU A 70 -34.06 -6.62 -12.60
CA LEU A 70 -34.83 -6.16 -11.45
C LEU A 70 -36.33 -6.39 -11.62
N GLU A 71 -36.83 -6.28 -12.84
CA GLU A 71 -38.24 -6.53 -13.16
C GLU A 71 -38.34 -7.45 -14.38
N PHE A 72 -37.54 -8.52 -14.37
CA PHE A 72 -37.51 -9.42 -15.50
C PHE A 72 -38.82 -10.21 -15.60
N SER A 73 -38.94 -10.96 -16.70
CA SER A 73 -40.10 -11.83 -16.91
C SER A 73 -39.70 -12.88 -17.95
N ALA A 74 -39.95 -14.15 -17.64
CA ALA A 74 -39.49 -15.22 -18.50
C ALA A 74 -40.29 -16.49 -18.21
N ASP A 75 -40.26 -17.40 -19.18
CA ASP A 75 -40.81 -18.75 -19.03
C ASP A 75 -39.76 -19.76 -18.62
N LEU A 76 -38.50 -19.53 -18.96
CA LEU A 76 -37.39 -20.38 -18.56
C LEU A 76 -36.36 -19.53 -17.81
N ILE A 77 -35.91 -20.02 -16.67
CA ILE A 77 -34.89 -19.35 -15.87
C ILE A 77 -33.69 -20.28 -15.76
N ILE A 78 -32.50 -19.75 -16.01
CA ILE A 78 -31.27 -20.53 -16.03
C ILE A 78 -30.36 -19.95 -14.95
N GLU A 79 -30.28 -20.63 -13.81
CA GLU A 79 -29.29 -20.28 -12.79
C GLU A 79 -27.92 -20.77 -13.20
N ARG A 80 -26.91 -19.92 -13.00
CA ARG A 80 -25.53 -20.27 -13.27
C ARG A 80 -24.75 -20.28 -11.96
N ARG A 81 -23.73 -21.14 -11.90
CA ARG A 81 -23.00 -21.34 -10.66
C ARG A 81 -22.31 -20.07 -10.18
N GLU A 82 -21.98 -19.16 -11.10
CA GLU A 82 -21.27 -17.94 -10.74
C GLU A 82 -22.15 -16.89 -10.07
N GLY A 83 -23.45 -17.12 -9.99
CA GLY A 83 -24.35 -16.13 -9.43
C GLY A 83 -24.17 -15.94 -7.94
N SER A 84 -24.74 -14.83 -7.45
CA SER A 84 -24.71 -14.51 -6.03
C SER A 84 -25.80 -13.50 -5.75
N ASP A 85 -26.59 -13.74 -4.71
CA ASP A 85 -27.74 -12.90 -4.40
C ASP A 85 -27.39 -11.67 -3.57
N VAL A 86 -26.12 -11.48 -3.21
CA VAL A 86 -25.72 -10.44 -2.27
C VAL A 86 -24.52 -9.69 -2.79
N CYS A 87 -24.36 -8.47 -2.28
CA CYS A 87 -23.11 -7.72 -2.41
C CYS A 87 -22.45 -7.51 -1.06
N TYR A 88 -23.16 -6.92 -0.11
CA TYR A 88 -22.70 -6.95 1.27
C TYR A 88 -22.89 -8.36 1.82
N PRO A 89 -21.91 -8.89 2.55
CA PRO A 89 -21.97 -10.30 2.96
C PRO A 89 -23.19 -10.60 3.82
N GLY A 90 -23.74 -11.78 3.63
CA GLY A 90 -24.91 -12.22 4.38
C GLY A 90 -25.63 -13.34 3.67
N LYS A 91 -26.51 -14.00 4.41
CA LYS A 91 -27.26 -15.14 3.93
C LYS A 91 -28.74 -14.79 3.74
N PHE A 92 -29.46 -15.69 3.09
CA PHE A 92 -30.90 -15.59 2.92
C PHE A 92 -31.57 -16.65 3.80
N VAL A 93 -32.36 -16.20 4.77
CA VAL A 93 -33.05 -17.12 5.67
C VAL A 93 -34.11 -17.88 4.88
N ASN A 94 -34.08 -19.21 5.01
CA ASN A 94 -34.93 -20.11 4.21
C ASN A 94 -34.80 -19.77 2.73
N GLU A 95 -33.55 -19.84 2.25
CA GLU A 95 -33.24 -19.37 0.91
C GLU A 95 -33.81 -20.28 -0.16
N GLU A 96 -33.53 -21.60 -0.06
CA GLU A 96 -33.93 -22.51 -1.12
C GLU A 96 -35.44 -22.56 -1.29
N ALA A 97 -36.19 -22.36 -0.20
CA ALA A 97 -37.64 -22.26 -0.32
C ALA A 97 -38.03 -21.07 -1.19
N LEU A 98 -37.40 -19.92 -0.96
CA LEU A 98 -37.68 -18.75 -1.76
C LEU A 98 -37.28 -18.97 -3.22
N ARG A 99 -36.17 -19.69 -3.44
CA ARG A 99 -35.77 -20.01 -4.82
C ARG A 99 -36.83 -20.85 -5.50
N GLN A 100 -37.25 -21.95 -4.86
CA GLN A 100 -38.29 -22.80 -5.42
C GLN A 100 -39.56 -22.01 -5.71
N ILE A 101 -39.92 -21.09 -4.82
CA ILE A 101 -41.07 -20.23 -5.06
C ILE A 101 -40.85 -19.36 -6.30
N LEU A 102 -39.61 -18.89 -6.50
CA LEU A 102 -39.35 -17.91 -7.54
C LEU A 102 -39.18 -18.55 -8.92
N ARG A 103 -38.75 -19.80 -9.00
CA ARG A 103 -38.53 -20.40 -10.31
C ARG A 103 -39.82 -20.61 -11.08
N GLU A 104 -40.95 -20.70 -10.38
CA GLU A 104 -42.27 -20.80 -11.01
C GLU A 104 -43.04 -19.49 -10.91
N SER A 105 -42.34 -18.37 -11.04
CA SER A 105 -42.95 -17.05 -10.90
C SER A 105 -43.29 -16.39 -12.24
N GLY A 106 -42.58 -16.74 -13.30
CA GLY A 106 -42.78 -16.05 -14.57
C GLY A 106 -42.34 -14.61 -14.52
N GLY A 107 -41.31 -14.30 -13.74
CA GLY A 107 -40.87 -12.94 -13.54
C GLY A 107 -41.41 -12.33 -12.27
N ILE A 108 -40.93 -11.13 -11.97
CA ILE A 108 -41.31 -10.42 -10.76
C ILE A 108 -41.80 -9.03 -11.12
N ASP A 109 -42.77 -8.54 -10.37
CA ASP A 109 -43.39 -7.24 -10.58
C ASP A 109 -43.11 -6.37 -9.37
N LYS A 110 -42.18 -5.42 -9.53
CA LYS A 110 -41.81 -4.53 -8.44
C LYS A 110 -42.78 -3.36 -8.36
N GLU A 111 -43.32 -3.10 -7.18
CA GLU A 111 -44.11 -1.89 -6.96
C GLU A 111 -43.71 -1.27 -5.63
N ALA A 112 -43.65 0.06 -5.60
CA ALA A 112 -43.19 0.75 -4.41
C ALA A 112 -44.14 0.52 -3.24
N MET A 113 -43.57 0.41 -2.05
CA MET A 113 -44.33 0.34 -0.81
C MET A 113 -44.62 1.73 -0.25
N GLY A 114 -44.22 2.78 -0.96
CA GLY A 114 -44.52 4.15 -0.58
C GLY A 114 -43.88 4.56 0.74
N PHE A 115 -42.90 3.79 1.19
CA PHE A 115 -42.28 4.05 2.48
C PHE A 115 -41.49 5.36 2.43
N THR A 116 -41.70 6.20 3.45
CA THR A 116 -40.96 7.45 3.61
C THR A 116 -40.75 7.69 5.09
N TYR A 117 -39.61 8.30 5.42
CA TYR A 117 -39.20 8.49 6.80
C TYR A 117 -38.78 9.94 7.02
N SER A 118 -38.79 10.35 8.28
CA SER A 118 -38.44 11.71 8.67
C SER A 118 -37.49 11.67 9.86
N GLY A 119 -36.32 12.28 9.70
CA GLY A 119 -35.40 12.45 10.80
C GLY A 119 -34.29 11.43 10.92
N ILE A 120 -33.95 10.72 9.86
CA ILE A 120 -32.86 9.76 9.83
C ILE A 120 -32.18 9.82 8.48
N ARG A 121 -31.15 9.00 8.31
CA ARG A 121 -30.47 8.84 7.03
C ARG A 121 -30.99 7.57 6.36
N THR A 122 -31.27 7.67 5.06
CA THR A 122 -31.87 6.56 4.33
C THR A 122 -31.09 6.21 3.07
N ASN A 123 -29.81 6.57 3.00
CA ASN A 123 -29.01 6.36 1.80
C ASN A 123 -27.66 5.76 2.15
N GLY A 124 -27.66 4.76 3.02
CA GLY A 124 -26.41 4.11 3.38
C GLY A 124 -25.74 3.48 2.19
N ALA A 125 -24.40 3.46 2.22
CA ALA A 125 -23.61 2.91 1.13
C ALA A 125 -22.52 2.02 1.70
N THR A 126 -21.94 1.19 0.83
CA THR A 126 -20.89 0.27 1.24
C THR A 126 -20.03 -0.07 0.03
N SER A 127 -18.75 -0.33 0.30
CA SER A 127 -17.80 -0.62 -0.78
C SER A 127 -18.12 -1.91 -1.52
N ALA A 128 -18.98 -2.76 -0.96
CA ALA A 128 -19.31 -4.03 -1.60
C ALA A 128 -20.23 -3.82 -2.79
N CYS A 129 -21.42 -3.26 -2.54
CA CYS A 129 -22.34 -2.91 -3.61
C CYS A 129 -21.81 -1.68 -4.34
N ARG A 130 -21.07 -1.91 -5.43
CA ARG A 130 -20.23 -0.88 -6.04
C ARG A 130 -20.75 -0.59 -7.45
N ARG A 131 -21.63 0.39 -7.56
CA ARG A 131 -22.11 0.88 -8.86
C ARG A 131 -21.40 2.20 -9.16
N SER A 132 -20.19 2.08 -9.69
CA SER A 132 -19.30 3.22 -9.95
C SER A 132 -19.24 4.14 -8.72
N GLY A 133 -18.82 3.53 -7.61
CA GLY A 133 -18.85 4.18 -6.31
C GLY A 133 -19.63 3.36 -5.30
N SER A 134 -19.51 3.80 -4.06
CA SER A 134 -20.14 3.08 -2.95
C SER A 134 -21.66 3.21 -3.05
N SER A 135 -22.33 2.10 -3.34
CA SER A 135 -23.79 2.08 -3.45
C SER A 135 -24.36 1.00 -2.55
N PHE A 136 -25.64 0.69 -2.70
CA PHE A 136 -26.30 -0.32 -1.87
C PHE A 136 -27.27 -1.10 -2.76
N TYR A 137 -28.07 -1.97 -2.13
CA TYR A 137 -29.10 -2.70 -2.86
C TYR A 137 -30.11 -1.72 -3.45
N ALA A 138 -30.44 -1.93 -4.72
CA ALA A 138 -31.31 -0.99 -5.43
C ALA A 138 -32.73 -0.98 -4.86
N GLU A 139 -33.19 -2.09 -4.30
CA GLU A 139 -34.55 -2.21 -3.80
C GLU A 139 -34.67 -1.94 -2.31
N MET A 140 -33.57 -1.63 -1.63
CA MET A 140 -33.57 -1.52 -0.18
C MET A 140 -33.03 -0.16 0.25
N LYS A 141 -33.16 0.11 1.55
CA LYS A 141 -32.73 1.37 2.15
C LYS A 141 -32.00 1.05 3.44
N TRP A 142 -30.77 1.56 3.58
CA TRP A 142 -29.97 1.36 4.78
C TRP A 142 -30.23 2.52 5.73
N LEU A 143 -31.17 2.33 6.66
CA LEU A 143 -31.56 3.40 7.56
C LEU A 143 -30.50 3.59 8.64
N LEU A 144 -29.97 4.81 8.75
CA LEU A 144 -28.96 5.16 9.73
C LEU A 144 -29.40 6.39 10.50
N SER A 145 -28.76 6.62 11.65
CA SER A 145 -29.02 7.82 12.41
C SER A 145 -28.52 9.04 11.65
N ASN A 146 -29.12 10.20 11.95
CA ASN A 146 -28.74 11.43 11.27
C ASN A 146 -27.25 11.71 11.40
N THR A 147 -26.69 11.51 12.59
CA THR A 147 -25.27 11.70 12.83
C THR A 147 -24.71 10.46 13.49
N ASP A 148 -23.39 10.31 13.40
CA ASP A 148 -22.72 9.14 13.96
C ASP A 148 -23.03 9.03 15.45
N ASN A 149 -23.37 7.80 15.87
CA ASN A 149 -23.64 7.43 17.25
C ASN A 149 -24.97 7.98 17.76
N ALA A 150 -25.62 8.85 16.98
CA ALA A 150 -26.86 9.48 17.44
C ALA A 150 -27.94 8.42 17.70
N ALA A 151 -28.76 8.67 18.71
CA ALA A 151 -29.81 7.73 19.06
C ALA A 151 -30.81 7.60 17.92
N PHE A 152 -31.11 6.36 17.53
CA PHE A 152 -32.02 6.08 16.42
C PHE A 152 -33.45 6.03 16.94
N PRO A 153 -34.40 6.72 16.31
CA PRO A 153 -35.76 6.76 16.83
C PRO A 153 -36.52 5.47 16.54
N GLN A 154 -37.28 5.02 17.55
CA GLN A 154 -38.16 3.87 17.34
C GLN A 154 -39.23 4.20 16.32
N MET A 155 -39.44 3.29 15.37
CA MET A 155 -40.35 3.53 14.26
C MET A 155 -41.27 2.33 14.06
N THR A 156 -42.35 2.57 13.31
CA THR A 156 -43.33 1.51 13.01
C THR A 156 -43.99 1.87 11.68
N LYS A 157 -43.59 1.17 10.62
CA LYS A 157 -44.16 1.37 9.29
C LYS A 157 -44.94 0.14 8.87
N SER A 158 -46.09 0.35 8.22
CA SER A 158 -46.96 -0.75 7.84
C SER A 158 -47.18 -0.75 6.33
N TYR A 159 -47.70 -1.87 5.83
CA TYR A 159 -47.98 -2.03 4.41
C TYR A 159 -49.12 -3.02 4.24
N LYS A 160 -50.21 -2.57 3.64
CA LYS A 160 -51.36 -3.41 3.34
C LYS A 160 -51.38 -3.74 1.85
N ASN A 161 -51.65 -4.99 1.52
CA ASN A 161 -51.61 -5.44 0.13
C ASN A 161 -52.89 -5.05 -0.60
N THR A 162 -52.72 -4.48 -1.80
CA THR A 162 -53.86 -4.02 -2.59
C THR A 162 -54.33 -5.09 -3.57
N ARG A 163 -53.42 -5.58 -4.41
CA ARG A 163 -53.77 -6.53 -5.46
C ARG A 163 -54.30 -7.83 -4.86
N LYS A 164 -54.85 -8.67 -5.74
CA LYS A 164 -55.46 -9.92 -5.32
C LYS A 164 -54.53 -11.12 -5.46
N SER A 165 -53.24 -10.88 -5.71
CA SER A 165 -52.24 -11.92 -5.65
C SER A 165 -51.34 -11.70 -4.43
N PRO A 166 -50.73 -12.76 -3.88
CA PRO A 166 -49.87 -12.59 -2.71
C PRO A 166 -48.69 -11.69 -3.01
N ALA A 167 -48.17 -11.07 -1.95
CA ALA A 167 -47.03 -10.15 -2.06
C ALA A 167 -45.77 -10.80 -1.52
N LEU A 168 -44.64 -10.39 -2.06
CA LEU A 168 -43.33 -10.84 -1.60
C LEU A 168 -42.63 -9.69 -0.90
N ILE A 169 -42.48 -9.81 0.41
CA ILE A 169 -41.85 -8.79 1.24
C ILE A 169 -40.51 -9.33 1.73
N VAL A 170 -39.48 -8.48 1.70
CA VAL A 170 -38.14 -8.86 2.10
C VAL A 170 -37.52 -7.69 2.88
N TRP A 171 -36.95 -7.99 4.05
CA TRP A 171 -36.21 -7.02 4.83
C TRP A 171 -34.88 -7.65 5.24
N GLY A 172 -34.11 -6.91 6.02
CA GLY A 172 -32.78 -7.37 6.40
C GLY A 172 -32.35 -6.81 7.73
N ILE A 173 -31.47 -7.54 8.41
CA ILE A 173 -30.87 -7.14 9.67
C ILE A 173 -29.37 -6.99 9.46
N HIS A 174 -28.78 -5.95 10.05
CA HIS A 174 -27.36 -5.70 9.95
C HIS A 174 -26.70 -6.08 11.28
N HIS A 175 -26.12 -7.28 11.30
CA HIS A 175 -25.30 -7.72 12.42
C HIS A 175 -23.91 -7.12 12.24
N SER A 176 -23.63 -6.08 13.02
CA SER A 176 -22.43 -5.26 12.85
C SER A 176 -21.19 -5.99 13.34
N VAL A 177 -20.03 -5.43 12.99
CA VAL A 177 -18.76 -6.04 13.38
C VAL A 177 -18.59 -6.00 14.90
N SER A 178 -19.15 -4.98 15.56
CA SER A 178 -19.00 -4.84 17.00
C SER A 178 -20.06 -3.87 17.51
N THR A 179 -20.32 -3.94 18.81
CA THR A 179 -21.26 -3.01 19.43
C THR A 179 -20.85 -1.55 19.20
N ALA A 180 -19.57 -1.31 18.96
CA ALA A 180 -19.11 0.05 18.66
C ALA A 180 -19.68 0.54 17.33
N GLU A 181 -19.49 -0.25 16.26
CA GLU A 181 -20.04 0.13 14.96
C GLU A 181 -21.55 0.23 15.01
N GLN A 182 -22.21 -0.71 15.70
CA GLN A 182 -23.67 -0.66 15.81
C GLN A 182 -24.12 0.60 16.52
N THR A 183 -23.43 1.00 17.58
CA THR A 183 -23.75 2.26 18.25
C THR A 183 -23.51 3.44 17.31
N LYS A 184 -22.41 3.41 16.57
CA LYS A 184 -22.10 4.50 15.64
C LYS A 184 -23.20 4.67 14.60
N LEU A 185 -23.79 3.56 14.13
CA LEU A 185 -24.77 3.61 13.05
C LEU A 185 -26.19 3.88 13.55
N TYR A 186 -26.63 3.16 14.58
CA TYR A 186 -28.02 3.23 15.03
C TYR A 186 -28.16 3.66 16.49
N GLY A 187 -27.12 4.22 17.08
CA GLY A 187 -27.17 4.60 18.47
C GLY A 187 -27.06 3.40 19.39
N SER A 188 -26.92 3.71 20.68
CA SER A 188 -26.71 2.69 21.70
C SER A 188 -28.05 2.09 22.12
N GLY A 189 -28.05 1.27 23.16
CA GLY A 189 -29.25 0.61 23.62
C GLY A 189 -29.57 -0.64 22.82
N ASN A 190 -30.20 -1.61 23.45
CA ASN A 190 -30.56 -2.86 22.77
C ASN A 190 -31.44 -2.56 21.55
N LYS A 191 -31.14 -3.23 20.45
CA LYS A 191 -31.86 -3.04 19.20
C LYS A 191 -32.86 -4.17 18.99
N LEU A 192 -33.99 -3.83 18.39
CA LEU A 192 -35.09 -4.77 18.21
C LEU A 192 -35.85 -4.44 16.94
N VAL A 193 -36.20 -5.47 16.18
CA VAL A 193 -37.02 -5.34 14.97
C VAL A 193 -38.08 -6.43 15.00
N THR A 194 -39.29 -6.08 15.43
CA THR A 194 -40.42 -6.99 15.37
C THR A 194 -41.15 -6.81 14.04
N VAL A 195 -41.40 -7.94 13.37
CA VAL A 195 -42.13 -7.98 12.11
C VAL A 195 -43.43 -8.74 12.33
N GLY A 196 -44.54 -8.15 11.89
CA GLY A 196 -45.85 -8.68 12.16
C GLY A 196 -46.69 -8.78 10.92
N SER A 197 -47.63 -9.74 10.96
CA SER A 197 -48.50 -10.09 9.83
C SER A 197 -49.49 -11.14 10.31
N SER A 198 -50.70 -11.14 9.73
CA SER A 198 -51.76 -12.03 10.19
C SER A 198 -51.31 -13.48 10.23
N ASN A 199 -50.47 -13.89 9.30
CA ASN A 199 -50.01 -15.27 9.19
C ASN A 199 -48.53 -15.42 9.51
N TYR A 200 -47.92 -14.43 10.15
CA TYR A 200 -46.49 -14.49 10.47
C TYR A 200 -46.10 -13.43 11.49
N GLN A 201 -45.42 -13.82 12.56
CA GLN A 201 -44.99 -12.87 13.58
C GLN A 201 -43.66 -13.33 14.14
N GLN A 202 -42.64 -12.46 14.06
CA GLN A 202 -41.34 -12.83 14.61
C GLN A 202 -40.60 -11.59 15.08
N SER A 203 -39.63 -11.82 15.95
CA SER A 203 -38.83 -10.75 16.54
C SER A 203 -37.36 -11.00 16.23
N PHE A 204 -36.66 -9.94 15.83
CA PHE A 204 -35.26 -10.02 15.43
C PHE A 204 -34.43 -9.12 16.32
N VAL A 205 -33.33 -9.66 16.85
CA VAL A 205 -32.38 -8.91 17.67
C VAL A 205 -31.02 -9.04 17.00
N PRO A 206 -30.38 -7.94 16.62
CA PRO A 206 -29.05 -8.06 15.98
C PRO A 206 -28.01 -8.50 16.99
N SER A 207 -27.11 -9.38 16.53
CA SER A 207 -26.03 -9.91 17.35
C SER A 207 -24.71 -9.39 16.80
N PRO A 208 -24.25 -8.22 17.23
CA PRO A 208 -22.98 -7.68 16.69
C PRO A 208 -21.79 -8.52 17.11
N GLY A 209 -21.02 -8.96 16.13
CA GLY A 209 -19.84 -9.77 16.39
C GLY A 209 -18.91 -9.76 15.21
N ALA A 210 -17.65 -10.10 15.49
CA ALA A 210 -16.60 -10.13 14.46
C ALA A 210 -16.58 -11.51 13.83
N ARG A 211 -17.46 -11.70 12.84
CA ARG A 211 -17.54 -12.95 12.09
C ARG A 211 -16.24 -13.20 11.34
N PRO A 212 -16.02 -14.41 10.81
CA PRO A 212 -14.91 -14.62 9.88
C PRO A 212 -14.92 -13.56 8.78
N GLN A 213 -13.76 -12.93 8.58
CA GLN A 213 -13.67 -11.74 7.75
C GLN A 213 -13.86 -12.08 6.27
N VAL A 214 -15.10 -11.96 5.78
CA VAL A 214 -15.42 -12.23 4.39
C VAL A 214 -15.07 -11.00 3.56
N ASN A 215 -14.05 -11.12 2.72
CA ASN A 215 -13.62 -10.10 1.78
C ASN A 215 -13.23 -8.78 2.44
N GLY A 216 -13.02 -8.77 3.76
CA GLY A 216 -12.60 -7.59 4.50
C GLY A 216 -13.57 -7.15 5.56
N LEU A 217 -14.86 -7.42 5.37
CA LEU A 217 -15.90 -6.97 6.29
C LEU A 217 -16.35 -8.14 7.16
N SER A 218 -16.29 -7.96 8.48
CA SER A 218 -16.76 -8.97 9.41
C SER A 218 -18.24 -8.87 9.71
N GLY A 219 -18.89 -7.77 9.32
CA GLY A 219 -20.31 -7.61 9.55
C GLY A 219 -21.15 -8.21 8.43
N ARG A 220 -22.34 -8.68 8.80
CA ARG A 220 -23.22 -9.36 7.87
C ARG A 220 -24.57 -8.65 7.82
N ILE A 221 -25.26 -8.80 6.69
CA ILE A 221 -26.65 -8.38 6.53
C ILE A 221 -27.43 -9.59 6.07
N ASP A 222 -28.34 -10.07 6.90
CA ASP A 222 -29.18 -11.20 6.54
C ASP A 222 -30.55 -10.71 6.10
N PHE A 223 -31.21 -11.51 5.27
CA PHE A 223 -32.50 -11.15 4.69
C PHE A 223 -33.56 -12.13 5.13
N HIS A 224 -34.74 -11.60 5.46
CA HIS A 224 -35.91 -12.38 5.78
C HIS A 224 -37.05 -11.99 4.85
N TRP A 225 -37.98 -12.92 4.65
CA TRP A 225 -39.01 -12.75 3.64
C TRP A 225 -40.33 -13.34 4.14
N LEU A 226 -41.43 -12.77 3.64
CA LEU A 226 -42.75 -13.31 3.89
C LEU A 226 -43.64 -13.02 2.69
N MET A 227 -44.67 -13.84 2.53
CA MET A 227 -45.70 -13.61 1.52
C MET A 227 -46.92 -13.06 2.21
N LEU A 228 -47.35 -11.87 1.83
CA LEU A 228 -48.48 -11.19 2.45
C LEU A 228 -49.71 -11.35 1.56
N ASN A 229 -50.69 -12.09 2.05
CA ASN A 229 -51.91 -12.35 1.29
C ASN A 229 -52.65 -11.04 0.99
N PRO A 230 -53.51 -11.04 -0.02
CA PRO A 230 -54.24 -9.83 -0.37
C PRO A 230 -55.10 -9.32 0.77
N ASN A 231 -55.20 -7.99 0.87
CA ASN A 231 -55.91 -7.32 1.96
C ASN A 231 -55.43 -7.83 3.32
N ASP A 232 -54.12 -7.77 3.52
CA ASP A 232 -53.49 -8.07 4.79
C ASP A 232 -52.38 -7.06 5.02
N THR A 233 -52.06 -6.83 6.29
CA THR A 233 -51.11 -5.80 6.69
C THR A 233 -49.85 -6.43 7.28
N VAL A 234 -48.71 -5.80 7.02
CA VAL A 234 -47.44 -6.15 7.62
C VAL A 234 -46.91 -4.94 8.39
N THR A 235 -46.41 -5.19 9.60
CA THR A 235 -46.01 -4.13 10.51
C THR A 235 -44.54 -4.31 10.89
N PHE A 236 -43.73 -3.33 10.52
CA PHE A 236 -42.32 -3.27 10.89
C PHE A 236 -42.18 -2.30 12.05
N SER A 237 -42.09 -2.82 13.26
CA SER A 237 -41.69 -2.02 14.41
C SER A 237 -40.20 -2.25 14.62
N PHE A 238 -39.42 -1.18 14.71
CA PHE A 238 -37.99 -1.36 14.79
C PHE A 238 -37.32 -0.18 15.50
N ASN A 239 -36.01 -0.35 15.71
CA ASN A 239 -35.22 0.52 16.58
C ASN A 239 -33.88 0.87 15.94
N GLY A 240 -33.66 0.48 14.69
CA GLY A 240 -32.35 0.54 14.07
C GLY A 240 -31.94 -0.83 13.54
N ALA A 241 -30.81 -0.81 12.83
CA ALA A 241 -30.25 -2.03 12.23
C ALA A 241 -31.25 -2.72 11.32
N PHE A 242 -32.03 -1.92 10.59
CA PHE A 242 -33.10 -2.42 9.73
C PHE A 242 -32.82 -2.02 8.29
N ILE A 243 -32.68 -3.02 7.42
CA ILE A 243 -32.51 -2.78 5.99
C ILE A 243 -33.92 -2.80 5.39
N ALA A 244 -34.49 -1.60 5.23
CA ALA A 244 -35.88 -1.48 4.82
C ALA A 244 -36.05 -1.82 3.34
N PRO A 245 -37.24 -2.28 2.93
CA PRO A 245 -37.50 -2.45 1.50
C PRO A 245 -38.16 -1.21 0.89
N ASP A 246 -37.86 -0.91 -0.37
CA ASP A 246 -38.57 0.16 -1.09
C ASP A 246 -39.75 -0.38 -1.87
N ARG A 247 -39.57 -1.51 -2.56
CA ARG A 247 -40.60 -2.12 -3.38
C ARG A 247 -40.87 -3.54 -2.93
N ALA A 248 -42.12 -3.97 -3.12
CA ALA A 248 -42.53 -5.34 -2.95
C ALA A 248 -42.64 -6.01 -4.31
N SER A 249 -42.49 -7.34 -4.29
CA SER A 249 -42.51 -8.14 -5.51
C SER A 249 -43.83 -8.88 -5.62
N PHE A 250 -44.32 -9.01 -6.86
CA PHE A 250 -45.53 -9.76 -7.18
C PHE A 250 -45.24 -10.68 -8.34
N LEU A 251 -45.34 -11.98 -8.10
CA LEU A 251 -45.06 -12.96 -9.15
C LEU A 251 -46.05 -12.79 -10.30
N ARG A 252 -45.53 -12.81 -11.53
CA ARG A 252 -46.36 -12.50 -12.70
C ARG A 252 -47.19 -13.69 -13.13
N GLY A 253 -46.55 -14.78 -13.55
CA GLY A 253 -47.26 -15.94 -14.04
C GLY A 253 -46.65 -17.25 -13.61
N LYS A 254 -46.39 -18.13 -14.56
CA LYS A 254 -45.73 -19.40 -14.32
C LYS A 254 -44.45 -19.47 -15.13
N SER A 255 -43.49 -20.24 -14.63
CA SER A 255 -42.20 -20.37 -15.29
C SER A 255 -41.56 -21.69 -14.88
N MET A 256 -40.36 -21.93 -15.39
CA MET A 256 -39.62 -23.15 -15.13
C MET A 256 -38.17 -22.78 -14.88
N GLY A 257 -37.63 -23.23 -13.74
CA GLY A 257 -36.27 -22.92 -13.35
C GLY A 257 -35.38 -24.13 -13.48
N ILE A 258 -34.18 -23.92 -14.02
CA ILE A 258 -33.19 -24.98 -14.21
C ILE A 258 -31.84 -24.49 -13.71
N GLN A 259 -30.91 -25.44 -13.58
CA GLN A 259 -29.52 -25.14 -13.25
C GLN A 259 -28.63 -25.89 -14.24
N SER A 260 -27.72 -25.16 -14.88
CA SER A 260 -26.81 -25.76 -15.84
C SER A 260 -25.72 -24.76 -16.17
N GLY A 261 -24.68 -25.25 -16.82
CA GLY A 261 -23.61 -24.40 -17.31
C GLY A 261 -23.50 -24.42 -18.82
N VAL A 262 -24.36 -25.20 -19.47
CA VAL A 262 -24.30 -25.41 -20.91
C VAL A 262 -24.85 -24.19 -21.64
N GLN A 263 -24.59 -24.10 -22.94
CA GLN A 263 -24.97 -22.94 -23.74
C GLN A 263 -26.46 -22.94 -24.05
N VAL A 264 -26.99 -21.74 -24.25
CA VAL A 264 -28.37 -21.59 -24.70
C VAL A 264 -28.46 -21.84 -26.20
N ASP A 265 -29.66 -22.16 -26.66
CA ASP A 265 -29.90 -22.38 -28.08
C ASP A 265 -31.31 -21.89 -28.40
N ALA A 266 -31.42 -20.89 -29.27
CA ALA A 266 -32.68 -20.21 -29.53
C ALA A 266 -33.39 -20.66 -30.79
N ASN A 267 -32.83 -21.64 -31.50
CA ASN A 267 -33.51 -22.23 -32.65
C ASN A 267 -33.92 -23.68 -32.47
N CYS A 268 -33.38 -24.38 -31.47
CA CYS A 268 -33.90 -25.69 -31.11
C CYS A 268 -35.01 -25.59 -30.06
N GLU A 269 -35.92 -26.56 -30.08
CA GLU A 269 -37.12 -26.52 -29.25
C GLU A 269 -37.14 -27.73 -28.32
N GLY A 270 -37.25 -27.49 -27.02
CA GLY A 270 -37.29 -28.55 -26.04
C GLY A 270 -38.04 -28.12 -24.79
N ASP A 271 -38.51 -29.13 -24.05
CA ASP A 271 -39.31 -28.88 -22.86
C ASP A 271 -38.82 -29.63 -21.62
N CYS A 272 -37.84 -30.50 -21.74
CA CYS A 272 -37.26 -31.21 -20.62
C CYS A 272 -35.80 -30.79 -20.50
N TYR A 273 -35.43 -30.25 -19.33
CA TYR A 273 -34.10 -29.70 -19.13
C TYR A 273 -33.42 -30.32 -17.92
N HIS A 274 -32.10 -30.22 -17.89
CA HIS A 274 -31.28 -30.68 -16.78
C HIS A 274 -29.89 -30.07 -16.92
N SER A 275 -29.03 -30.36 -15.94
CA SER A 275 -27.70 -29.76 -15.91
C SER A 275 -26.93 -30.03 -17.20
N GLY A 276 -27.01 -31.25 -17.72
CA GLY A 276 -26.32 -31.61 -18.94
C GLY A 276 -26.95 -31.12 -20.22
N GLY A 277 -28.10 -30.46 -20.16
CA GLY A 277 -28.70 -29.92 -21.37
C GLY A 277 -30.20 -30.14 -21.50
N THR A 278 -30.65 -30.53 -22.70
CA THR A 278 -32.06 -30.68 -23.00
C THR A 278 -32.33 -32.09 -23.49
N ILE A 279 -33.33 -32.73 -22.89
CA ILE A 279 -33.81 -34.05 -23.30
C ILE A 279 -35.04 -33.82 -24.16
N ILE A 280 -34.90 -33.97 -25.48
CA ILE A 280 -36.05 -33.98 -26.37
C ILE A 280 -36.40 -35.44 -26.64
N SER A 281 -37.67 -35.78 -26.47
CA SER A 281 -38.05 -37.18 -26.55
C SER A 281 -39.55 -37.31 -26.72
N ASN A 282 -39.97 -38.11 -27.69
CA ASN A 282 -41.34 -38.58 -27.80
C ASN A 282 -41.55 -39.94 -27.14
N LEU A 283 -40.70 -40.27 -26.16
CA LEU A 283 -40.68 -41.56 -25.49
C LEU A 283 -41.19 -41.44 -24.06
N PRO A 284 -41.59 -42.55 -23.44
CA PRO A 284 -42.16 -42.47 -22.08
C PRO A 284 -41.11 -42.38 -20.99
N PHE A 285 -39.94 -42.97 -21.20
CA PHE A 285 -38.90 -43.02 -20.17
C PHE A 285 -37.59 -42.48 -20.73
N GLN A 286 -36.70 -42.11 -19.81
CA GLN A 286 -35.37 -41.62 -20.16
C GLN A 286 -34.36 -42.19 -19.18
N ASN A 287 -33.08 -42.04 -19.52
CA ASN A 287 -31.97 -42.62 -18.76
C ASN A 287 -30.86 -41.61 -18.50
N ILE A 288 -31.07 -40.34 -18.84
CA ILE A 288 -29.98 -39.36 -18.77
C ILE A 288 -29.73 -38.93 -17.32
N ASP A 289 -30.71 -38.32 -16.68
CA ASP A 289 -30.52 -37.76 -15.35
C ASP A 289 -31.83 -37.83 -14.56
N SER A 290 -31.75 -38.36 -13.34
CA SER A 290 -32.93 -38.47 -12.50
C SER A 290 -33.45 -37.11 -12.07
N ARG A 291 -32.57 -36.12 -11.95
CA ARG A 291 -32.95 -34.79 -11.48
C ARG A 291 -33.48 -33.88 -12.59
N ALA A 292 -33.79 -34.43 -13.77
CA ALA A 292 -34.28 -33.62 -14.87
C ALA A 292 -35.60 -32.94 -14.48
N VAL A 293 -35.81 -31.74 -15.01
CA VAL A 293 -36.99 -30.94 -14.69
C VAL A 293 -37.69 -30.54 -16.00
N GLY A 294 -38.97 -30.23 -15.86
CA GLY A 294 -39.81 -29.89 -16.99
C GLY A 294 -40.83 -30.98 -17.29
N LYS A 295 -41.32 -30.96 -18.52
CA LYS A 295 -42.26 -31.99 -18.98
C LYS A 295 -41.48 -33.21 -19.48
N CYS A 296 -40.74 -33.81 -18.54
CA CYS A 296 -39.79 -34.86 -18.86
C CYS A 296 -40.46 -36.23 -18.90
N PRO A 297 -39.85 -37.19 -19.59
CA PRO A 297 -40.21 -38.59 -19.36
C PRO A 297 -39.81 -39.04 -17.97
N ARG A 298 -40.29 -40.22 -17.59
CA ARG A 298 -39.99 -40.78 -16.29
C ARG A 298 -38.60 -41.40 -16.29
N TYR A 299 -37.74 -40.98 -15.36
CA TYR A 299 -36.42 -41.57 -15.27
C TYR A 299 -36.53 -43.02 -14.84
N VAL A 300 -35.84 -43.90 -15.57
CA VAL A 300 -35.75 -45.31 -15.24
C VAL A 300 -34.28 -45.69 -15.22
N LYS A 301 -33.98 -46.80 -14.54
CA LYS A 301 -32.60 -47.26 -14.45
C LYS A 301 -32.17 -48.07 -15.65
N GLN A 302 -33.11 -48.63 -16.42
CA GLN A 302 -32.76 -49.51 -17.52
C GLN A 302 -32.24 -48.73 -18.72
N ARG A 303 -31.22 -49.29 -19.38
CA ARG A 303 -30.71 -48.68 -20.60
C ARG A 303 -31.74 -48.74 -21.72
N SER A 304 -32.48 -49.85 -21.80
CA SER A 304 -33.38 -50.06 -22.93
C SER A 304 -34.51 -50.99 -22.51
N LEU A 305 -35.73 -50.65 -22.94
CA LEU A 305 -36.89 -51.50 -22.80
C LEU A 305 -37.64 -51.46 -24.12
N LEU A 306 -37.78 -52.60 -24.78
CA LEU A 306 -38.32 -52.68 -26.13
C LEU A 306 -39.81 -52.99 -26.09
N LEU A 307 -40.60 -52.21 -26.82
CA LEU A 307 -42.04 -52.38 -26.90
C LEU A 307 -42.34 -53.53 -27.86
N ALA A 308 -43.61 -53.70 -28.26
CA ALA A 308 -44.01 -54.94 -28.91
C ALA A 308 -43.25 -55.14 -30.23
N THR A 309 -43.43 -54.32 -31.29
CA THR A 309 -44.59 -53.52 -31.66
C THR A 309 -45.33 -54.35 -32.70
N GLY A 310 -45.03 -55.65 -32.71
CA GLY A 310 -45.60 -56.54 -33.70
C GLY A 310 -45.89 -57.93 -33.17
N MET A 311 -46.02 -58.88 -34.08
CA MET A 311 -46.44 -60.25 -33.80
C MET A 311 -45.24 -61.12 -33.42
N LYS A 312 -45.52 -62.24 -32.75
CA LYS A 312 -44.50 -63.25 -32.52
C LYS A 312 -43.97 -63.76 -33.85
N ASN A 313 -42.70 -64.17 -33.85
CA ASN A 313 -41.99 -64.53 -35.07
C ASN A 313 -41.76 -66.04 -35.11
N VAL A 314 -42.33 -66.70 -36.12
CA VAL A 314 -42.12 -68.12 -36.34
C VAL A 314 -41.60 -68.32 -37.75
N PRO A 315 -40.35 -68.77 -37.93
CA PRO A 315 -39.79 -68.89 -39.29
C PRO A 315 -40.41 -70.06 -40.04
N GLU A 316 -40.04 -70.17 -41.32
CA GLU A 316 -40.53 -71.23 -42.20
C GLU A 316 -39.62 -72.45 -42.16
N ILE A 317 -38.32 -72.23 -42.07
N ALA B 1 -46.91 -79.16 -50.83
CA ALA B 1 -45.89 -78.13 -51.01
C ALA B 1 -46.35 -76.81 -50.42
N ILE B 2 -47.34 -76.88 -49.53
CA ILE B 2 -47.98 -75.70 -48.97
C ILE B 2 -48.38 -76.00 -47.52
N ALA B 3 -48.28 -74.99 -46.66
CA ALA B 3 -48.62 -75.16 -45.25
C ALA B 3 -49.06 -73.82 -44.67
N GLY B 4 -49.71 -73.89 -43.51
CA GLY B 4 -50.33 -72.74 -42.89
C GLY B 4 -49.66 -72.30 -41.60
N PHE B 5 -50.44 -71.57 -40.79
CA PHE B 5 -49.85 -70.87 -39.64
C PHE B 5 -49.52 -71.82 -38.50
N ILE B 6 -50.25 -72.93 -38.36
CA ILE B 6 -50.00 -73.85 -37.26
C ILE B 6 -48.58 -74.41 -37.33
N GLU B 7 -48.05 -74.58 -38.54
CA GLU B 7 -46.68 -75.05 -38.70
C GLU B 7 -45.68 -73.89 -38.64
N ASN B 8 -45.79 -72.95 -39.58
CA ASN B 8 -44.83 -71.86 -39.70
C ASN B 8 -45.57 -70.55 -39.98
N GLY B 9 -44.81 -69.47 -40.00
CA GLY B 9 -45.26 -68.22 -40.59
C GLY B 9 -44.83 -68.13 -42.04
N TRP B 10 -45.10 -66.98 -42.64
CA TRP B 10 -44.86 -66.79 -44.07
C TRP B 10 -43.97 -65.58 -44.30
N GLU B 11 -42.67 -65.81 -44.46
CA GLU B 11 -41.75 -64.74 -44.83
C GLU B 11 -42.11 -64.10 -46.16
N GLY B 12 -42.92 -64.77 -46.98
CA GLY B 12 -43.25 -64.24 -48.29
C GLY B 12 -44.23 -63.08 -48.24
N LEU B 13 -45.24 -63.19 -47.38
CA LEU B 13 -46.27 -62.16 -47.31
C LEU B 13 -45.66 -60.85 -46.83
N ILE B 14 -45.86 -59.78 -47.61
CA ILE B 14 -45.25 -58.49 -47.29
C ILE B 14 -46.31 -57.40 -47.21
N ASP B 15 -47.43 -57.59 -47.90
CA ASP B 15 -48.46 -56.57 -48.01
C ASP B 15 -49.56 -56.70 -46.96
N GLY B 16 -49.25 -57.29 -45.82
CA GLY B 16 -50.23 -57.42 -44.75
C GLY B 16 -49.68 -58.28 -43.64
N TRP B 17 -50.47 -58.36 -42.56
CA TRP B 17 -50.11 -59.17 -41.41
C TRP B 17 -50.61 -60.61 -41.55
N TYR B 18 -51.87 -60.77 -41.94
CA TYR B 18 -52.46 -62.09 -42.18
C TYR B 18 -52.87 -62.19 -43.64
N GLY B 19 -52.95 -63.40 -44.15
CA GLY B 19 -53.31 -63.57 -45.54
C GLY B 19 -53.68 -65.00 -45.86
N PHE B 20 -54.02 -65.21 -47.13
CA PHE B 20 -54.41 -66.50 -47.66
C PHE B 20 -53.33 -67.02 -48.60
N ARG B 21 -53.26 -68.35 -48.71
CA ARG B 21 -52.34 -69.00 -49.65
C ARG B 21 -53.01 -70.27 -50.14
N HIS B 22 -53.27 -70.33 -51.45
CA HIS B 22 -53.98 -71.45 -52.05
C HIS B 22 -53.11 -72.11 -53.11
N GLN B 23 -53.43 -73.37 -53.40
CA GLN B 23 -52.94 -74.04 -54.61
C GLN B 23 -54.12 -74.73 -55.26
N ASN B 24 -54.52 -74.24 -56.43
CA ASN B 24 -55.60 -74.80 -57.22
C ASN B 24 -55.01 -75.40 -58.50
N ALA B 25 -55.90 -75.78 -59.42
CA ALA B 25 -55.46 -76.30 -60.71
C ALA B 25 -54.54 -75.33 -61.44
N GLN B 26 -54.74 -74.03 -61.26
CA GLN B 26 -53.90 -73.04 -61.95
C GLN B 26 -52.57 -72.83 -61.23
N GLY B 27 -52.52 -73.04 -59.92
CA GLY B 27 -51.25 -72.91 -59.22
C GLY B 27 -51.33 -72.20 -57.87
N GLU B 28 -50.16 -72.00 -57.26
CA GLU B 28 -50.07 -71.44 -55.92
C GLU B 28 -50.21 -69.92 -55.94
N GLY B 29 -50.94 -69.39 -54.97
CA GLY B 29 -51.11 -67.95 -54.82
C GLY B 29 -50.95 -67.53 -53.37
N THR B 30 -50.97 -66.21 -53.17
CA THR B 30 -50.88 -65.63 -51.83
C THR B 30 -51.50 -64.24 -51.85
N ALA B 31 -52.13 -63.87 -50.75
CA ALA B 31 -52.82 -62.58 -50.63
C ALA B 31 -52.76 -62.12 -49.18
N ALA B 32 -53.58 -61.14 -48.84
CA ALA B 32 -53.65 -60.60 -47.48
C ALA B 32 -55.09 -60.30 -47.13
N ASP B 33 -55.34 -60.07 -45.84
CA ASP B 33 -56.66 -59.71 -45.34
C ASP B 33 -56.58 -58.36 -44.64
N TYR B 34 -57.32 -57.38 -45.15
CA TYR B 34 -57.28 -56.03 -44.59
C TYR B 34 -57.93 -55.98 -43.21
N LYS B 35 -59.04 -56.69 -43.03
CA LYS B 35 -59.85 -56.56 -41.81
C LYS B 35 -59.07 -56.94 -40.57
N SER B 36 -58.54 -58.18 -40.54
CA SER B 36 -57.83 -58.65 -39.34
C SER B 36 -56.55 -57.87 -39.11
N THR B 37 -55.79 -57.61 -40.17
CA THR B 37 -54.55 -56.84 -40.05
C THR B 37 -54.80 -55.48 -39.40
N GLN B 38 -55.81 -54.76 -39.88
CA GLN B 38 -56.16 -53.50 -39.26
C GLN B 38 -56.66 -53.71 -37.83
N SER B 39 -57.39 -54.79 -37.59
CA SER B 39 -57.91 -55.06 -36.25
C SER B 39 -56.79 -55.23 -35.23
N ALA B 40 -55.64 -55.74 -35.66
CA ALA B 40 -54.50 -55.86 -34.75
C ALA B 40 -53.68 -54.57 -34.69
N ILE B 41 -53.37 -54.00 -35.86
CA ILE B 41 -52.55 -52.79 -35.90
C ILE B 41 -53.18 -51.67 -35.08
N ASP B 42 -54.51 -51.53 -35.16
CA ASP B 42 -55.21 -50.51 -34.38
C ASP B 42 -54.89 -50.64 -32.89
N GLN B 43 -54.98 -51.86 -32.35
CA GLN B 43 -54.75 -52.05 -30.93
C GLN B 43 -53.27 -51.94 -30.58
N ILE B 44 -52.38 -52.23 -31.53
CA ILE B 44 -50.96 -52.33 -31.20
C ILE B 44 -50.25 -50.98 -31.29
N THR B 45 -50.55 -50.16 -32.30
CA THR B 45 -49.72 -48.99 -32.56
C THR B 45 -49.86 -47.94 -31.45
N GLY B 46 -51.06 -47.77 -30.90
CA GLY B 46 -51.27 -46.75 -29.89
C GLY B 46 -50.70 -47.03 -28.52
N LYS B 47 -50.11 -48.21 -28.30
CA LYS B 47 -49.65 -48.58 -26.97
C LYS B 47 -48.55 -47.67 -26.47
N LEU B 48 -47.68 -47.19 -27.37
CA LEU B 48 -46.64 -46.25 -26.98
C LEU B 48 -47.26 -45.03 -26.30
N ASN B 49 -48.11 -44.30 -27.02
CA ASN B 49 -48.80 -43.16 -26.44
C ASN B 49 -49.65 -43.55 -25.24
N ARG B 50 -50.09 -44.81 -25.16
CA ARG B 50 -50.71 -45.28 -23.92
C ARG B 50 -49.72 -45.26 -22.77
N LEU B 51 -48.43 -45.43 -23.05
CA LEU B 51 -47.43 -45.34 -22.00
C LEU B 51 -46.97 -43.90 -21.75
N ILE B 52 -47.02 -43.05 -22.78
CA ILE B 52 -46.47 -41.69 -22.68
C ILE B 52 -47.48 -40.77 -22.00
N GLU B 53 -48.55 -41.34 -21.43
CA GLU B 53 -49.51 -40.53 -20.70
C GLU B 53 -48.79 -39.69 -19.66
N LYS B 54 -49.03 -38.37 -19.69
CA LYS B 54 -48.36 -37.42 -18.81
C LYS B 54 -49.42 -36.50 -18.22
N THR B 55 -50.04 -36.94 -17.12
CA THR B 55 -51.06 -36.13 -16.46
C THR B 55 -50.42 -34.93 -15.76
N ASN B 56 -49.60 -35.19 -14.76
CA ASN B 56 -48.84 -34.18 -14.02
C ASN B 56 -47.37 -34.58 -13.94
N GLN B 57 -46.85 -35.17 -15.02
CA GLN B 57 -45.47 -35.68 -14.99
C GLN B 57 -44.43 -34.59 -15.02
N GLN B 58 -44.80 -33.31 -14.91
CA GLN B 58 -43.83 -32.26 -14.69
C GLN B 58 -43.30 -32.35 -13.25
N PHE B 59 -42.11 -31.79 -13.04
CA PHE B 59 -41.59 -31.64 -11.70
C PHE B 59 -40.46 -30.60 -11.70
N GLU B 60 -40.39 -29.82 -10.63
CA GLU B 60 -39.31 -28.87 -10.43
C GLU B 60 -38.21 -29.50 -9.57
N LEU B 61 -37.21 -28.70 -9.22
CA LEU B 61 -36.18 -29.15 -8.31
C LEU B 61 -36.62 -28.90 -6.87
N ILE B 62 -36.13 -29.75 -5.97
CA ILE B 62 -36.22 -29.52 -4.54
C ILE B 62 -34.85 -29.26 -3.92
N ASP B 63 -33.82 -29.94 -4.43
CA ASP B 63 -32.45 -29.66 -4.04
C ASP B 63 -31.84 -28.72 -5.07
N ASN B 64 -30.53 -28.44 -4.96
CA ASN B 64 -29.85 -27.61 -5.94
C ASN B 64 -28.38 -27.99 -5.96
N GLU B 65 -27.76 -27.86 -7.13
CA GLU B 65 -26.38 -28.31 -7.31
C GLU B 65 -25.37 -27.33 -6.74
N PHE B 66 -25.68 -26.03 -6.78
CA PHE B 66 -24.68 -25.01 -6.51
C PHE B 66 -24.49 -24.76 -5.02
N ASN B 67 -25.57 -24.52 -4.30
CA ASN B 67 -25.53 -24.36 -2.85
C ASN B 67 -26.18 -25.60 -2.24
N GLU B 68 -25.36 -26.62 -2.00
CA GLU B 68 -25.86 -27.89 -1.49
C GLU B 68 -26.60 -27.71 -0.18
N VAL B 69 -27.79 -28.29 -0.09
CA VAL B 69 -28.60 -28.25 1.12
C VAL B 69 -27.86 -29.01 2.21
N GLU B 70 -28.32 -28.86 3.46
CA GLU B 70 -27.67 -29.49 4.60
C GLU B 70 -27.44 -30.98 4.33
N LYS B 71 -26.30 -31.48 4.81
CA LYS B 71 -25.80 -32.79 4.38
C LYS B 71 -26.80 -33.90 4.70
N GLN B 72 -27.40 -33.86 5.90
CA GLN B 72 -28.27 -34.95 6.34
C GLN B 72 -29.54 -35.00 5.50
N ILE B 73 -30.24 -33.88 5.40
CA ILE B 73 -31.49 -33.83 4.64
C ILE B 73 -31.23 -34.11 3.17
N GLY B 74 -30.11 -33.64 2.64
CA GLY B 74 -29.74 -33.99 1.27
C GLY B 74 -29.54 -35.49 1.09
N ASN B 75 -28.91 -36.13 2.07
CA ASN B 75 -28.76 -37.58 2.03
C ASN B 75 -30.13 -38.26 2.00
N VAL B 76 -31.05 -37.78 2.82
CA VAL B 76 -32.41 -38.32 2.82
C VAL B 76 -33.06 -38.14 1.45
N ILE B 77 -32.83 -36.99 0.82
CA ILE B 77 -33.42 -36.72 -0.49
C ILE B 77 -32.87 -37.70 -1.53
N ASN B 78 -31.56 -37.92 -1.53
CA ASN B 78 -30.97 -38.88 -2.46
C ASN B 78 -31.53 -40.27 -2.23
N TRP B 79 -31.68 -40.67 -0.97
CA TRP B 79 -32.23 -41.98 -0.64
C TRP B 79 -33.65 -42.14 -1.17
N THR B 80 -34.51 -41.18 -0.86
CA THR B 80 -35.90 -41.24 -1.31
C THR B 80 -35.97 -41.25 -2.84
N ARG B 81 -35.23 -40.36 -3.49
CA ARG B 81 -35.25 -40.30 -4.95
C ARG B 81 -34.82 -41.63 -5.56
N ASP B 82 -33.79 -42.26 -5.00
CA ASP B 82 -33.36 -43.56 -5.52
C ASP B 82 -34.43 -44.62 -5.30
N SER B 83 -35.12 -44.57 -4.16
CA SER B 83 -36.20 -45.52 -3.92
C SER B 83 -37.30 -45.39 -4.97
N ILE B 84 -37.78 -44.16 -5.17
CA ILE B 84 -38.81 -43.91 -6.19
C ILE B 84 -38.31 -44.34 -7.57
N THR B 85 -37.02 -44.14 -7.83
CA THR B 85 -36.45 -44.56 -9.12
C THR B 85 -36.55 -46.06 -9.29
N GLU B 86 -36.20 -46.83 -8.25
CA GLU B 86 -36.35 -48.28 -8.34
C GLU B 86 -37.81 -48.67 -8.58
N VAL B 87 -38.73 -48.03 -7.86
CA VAL B 87 -40.16 -48.30 -8.07
C VAL B 87 -40.54 -48.08 -9.53
N TRP B 88 -40.20 -46.91 -10.08
CA TRP B 88 -40.61 -46.59 -11.44
C TRP B 88 -39.93 -47.48 -12.47
N SER B 89 -38.69 -47.90 -12.21
CA SER B 89 -38.04 -48.86 -13.11
C SER B 89 -38.81 -50.17 -13.13
N TYR B 90 -39.13 -50.71 -11.95
CA TYR B 90 -39.96 -51.90 -11.87
C TYR B 90 -41.26 -51.73 -12.64
N ASN B 91 -41.95 -50.62 -12.43
CA ASN B 91 -43.23 -50.38 -13.11
C ASN B 91 -43.05 -50.30 -14.62
N ALA B 92 -41.94 -49.73 -15.07
CA ALA B 92 -41.72 -49.60 -16.50
C ALA B 92 -41.49 -50.96 -17.15
N GLU B 93 -40.59 -51.77 -16.57
CA GLU B 93 -40.35 -53.09 -17.14
C GLU B 93 -41.61 -53.95 -17.09
N LEU B 94 -42.38 -53.85 -16.01
CA LEU B 94 -43.60 -54.66 -15.90
C LEU B 94 -44.64 -54.22 -16.93
N LEU B 95 -44.85 -52.92 -17.06
CA LEU B 95 -45.82 -52.40 -18.02
C LEU B 95 -45.44 -52.80 -19.45
N VAL B 96 -44.16 -52.62 -19.80
CA VAL B 96 -43.68 -53.07 -21.10
C VAL B 96 -43.94 -54.56 -21.28
N ALA B 97 -43.64 -55.35 -20.23
CA ALA B 97 -43.73 -56.80 -20.35
C ALA B 97 -45.15 -57.25 -20.64
N MET B 98 -46.13 -56.74 -19.89
CA MET B 98 -47.50 -57.21 -20.12
C MET B 98 -48.17 -56.53 -21.30
N GLU B 99 -47.71 -55.34 -21.70
CA GLU B 99 -48.11 -54.82 -23.00
C GLU B 99 -47.66 -55.74 -24.13
N ASN B 100 -46.44 -56.27 -24.00
CA ASN B 100 -45.94 -57.22 -24.99
C ASN B 100 -46.74 -58.52 -24.97
N GLN B 101 -46.89 -59.11 -23.78
CA GLN B 101 -47.66 -60.35 -23.67
C GLN B 101 -49.06 -60.19 -24.24
N HIS B 102 -49.71 -59.07 -23.92
CA HIS B 102 -51.04 -58.81 -24.49
C HIS B 102 -50.97 -58.66 -26.00
N THR B 103 -49.93 -58.01 -26.51
CA THR B 103 -49.78 -57.90 -27.97
C THR B 103 -49.69 -59.26 -28.62
N ILE B 104 -48.85 -60.14 -28.07
CA ILE B 104 -48.67 -61.47 -28.64
C ILE B 104 -49.97 -62.26 -28.59
N ASP B 105 -50.52 -62.43 -27.38
CA ASP B 105 -51.76 -63.18 -27.24
C ASP B 105 -52.91 -62.58 -28.04
N LEU B 106 -52.80 -61.29 -28.38
CA LEU B 106 -53.79 -60.65 -29.24
C LEU B 106 -53.60 -61.03 -30.70
N ALA B 107 -52.36 -60.92 -31.19
CA ALA B 107 -52.10 -61.10 -32.62
C ALA B 107 -52.50 -62.48 -33.09
N ASP B 108 -52.04 -63.52 -32.41
CA ASP B 108 -52.40 -64.88 -32.81
C ASP B 108 -53.85 -65.23 -32.49
N SER B 109 -54.57 -64.36 -31.77
CA SER B 109 -56.00 -64.55 -31.61
C SER B 109 -56.76 -64.04 -32.83
N GLU B 110 -56.37 -62.87 -33.34
CA GLU B 110 -56.92 -62.38 -34.60
C GLU B 110 -56.64 -63.33 -35.75
N MET B 111 -55.66 -64.24 -35.59
CA MET B 111 -55.39 -65.24 -36.62
C MET B 111 -56.44 -66.34 -36.62
N ASP B 112 -56.54 -67.08 -35.50
CA ASP B 112 -57.49 -68.18 -35.45
C ASP B 112 -58.93 -67.71 -35.27
N LYS B 113 -59.18 -66.39 -35.23
CA LYS B 113 -60.53 -65.92 -35.49
C LYS B 113 -60.81 -65.88 -36.99
N LEU B 114 -59.83 -65.42 -37.78
CA LEU B 114 -59.97 -65.48 -39.23
C LEU B 114 -60.09 -66.91 -39.73
N TYR B 115 -59.29 -67.82 -39.15
CA TYR B 115 -59.38 -69.23 -39.52
C TYR B 115 -60.79 -69.77 -39.36
N GLU B 116 -61.38 -69.58 -38.17
CA GLU B 116 -62.76 -70.01 -37.94
C GLU B 116 -63.73 -69.29 -38.88
N ARG B 117 -63.45 -68.03 -39.22
CA ARG B 117 -64.30 -67.35 -40.21
C ARG B 117 -64.30 -68.09 -41.54
N VAL B 118 -63.11 -68.41 -42.06
CA VAL B 118 -63.02 -69.14 -43.32
C VAL B 118 -63.73 -70.49 -43.22
N LYS B 119 -63.60 -71.17 -42.07
CA LYS B 119 -64.30 -72.43 -41.89
C LYS B 119 -65.82 -72.25 -42.01
N ARG B 120 -66.35 -71.22 -41.35
CA ARG B 120 -67.78 -70.94 -41.45
C ARG B 120 -68.19 -70.55 -42.87
N GLN B 121 -67.26 -70.02 -43.66
CA GLN B 121 -67.55 -69.84 -45.07
C GLN B 121 -67.63 -71.18 -45.79
N LEU B 122 -66.73 -72.10 -45.46
CA LEU B 122 -66.61 -73.41 -46.12
C LEU B 122 -67.26 -74.50 -45.29
N ARG B 123 -68.42 -74.22 -44.68
CA ARG B 123 -69.09 -75.05 -43.68
C ARG B 123 -68.92 -76.56 -43.88
N GLU B 124 -69.28 -77.08 -45.05
CA GLU B 124 -69.24 -78.51 -45.28
C GLU B 124 -68.54 -78.90 -46.57
N ASN B 125 -68.07 -77.93 -47.36
CA ASN B 125 -67.40 -78.22 -48.61
C ASN B 125 -65.91 -78.47 -48.44
N ALA B 126 -65.38 -78.33 -47.22
CA ALA B 126 -63.96 -78.50 -46.97
C ALA B 126 -63.77 -79.19 -45.63
N GLU B 127 -62.59 -79.79 -45.46
CA GLU B 127 -62.18 -80.38 -44.20
C GLU B 127 -60.83 -79.78 -43.81
N GLU B 128 -60.65 -79.53 -42.51
CA GLU B 128 -59.42 -78.88 -42.07
C GLU B 128 -58.24 -79.85 -42.16
N ASP B 129 -57.06 -79.27 -42.35
CA ASP B 129 -55.86 -80.00 -42.70
C ASP B 129 -55.02 -80.38 -41.49
N GLY B 130 -54.92 -79.47 -40.51
CA GLY B 130 -54.02 -79.61 -39.39
C GLY B 130 -52.90 -78.58 -39.39
N THR B 131 -52.49 -78.13 -40.56
CA THR B 131 -51.52 -77.06 -40.71
C THR B 131 -52.16 -75.68 -40.66
N GLY B 132 -53.49 -75.61 -40.57
CA GLY B 132 -54.21 -74.37 -40.80
C GLY B 132 -54.68 -74.19 -42.23
N CYS B 133 -54.57 -75.22 -43.05
CA CYS B 133 -55.03 -75.20 -44.43
C CYS B 133 -56.52 -75.58 -44.48
N PHE B 134 -57.03 -75.81 -45.68
CA PHE B 134 -58.39 -76.27 -45.87
C PHE B 134 -58.43 -77.13 -47.13
N GLU B 135 -58.61 -78.44 -46.97
CA GLU B 135 -58.79 -79.32 -48.11
C GLU B 135 -60.20 -79.15 -48.66
N ILE B 136 -60.30 -78.55 -49.84
CA ILE B 136 -61.58 -78.29 -50.48
C ILE B 136 -61.93 -79.47 -51.38
N PHE B 137 -63.16 -79.96 -51.26
CA PHE B 137 -63.62 -81.14 -51.98
C PHE B 137 -64.41 -80.79 -53.23
N HIS B 138 -64.03 -79.70 -53.89
CA HIS B 138 -64.51 -79.41 -55.24
C HIS B 138 -63.35 -78.74 -55.99
N LYS B 139 -63.66 -78.17 -57.15
CA LYS B 139 -62.66 -77.49 -57.97
C LYS B 139 -62.87 -75.98 -57.79
N CYS B 140 -61.95 -75.34 -57.09
CA CYS B 140 -62.05 -73.93 -56.72
C CYS B 140 -61.05 -73.14 -57.54
N ASP B 141 -61.52 -72.51 -58.62
CA ASP B 141 -60.67 -71.71 -59.47
C ASP B 141 -60.31 -70.40 -58.77
N ASP B 142 -59.53 -69.57 -59.47
CA ASP B 142 -59.07 -68.31 -58.89
C ASP B 142 -60.23 -67.43 -58.49
N ASP B 143 -61.30 -67.42 -59.29
CA ASP B 143 -62.49 -66.65 -58.93
C ASP B 143 -63.16 -67.20 -57.68
N CYS B 144 -63.11 -68.52 -57.49
CA CYS B 144 -63.70 -69.13 -56.30
C CYS B 144 -62.88 -68.80 -55.06
N MET B 145 -61.56 -68.97 -55.14
CA MET B 145 -60.68 -68.57 -54.04
C MET B 145 -60.88 -67.10 -53.69
N ALA B 146 -60.94 -66.24 -54.70
CA ALA B 146 -61.20 -64.82 -54.47
C ALA B 146 -62.55 -64.62 -53.79
N SER B 147 -63.54 -65.43 -54.14
CA SER B 147 -64.83 -65.35 -53.46
C SER B 147 -64.67 -65.70 -51.99
N ILE B 148 -63.79 -66.65 -51.67
CA ILE B 148 -63.53 -66.98 -50.27
C ILE B 148 -62.89 -65.79 -49.56
N ARG B 149 -61.83 -65.23 -50.16
CA ARG B 149 -61.12 -64.14 -49.50
C ARG B 149 -62.00 -62.90 -49.32
N ASN B 150 -62.79 -62.57 -50.34
CA ASN B 150 -63.71 -61.45 -50.25
C ASN B 150 -64.96 -61.76 -49.43
N ASN B 151 -65.07 -62.98 -48.91
CA ASN B 151 -66.21 -63.40 -48.09
C ASN B 151 -67.51 -63.32 -48.87
N THR B 152 -67.52 -63.95 -50.05
CA THR B 152 -68.73 -64.07 -50.87
C THR B 152 -68.93 -65.52 -51.31
N TYR B 153 -68.49 -66.46 -50.48
CA TYR B 153 -68.52 -67.88 -50.82
C TYR B 153 -69.90 -68.44 -50.52
N ASP B 154 -70.77 -68.45 -51.52
CA ASP B 154 -72.05 -69.13 -51.41
C ASP B 154 -71.81 -70.63 -51.41
N HIS B 155 -71.69 -71.23 -50.22
CA HIS B 155 -71.34 -72.64 -50.12
C HIS B 155 -72.41 -73.56 -50.71
N SER B 156 -73.66 -73.08 -50.80
CA SER B 156 -74.74 -73.93 -51.30
C SER B 156 -74.51 -74.33 -52.75
N LYS B 157 -73.81 -73.51 -53.52
CA LYS B 157 -73.54 -73.86 -54.92
C LYS B 157 -72.66 -75.09 -55.02
N TYR B 158 -71.47 -75.04 -54.42
CA TYR B 158 -70.51 -76.14 -54.49
C TYR B 158 -70.81 -77.25 -53.49
N ARG B 159 -71.86 -77.11 -52.68
CA ARG B 159 -72.08 -78.04 -51.57
C ARG B 159 -72.34 -79.46 -52.07
N GLU B 160 -73.33 -79.64 -52.95
CA GLU B 160 -73.71 -80.98 -53.39
C GLU B 160 -72.53 -81.70 -54.05
N GLU B 161 -71.76 -80.98 -54.87
CA GLU B 161 -70.55 -81.54 -55.44
C GLU B 161 -69.58 -81.99 -54.36
N ALA B 162 -69.30 -81.11 -53.39
CA ALA B 162 -68.33 -81.43 -52.34
C ALA B 162 -68.76 -82.64 -51.52
N MET B 163 -69.99 -82.61 -50.99
CA MET B 163 -70.46 -83.73 -50.17
C MET B 163 -70.59 -85.00 -50.99
N GLN B 164 -70.80 -84.88 -52.30
CA GLN B 164 -70.67 -86.07 -53.15
C GLN B 164 -69.24 -86.60 -53.09
N ASN B 165 -68.25 -85.71 -53.19
CA ASN B 165 -66.87 -86.18 -53.00
C ASN B 165 -66.61 -86.55 -51.55
N ARG B 166 -67.35 -85.94 -50.61
CA ARG B 166 -67.24 -86.16 -49.17
C ARG B 166 -65.81 -86.46 -48.68
N ASP C 1 74.90 68.14 50.06
CA ASP C 1 76.29 68.23 49.58
C ASP C 1 76.46 67.66 48.18
N LYS C 2 76.01 66.41 47.98
CA LYS C 2 76.33 65.70 46.76
C LYS C 2 75.17 64.81 46.30
N ILE C 3 73.93 65.26 46.49
CA ILE C 3 72.78 64.44 46.15
C ILE C 3 72.75 64.18 44.65
N CYS C 4 72.59 62.92 44.27
CA CYS C 4 72.63 62.45 42.89
C CYS C 4 71.32 61.76 42.53
N LEU C 5 71.15 61.46 41.24
CA LEU C 5 69.99 60.72 40.73
C LEU C 5 70.44 59.74 39.67
N GLY C 6 69.80 58.56 39.63
CA GLY C 6 70.19 57.51 38.72
C GLY C 6 69.06 56.64 38.18
N HIS C 7 69.39 55.54 37.54
CA HIS C 7 68.38 54.65 36.97
C HIS C 7 68.88 53.20 37.04
N HIS C 8 68.25 52.32 36.25
CA HIS C 8 68.42 50.87 36.37
C HIS C 8 69.86 50.38 36.18
N ALA C 9 70.39 50.49 34.97
CA ALA C 9 71.75 50.06 34.64
C ALA C 9 71.97 48.59 35.01
N VAL C 10 71.28 47.71 34.29
CA VAL C 10 71.38 46.27 34.53
C VAL C 10 72.59 45.71 33.81
N SER C 11 72.98 44.47 34.15
CA SER C 11 74.23 43.88 33.68
C SER C 11 74.30 43.67 32.17
N ASN C 12 73.49 42.76 31.63
CA ASN C 12 73.67 42.28 30.26
C ASN C 12 72.81 43.03 29.24
N GLY C 13 71.48 42.93 29.36
CA GLY C 13 70.58 43.64 28.48
C GLY C 13 69.69 42.71 27.66
N THR C 14 69.32 43.18 26.49
CA THR C 14 68.33 42.57 25.60
C THR C 14 68.74 42.91 24.16
N LYS C 15 67.80 42.83 23.20
CA LYS C 15 68.20 43.09 21.82
C LYS C 15 68.41 44.59 21.57
N VAL C 16 67.37 45.44 21.62
CA VAL C 16 65.94 45.23 21.34
C VAL C 16 65.72 45.96 20.02
N ASN C 17 64.50 45.94 19.48
CA ASN C 17 64.22 46.63 18.23
C ASN C 17 63.28 47.80 18.45
N THR C 18 63.50 48.86 17.68
CA THR C 18 62.67 50.08 17.74
C THR C 18 62.84 50.81 16.40
N LEU C 19 62.43 52.09 16.36
CA LEU C 19 62.51 52.85 15.13
C LEU C 19 63.91 53.43 14.89
N THR C 20 64.93 52.58 15.01
CA THR C 20 66.32 52.94 14.76
C THR C 20 67.08 51.64 14.49
N GLU C 21 68.41 51.72 14.52
CA GLU C 21 69.26 50.54 14.37
C GLU C 21 69.30 49.74 15.68
N ARG C 22 68.11 49.29 16.09
CA ARG C 22 67.85 48.51 17.29
C ARG C 22 67.96 49.36 18.55
N GLY C 23 68.52 50.56 18.42
CA GLY C 23 68.49 51.54 19.49
C GLY C 23 69.36 51.18 20.68
N VAL C 24 68.88 50.26 21.51
CA VAL C 24 69.56 49.88 22.75
C VAL C 24 69.22 48.47 23.19
N GLU C 25 69.83 48.04 24.28
CA GLU C 25 69.38 46.91 25.08
C GLU C 25 68.90 47.42 26.44
N VAL C 26 67.94 46.69 27.02
CA VAL C 26 67.29 47.12 28.26
C VAL C 26 67.24 45.94 29.23
N VAL C 27 66.60 46.17 30.38
CA VAL C 27 66.76 45.28 31.53
C VAL C 27 65.86 44.05 31.39
N ASN C 28 64.54 44.25 31.36
CA ASN C 28 63.59 43.16 31.41
C ASN C 28 62.71 43.18 30.17
N ALA C 29 62.38 42.00 29.67
CA ALA C 29 61.58 41.88 28.46
C ALA C 29 60.98 40.48 28.38
N THR C 30 59.90 40.37 27.63
CA THR C 30 59.25 39.08 27.39
C THR C 30 58.88 38.98 25.92
N GLU C 31 58.40 37.81 25.53
CA GLU C 31 58.04 37.53 24.14
C GLU C 31 56.60 37.97 23.86
N THR C 32 56.35 38.34 22.61
CA THR C 32 55.01 38.69 22.16
C THR C 32 54.41 37.68 21.19
N VAL C 33 55.23 36.83 20.57
CA VAL C 33 54.79 35.85 19.59
C VAL C 33 54.94 34.46 20.22
N GLU C 34 53.82 33.79 20.45
CA GLU C 34 53.85 32.45 21.02
C GLU C 34 54.13 31.43 19.91
N ARG C 35 55.05 30.50 20.19
CA ARG C 35 55.47 29.51 19.21
C ARG C 35 55.20 28.07 19.62
N THR C 36 54.78 27.84 20.87
CA THR C 36 54.59 26.48 21.37
C THR C 36 53.15 26.04 21.16
N ASN C 37 52.99 24.83 20.64
CA ASN C 37 51.68 24.23 20.42
C ASN C 37 51.54 22.95 21.22
N ILE C 38 50.33 22.70 21.73
CA ILE C 38 50.01 21.47 22.43
C ILE C 38 49.23 20.58 21.47
N PRO C 39 49.87 19.57 20.86
CA PRO C 39 49.21 18.82 19.79
C PRO C 39 48.08 17.91 20.26
N ARG C 40 47.16 18.45 21.05
CA ARG C 40 45.94 17.76 21.44
C ARG C 40 44.81 18.78 21.47
N ILE C 41 43.59 18.30 21.70
CA ILE C 41 42.41 19.15 21.73
C ILE C 41 42.09 19.50 23.17
N CYS C 42 42.18 20.78 23.51
CA CYS C 42 41.84 21.29 24.83
C CYS C 42 40.33 21.51 24.86
N SER C 43 39.60 20.50 25.30
CA SER C 43 38.16 20.44 25.14
C SER C 43 37.38 20.74 26.42
N LYS C 44 38.05 20.91 27.56
CA LYS C 44 37.33 21.11 28.80
C LYS C 44 36.50 22.39 28.76
N GLY C 45 35.30 22.33 29.32
CA GLY C 45 34.37 23.44 29.30
C GLY C 45 33.48 23.51 28.08
N LYS C 46 33.85 22.83 27.00
CA LYS C 46 33.09 22.87 25.76
C LYS C 46 32.49 21.49 25.49
N ARG C 47 31.20 21.47 25.17
CA ARG C 47 30.54 20.24 24.75
C ARG C 47 31.08 19.84 23.39
N THR C 48 31.96 18.85 23.38
CA THR C 48 32.74 18.50 22.19
C THR C 48 32.14 17.29 21.49
N VAL C 49 32.24 17.29 20.16
CA VAL C 49 31.75 16.20 19.32
C VAL C 49 32.88 15.83 18.36
N ASP C 50 33.44 14.65 18.55
CA ASP C 50 34.41 14.08 17.61
C ASP C 50 33.62 13.29 16.58
N LEU C 51 33.42 13.88 15.40
CA LEU C 51 32.55 13.26 14.41
C LEU C 51 33.09 11.91 13.95
N GLY C 52 34.41 11.81 13.77
CA GLY C 52 35.01 10.55 13.37
C GLY C 52 34.57 10.07 12.00
N GLN C 53 33.93 8.90 11.96
CA GLN C 53 33.49 8.31 10.70
C GLN C 53 32.34 9.06 10.07
N CYS C 54 31.78 10.07 10.74
CA CYS C 54 30.62 10.80 10.23
C CYS C 54 31.08 12.08 9.55
N GLY C 55 30.80 12.20 8.25
CA GLY C 55 30.98 13.47 7.58
C GLY C 55 30.00 14.50 8.08
N LEU C 56 30.44 15.77 8.07
CA LEU C 56 29.62 16.83 8.63
C LEU C 56 28.25 16.91 7.95
N LEU C 57 28.25 17.08 6.62
CA LEU C 57 27.00 17.21 5.88
C LEU C 57 26.11 15.99 6.07
N GLY C 58 26.69 14.82 6.28
CA GLY C 58 25.89 13.63 6.52
C GLY C 58 24.90 13.80 7.65
N THR C 59 25.25 14.60 8.66
CA THR C 59 24.35 14.83 9.80
C THR C 59 22.98 15.34 9.36
N ILE C 60 22.86 15.85 8.13
CA ILE C 60 21.56 16.24 7.59
C ILE C 60 20.89 15.08 6.85
N THR C 61 21.64 14.37 6.02
CA THR C 61 21.06 13.27 5.26
C THR C 61 20.82 12.06 6.15
N GLY C 62 21.79 11.72 7.00
CA GLY C 62 21.68 10.59 7.90
C GLY C 62 22.11 9.26 7.32
N PRO C 63 23.36 9.15 6.87
CA PRO C 63 23.91 7.83 6.56
C PRO C 63 24.04 7.01 7.84
N PRO C 64 24.26 5.71 7.74
CA PRO C 64 24.38 4.90 8.97
C PRO C 64 25.45 5.42 9.92
N GLN C 65 26.65 5.70 9.42
CA GLN C 65 27.75 6.13 10.28
C GLN C 65 27.53 7.49 10.92
N CYS C 66 26.45 8.18 10.58
CA CYS C 66 26.10 9.45 11.22
C CYS C 66 24.90 9.33 12.15
N ASP C 67 24.34 8.13 12.32
CA ASP C 67 23.17 7.97 13.18
C ASP C 67 23.45 8.46 14.60
N GLN C 68 24.72 8.46 15.02
CA GLN C 68 25.07 8.93 16.35
C GLN C 68 24.74 10.40 16.53
N PHE C 69 24.93 11.21 15.48
CA PHE C 69 24.83 12.66 15.56
C PHE C 69 23.71 13.19 14.68
N LEU C 70 22.57 12.48 14.67
CA LEU C 70 21.46 12.90 13.81
C LEU C 70 20.88 14.24 14.27
N GLU C 71 20.74 14.44 15.58
CA GLU C 71 20.27 15.68 16.17
C GLU C 71 21.24 16.18 17.21
N PHE C 72 22.54 16.16 16.89
CA PHE C 72 23.56 16.47 17.86
C PHE C 72 23.53 17.96 18.23
N SER C 73 24.25 18.29 19.29
CA SER C 73 24.43 19.67 19.73
C SER C 73 25.78 19.79 20.39
N ALA C 74 26.48 20.89 20.14
CA ALA C 74 27.84 21.06 20.64
C ALA C 74 28.23 22.52 20.52
N ASP C 75 29.37 22.84 21.16
CA ASP C 75 30.05 24.11 20.97
C ASP C 75 31.34 23.98 20.17
N LEU C 76 31.91 22.78 20.13
CA LEU C 76 33.08 22.49 19.30
C LEU C 76 32.75 21.31 18.40
N ILE C 77 32.93 21.50 17.08
CA ILE C 77 32.70 20.47 16.09
C ILE C 77 34.04 20.10 15.47
N ILE C 78 34.35 18.81 15.47
CA ILE C 78 35.66 18.31 15.04
C ILE C 78 35.46 17.32 13.91
N GLU C 79 35.77 17.75 12.69
CA GLU C 79 35.78 16.84 11.55
C GLU C 79 37.00 15.91 11.63
N ARG C 80 36.95 14.83 10.86
CA ARG C 80 38.06 13.89 10.79
C ARG C 80 38.31 13.53 9.33
N ARG C 81 39.50 13.00 9.06
CA ARG C 81 39.84 12.63 7.69
C ARG C 81 39.07 11.41 7.22
N GLU C 82 38.79 10.46 8.12
CA GLU C 82 38.09 9.24 7.74
C GLU C 82 36.60 9.45 7.52
N GLY C 83 36.07 10.62 7.87
CA GLY C 83 34.64 10.85 7.74
C GLY C 83 34.18 10.89 6.29
N SER C 84 32.88 10.65 6.12
CA SER C 84 32.25 10.67 4.81
C SER C 84 30.79 11.07 4.98
N ASP C 85 30.29 11.89 4.05
CA ASP C 85 28.96 12.46 4.18
C ASP C 85 27.88 11.63 3.47
N VAL C 86 28.24 10.56 2.77
CA VAL C 86 27.29 9.79 1.98
C VAL C 86 27.61 8.30 2.08
N CYS C 87 26.61 7.47 1.77
CA CYS C 87 26.79 6.04 1.58
C CYS C 87 26.52 5.62 0.14
N TYR C 88 25.36 5.96 -0.40
CA TYR C 88 25.15 5.82 -1.84
C TYR C 88 25.92 6.94 -2.54
N PRO C 89 26.69 6.62 -3.59
CA PRO C 89 27.58 7.63 -4.18
C PRO C 89 26.83 8.86 -4.65
N GLY C 90 27.49 10.00 -4.54
CA GLY C 90 26.89 11.28 -4.87
C GLY C 90 27.69 12.41 -4.25
N LYS C 91 27.22 13.62 -4.50
CA LYS C 91 27.91 14.82 -4.08
C LYS C 91 26.94 15.81 -3.46
N PHE C 92 27.50 16.84 -2.84
CA PHE C 92 26.75 17.96 -2.30
C PHE C 92 27.11 19.20 -3.10
N VAL C 93 26.11 19.81 -3.74
CA VAL C 93 26.34 21.04 -4.48
C VAL C 93 26.60 22.17 -3.49
N ASN C 94 27.69 22.93 -3.72
CA ASN C 94 28.17 23.93 -2.78
C ASN C 94 28.40 23.30 -1.40
N GLU C 95 29.20 22.22 -1.39
CA GLU C 95 29.37 21.44 -0.18
C GLU C 95 30.12 22.21 0.90
N GLU C 96 31.27 22.80 0.54
CA GLU C 96 32.10 23.48 1.52
C GLU C 96 31.38 24.69 2.12
N ALA C 97 30.54 25.36 1.33
CA ALA C 97 29.74 26.45 1.87
C ALA C 97 28.81 25.94 2.98
N LEU C 98 28.07 24.87 2.70
CA LEU C 98 27.18 24.30 3.71
C LEU C 98 27.96 23.84 4.94
N ARG C 99 29.17 23.32 4.74
CA ARG C 99 30.03 22.99 5.87
C ARG C 99 30.31 24.23 6.71
N GLN C 100 30.70 25.33 6.05
CA GLN C 100 30.93 26.58 6.76
C GLN C 100 29.69 27.03 7.53
N ILE C 101 28.51 26.76 6.98
CA ILE C 101 27.28 27.14 7.66
C ILE C 101 27.05 26.25 8.88
N LEU C 102 27.41 24.97 8.79
CA LEU C 102 27.13 24.04 9.88
C LEU C 102 28.14 24.13 11.01
N ARG C 103 29.37 24.55 10.73
CA ARG C 103 30.39 24.56 11.77
C ARG C 103 30.12 25.62 12.85
N GLU C 104 29.22 26.56 12.59
CA GLU C 104 28.88 27.61 13.56
C GLU C 104 27.40 27.56 13.94
N SER C 105 26.82 26.36 14.00
CA SER C 105 25.40 26.21 14.26
C SER C 105 25.08 25.93 15.72
N GLY C 106 26.07 25.52 16.52
CA GLY C 106 25.77 25.04 17.84
C GLY C 106 25.07 23.71 17.86
N GLY C 107 25.27 22.90 16.82
CA GLY C 107 24.49 21.70 16.61
C GLY C 107 23.29 21.96 15.71
N ILE C 108 22.64 20.86 15.32
CA ILE C 108 21.48 20.92 14.44
C ILE C 108 20.30 20.29 15.16
N ASP C 109 19.13 20.92 15.00
CA ASP C 109 17.89 20.47 15.62
C ASP C 109 16.90 20.13 14.52
N LYS C 110 16.49 18.86 14.46
CA LYS C 110 15.60 18.38 13.42
C LYS C 110 14.15 18.51 13.83
N GLU C 111 13.28 18.72 12.83
CA GLU C 111 11.84 18.73 13.06
C GLU C 111 11.15 18.24 11.80
N ALA C 112 10.03 17.55 11.99
CA ALA C 112 9.38 16.84 10.90
C ALA C 112 8.86 17.80 9.83
N MET C 113 8.87 17.32 8.58
CA MET C 113 8.38 18.08 7.45
C MET C 113 6.90 17.86 7.18
N GLY C 114 6.28 16.88 7.84
CA GLY C 114 4.86 16.62 7.66
C GLY C 114 4.50 15.98 6.34
N PHE C 115 5.47 15.41 5.63
CA PHE C 115 5.19 14.82 4.32
C PHE C 115 4.49 13.48 4.48
N THR C 116 3.43 13.28 3.68
CA THR C 116 2.73 12.00 3.61
C THR C 116 2.39 11.72 2.16
N TYR C 117 2.70 10.51 1.71
CA TYR C 117 2.57 10.15 0.31
C TYR C 117 1.49 9.09 0.14
N SER C 118 0.79 9.15 -0.99
CA SER C 118 -0.32 8.25 -1.31
C SER C 118 -0.17 7.75 -2.73
N GLY C 119 -0.17 6.43 -2.90
CA GLY C 119 -0.17 5.81 -4.21
C GLY C 119 1.19 5.43 -4.76
N ILE C 120 2.25 5.52 -3.96
CA ILE C 120 3.60 5.18 -4.38
C ILE C 120 4.27 4.37 -3.28
N ARG C 121 5.52 4.01 -3.51
CA ARG C 121 6.36 3.39 -2.50
C ARG C 121 7.26 4.45 -1.87
N THR C 122 7.52 4.29 -0.58
CA THR C 122 8.34 5.24 0.17
C THR C 122 9.43 4.55 0.98
N ASN C 123 9.71 3.27 0.70
CA ASN C 123 10.64 2.49 1.51
C ASN C 123 11.81 1.99 0.67
N GLY C 124 12.39 2.86 -0.15
CA GLY C 124 13.53 2.45 -0.94
C GLY C 124 14.75 2.18 -0.07
N ALA C 125 15.51 1.15 -0.45
CA ALA C 125 16.69 0.75 0.29
C ALA C 125 17.78 0.35 -0.69
N THR C 126 19.04 0.51 -0.25
CA THR C 126 20.18 0.22 -1.09
C THR C 126 21.21 -0.57 -0.31
N SER C 127 22.04 -1.34 -1.03
CA SER C 127 23.09 -2.13 -0.41
C SER C 127 24.23 -1.27 0.13
N ALA C 128 24.29 0.02 -0.24
CA ALA C 128 25.36 0.88 0.25
C ALA C 128 25.10 1.28 1.70
N CYS C 129 23.98 1.94 1.96
CA CYS C 129 23.58 2.35 3.31
C CYS C 129 23.03 1.14 4.02
N ARG C 130 23.88 0.44 4.77
CA ARG C 130 23.58 -0.86 5.34
C ARG C 130 23.48 -0.75 6.86
N ARG C 131 22.25 -0.71 7.38
CA ARG C 131 21.99 -0.81 8.80
C ARG C 131 21.44 -2.21 9.08
N SER C 132 22.35 -3.16 9.24
CA SER C 132 22.00 -4.59 9.41
C SER C 132 20.98 -5.02 8.36
N GLY C 133 21.36 -4.82 7.11
CA GLY C 133 20.47 -5.06 5.98
C GLY C 133 20.35 -3.82 5.10
N SER C 134 19.65 -4.02 3.99
CA SER C 134 19.44 -2.96 3.01
C SER C 134 18.64 -1.81 3.62
N SER C 135 19.28 -0.65 3.79
CA SER C 135 18.62 0.52 4.35
C SER C 135 18.86 1.74 3.47
N PHE C 136 18.50 2.92 3.98
CA PHE C 136 18.67 4.17 3.27
C PHE C 136 19.04 5.25 4.29
N TYR C 137 19.21 6.47 3.82
CA TYR C 137 19.45 7.59 4.72
C TYR C 137 18.29 7.73 5.70
N ALA C 138 18.60 8.17 6.92
CA ALA C 138 17.60 8.21 7.97
C ALA C 138 16.60 9.33 7.76
N GLU C 139 17.08 10.51 7.38
CA GLU C 139 16.24 11.70 7.27
C GLU C 139 15.62 11.87 5.89
N MET C 140 15.81 10.92 4.99
CA MET C 140 15.33 11.03 3.62
C MET C 140 14.48 9.82 3.26
N LYS C 141 13.67 9.98 2.22
CA LYS C 141 12.79 8.94 1.70
C LYS C 141 12.99 8.83 0.20
N TRP C 142 13.23 7.60 -0.27
CA TRP C 142 13.47 7.33 -1.68
C TRP C 142 12.13 6.94 -2.31
N LEU C 143 11.47 7.92 -2.93
CA LEU C 143 10.14 7.69 -3.50
C LEU C 143 10.25 6.87 -4.77
N LEU C 144 9.55 5.73 -4.81
CA LEU C 144 9.59 4.83 -5.94
C LEU C 144 8.17 4.59 -6.47
N SER C 145 8.10 4.12 -7.71
CA SER C 145 6.82 3.74 -8.28
C SER C 145 6.22 2.57 -7.51
N ASN C 146 4.90 2.44 -7.61
CA ASN C 146 4.20 1.36 -6.92
C ASN C 146 4.71 0.00 -7.38
N THR C 147 5.00 -0.15 -8.67
CA THR C 147 5.52 -1.39 -9.23
C THR C 147 6.65 -1.05 -10.19
N ASP C 148 7.45 -2.06 -10.50
CA ASP C 148 8.59 -1.87 -11.39
C ASP C 148 8.12 -1.41 -12.77
N ASN C 149 8.75 -0.35 -13.27
CA ASN C 149 8.47 0.30 -14.54
C ASN C 149 7.17 1.11 -14.51
N ALA C 150 6.38 0.97 -13.46
CA ALA C 150 5.06 1.61 -13.42
C ALA C 150 5.21 3.13 -13.40
N ALA C 151 4.23 3.80 -14.00
CA ALA C 151 4.30 5.25 -14.17
C ALA C 151 4.19 5.96 -12.83
N PHE C 152 5.19 6.76 -12.50
CA PHE C 152 5.19 7.55 -11.27
C PHE C 152 4.27 8.75 -11.43
N PRO C 153 3.40 9.02 -10.47
CA PRO C 153 2.45 10.12 -10.62
C PRO C 153 3.04 11.46 -10.26
N GLN C 154 2.48 12.51 -10.86
CA GLN C 154 2.91 13.87 -10.56
C GLN C 154 2.55 14.25 -9.14
N MET C 155 3.49 14.85 -8.42
CA MET C 155 3.27 15.21 -7.03
C MET C 155 3.71 16.65 -6.79
N THR C 156 3.14 17.23 -5.73
CA THR C 156 3.45 18.60 -5.33
C THR C 156 3.26 18.71 -3.84
N LYS C 157 4.37 18.79 -3.10
CA LYS C 157 4.34 18.91 -1.65
C LYS C 157 4.82 20.30 -1.24
N SER C 158 4.49 20.67 0.00
CA SER C 158 4.83 21.99 0.51
C SER C 158 5.19 21.88 1.99
N TYR C 159 6.06 22.79 2.43
CA TYR C 159 6.45 22.85 3.83
C TYR C 159 6.71 24.30 4.21
N LYS C 160 5.95 24.80 5.18
CA LYS C 160 6.10 26.16 5.66
C LYS C 160 6.92 26.15 6.95
N ASN C 161 7.83 27.12 7.08
CA ASN C 161 8.64 27.25 8.28
C ASN C 161 7.87 28.05 9.32
N THR C 162 7.58 27.41 10.46
CA THR C 162 6.74 28.02 11.48
C THR C 162 7.54 28.80 12.51
N ARG C 163 8.62 28.22 13.02
CA ARG C 163 9.41 28.86 14.06
C ARG C 163 10.18 30.06 13.49
N LYS C 164 10.98 30.69 14.35
CA LYS C 164 11.58 31.98 14.03
C LYS C 164 13.00 31.90 13.50
N SER C 165 13.66 30.74 13.61
CA SER C 165 15.00 30.71 13.02
C SER C 165 14.96 30.06 11.63
N PRO C 166 15.90 30.42 10.76
CA PRO C 166 15.87 29.89 9.38
C PRO C 166 16.09 28.38 9.33
N ALA C 167 15.41 27.75 8.39
CA ALA C 167 15.41 26.30 8.24
C ALA C 167 16.40 25.87 7.15
N LEU C 168 17.02 24.71 7.37
CA LEU C 168 17.90 24.10 6.39
C LEU C 168 17.14 22.99 5.68
N ILE C 169 16.87 23.20 4.39
CA ILE C 169 16.11 22.25 3.59
C ILE C 169 17.07 21.57 2.62
N VAL C 170 17.06 20.24 2.63
CA VAL C 170 17.98 19.44 1.81
C VAL C 170 17.18 18.35 1.12
N TRP C 171 17.43 18.17 -0.18
CA TRP C 171 16.77 17.13 -0.96
C TRP C 171 17.82 16.48 -1.87
N GLY C 172 17.39 15.48 -2.62
CA GLY C 172 18.29 14.75 -3.48
C GLY C 172 17.65 14.40 -4.81
N ILE C 173 18.50 14.26 -5.82
CA ILE C 173 18.10 13.81 -7.15
C ILE C 173 18.91 12.57 -7.47
N HIS C 174 18.23 11.53 -7.97
CA HIS C 174 18.87 10.25 -8.27
C HIS C 174 19.15 10.20 -9.78
N HIS C 175 20.40 10.41 -10.15
CA HIS C 175 20.88 10.15 -11.51
C HIS C 175 21.11 8.66 -11.63
N SER C 176 20.15 7.98 -12.27
CA SER C 176 20.16 6.52 -12.33
C SER C 176 21.26 6.01 -13.25
N VAL C 177 21.51 4.71 -13.18
CA VAL C 177 22.58 4.11 -13.97
C VAL C 177 22.25 4.18 -15.46
N SER C 178 21.02 3.83 -15.83
CA SER C 178 20.62 3.81 -17.23
C SER C 178 19.17 4.20 -17.34
N THR C 179 18.78 4.62 -18.54
CA THR C 179 17.38 4.94 -18.82
C THR C 179 16.48 3.74 -18.51
N ALA C 180 17.01 2.52 -18.64
CA ALA C 180 16.24 1.33 -18.30
C ALA C 180 15.93 1.30 -16.80
N GLU C 181 16.92 1.59 -15.96
CA GLU C 181 16.70 1.53 -14.52
C GLU C 181 15.87 2.71 -14.04
N GLN C 182 16.10 3.91 -14.60
CA GLN C 182 15.24 5.04 -14.28
C GLN C 182 13.78 4.74 -14.63
N THR C 183 13.56 4.12 -15.80
CA THR C 183 12.22 3.69 -16.15
C THR C 183 11.70 2.65 -15.16
N LYS C 184 12.58 1.76 -14.69
CA LYS C 184 12.17 0.74 -13.74
C LYS C 184 11.70 1.36 -12.43
N LEU C 185 12.38 2.43 -11.98
CA LEU C 185 12.09 3.00 -10.67
C LEU C 185 10.93 4.00 -10.71
N TYR C 186 10.84 4.79 -11.79
CA TYR C 186 9.87 5.88 -11.83
C TYR C 186 9.07 5.91 -13.14
N GLY C 187 9.11 4.85 -13.92
CA GLY C 187 8.40 4.82 -15.18
C GLY C 187 9.11 5.60 -16.27
N SER C 188 8.66 5.40 -17.50
CA SER C 188 9.27 6.07 -18.65
C SER C 188 8.89 7.55 -18.66
N GLY C 189 9.41 8.27 -19.65
CA GLY C 189 9.12 9.68 -19.80
C GLY C 189 10.14 10.57 -19.11
N ASN C 190 10.16 11.83 -19.54
CA ASN C 190 11.08 12.80 -18.95
C ASN C 190 10.69 13.08 -17.51
N LYS C 191 11.70 13.24 -16.66
CA LYS C 191 11.50 13.57 -15.25
C LYS C 191 11.88 15.03 -15.02
N LEU C 192 11.14 15.67 -14.11
CA LEU C 192 11.37 17.08 -13.79
C LEU C 192 11.05 17.31 -12.32
N VAL C 193 11.94 18.05 -11.64
CA VAL C 193 11.80 18.34 -10.21
C VAL C 193 12.00 19.84 -10.03
N THR C 194 10.90 20.59 -9.96
CA THR C 194 10.94 22.01 -9.68
C THR C 194 10.88 22.24 -8.17
N VAL C 195 11.82 23.04 -7.67
CA VAL C 195 11.91 23.41 -6.26
C VAL C 195 11.78 24.92 -6.17
N GLY C 196 10.85 25.39 -5.34
CA GLY C 196 10.60 26.82 -5.26
C GLY C 196 10.30 27.37 -3.87
N SER C 197 10.83 28.55 -3.59
CA SER C 197 10.51 29.29 -2.37
C SER C 197 10.50 30.78 -2.69
N SER C 198 10.07 31.58 -1.72
CA SER C 198 9.84 33.01 -1.95
C SER C 198 11.05 33.69 -2.59
N ASN C 199 12.26 33.28 -2.20
CA ASN C 199 13.49 33.86 -2.73
C ASN C 199 14.36 32.80 -3.38
N TYR C 200 13.76 31.80 -4.02
CA TYR C 200 14.52 30.72 -4.63
C TYR C 200 13.66 30.02 -5.66
N GLN C 201 14.29 29.54 -6.73
CA GLN C 201 13.61 28.74 -7.72
C GLN C 201 14.60 28.04 -8.63
N GLN C 202 14.52 26.72 -8.73
CA GLN C 202 15.37 25.98 -9.65
C GLN C 202 14.65 24.74 -10.14
N SER C 203 14.97 24.33 -11.35
CA SER C 203 14.48 23.09 -11.92
C SER C 203 15.61 22.07 -11.98
N PHE C 204 15.26 20.80 -11.84
CA PHE C 204 16.23 19.72 -11.75
C PHE C 204 15.81 18.59 -12.68
N VAL C 205 16.75 18.13 -13.50
CA VAL C 205 16.52 17.05 -14.45
C VAL C 205 17.61 16.01 -14.26
N PRO C 206 17.27 14.74 -14.09
CA PRO C 206 18.30 13.70 -13.96
C PRO C 206 18.94 13.38 -15.30
N SER C 207 20.24 13.09 -15.28
CA SER C 207 21.00 12.69 -16.46
C SER C 207 21.48 11.26 -16.25
N PRO C 208 20.67 10.26 -16.58
CA PRO C 208 21.09 8.87 -16.37
C PRO C 208 22.18 8.46 -17.38
N GLY C 209 23.26 7.90 -16.85
CA GLY C 209 24.38 7.49 -17.68
C GLY C 209 25.28 6.54 -16.93
N ALA C 210 26.14 5.88 -17.69
CA ALA C 210 27.07 4.89 -17.13
C ALA C 210 28.29 5.61 -16.57
N ARG C 211 28.13 6.13 -15.35
CA ARG C 211 29.25 6.73 -14.63
C ARG C 211 30.27 5.65 -14.26
N PRO C 212 31.51 6.05 -13.97
CA PRO C 212 32.49 5.08 -13.46
C PRO C 212 31.97 4.40 -12.20
N GLN C 213 32.07 3.07 -12.17
CA GLN C 213 31.51 2.27 -11.08
C GLN C 213 32.30 2.48 -9.80
N VAL C 214 31.77 3.31 -8.90
CA VAL C 214 32.34 3.51 -7.57
C VAL C 214 31.61 2.61 -6.59
N ASN C 215 32.36 1.84 -5.80
CA ASN C 215 31.82 0.97 -4.75
C ASN C 215 30.99 -0.18 -5.31
N GLY C 216 30.93 -0.35 -6.63
CA GLY C 216 30.07 -1.34 -7.24
C GLY C 216 28.84 -0.79 -7.92
N LEU C 217 28.58 0.52 -7.83
CA LEU C 217 27.36 1.13 -8.36
C LEU C 217 27.72 2.35 -9.20
N SER C 218 27.18 2.41 -10.41
CA SER C 218 27.37 3.56 -11.28
C SER C 218 26.36 4.66 -11.05
N GLY C 219 25.26 4.38 -10.34
CA GLY C 219 24.27 5.40 -10.07
C GLY C 219 24.75 6.41 -9.05
N ARG C 220 24.13 7.60 -9.09
CA ARG C 220 24.52 8.68 -8.21
C ARG C 220 23.28 9.33 -7.61
N ILE C 221 23.44 9.91 -6.42
CA ILE C 221 22.40 10.71 -5.78
C ILE C 221 23.05 12.01 -5.33
N ASP C 222 22.72 13.10 -6.01
CA ASP C 222 23.25 14.41 -5.65
C ASP C 222 22.29 15.11 -4.69
N PHE C 223 22.86 15.89 -3.78
CA PHE C 223 22.09 16.59 -2.77
C PHE C 223 22.15 18.09 -2.99
N HIS C 224 21.01 18.74 -2.78
CA HIS C 224 20.90 20.20 -2.90
C HIS C 224 20.20 20.74 -1.67
N TRP C 225 20.33 22.04 -1.45
CA TRP C 225 19.87 22.63 -0.21
C TRP C 225 19.54 24.11 -0.40
N LEU C 226 18.60 24.59 0.42
CA LEU C 226 18.25 25.99 0.49
C LEU C 226 17.96 26.34 1.95
N MET C 227 17.93 27.64 2.22
CA MET C 227 17.59 28.16 3.54
C MET C 227 16.20 28.79 3.46
N LEU C 228 15.24 28.19 4.18
CA LEU C 228 13.85 28.63 4.16
C LEU C 228 13.62 29.57 5.33
N ASN C 229 13.26 30.82 5.02
CA ASN C 229 13.00 31.82 6.05
C ASN C 229 11.68 31.53 6.74
N PRO C 230 11.48 32.05 7.95
CA PRO C 230 10.19 31.86 8.64
C PRO C 230 9.04 32.47 7.85
N ASN C 231 7.86 31.85 8.01
CA ASN C 231 6.65 32.24 7.29
C ASN C 231 6.87 32.22 5.78
N ASP C 232 7.63 31.21 5.32
CA ASP C 232 7.88 31.01 3.89
C ASP C 232 7.66 29.55 3.57
N THR C 233 6.95 29.28 2.47
CA THR C 233 6.62 27.93 2.05
C THR C 233 7.58 27.46 0.98
N VAL C 234 8.07 26.24 1.12
CA VAL C 234 8.89 25.59 0.11
C VAL C 234 8.02 24.59 -0.64
N THR C 235 8.20 24.53 -1.95
CA THR C 235 7.33 23.77 -2.85
C THR C 235 8.18 22.79 -3.65
N PHE C 236 7.86 21.51 -3.52
CA PHE C 236 8.49 20.42 -4.26
C PHE C 236 7.47 19.88 -5.26
N SER C 237 7.57 20.34 -6.50
CA SER C 237 6.73 19.82 -7.59
C SER C 237 7.58 18.87 -8.42
N PHE C 238 7.30 17.58 -8.33
CA PHE C 238 8.20 16.59 -8.91
C PHE C 238 7.42 15.45 -9.55
N ASN C 239 8.17 14.58 -10.23
CA ASN C 239 7.63 13.56 -11.11
C ASN C 239 8.34 12.22 -10.93
N GLY C 240 9.36 12.16 -10.09
CA GLY C 240 10.17 10.96 -9.91
C GLY C 240 11.62 11.32 -9.75
N ALA C 241 12.46 10.29 -9.58
CA ALA C 241 13.91 10.47 -9.39
C ALA C 241 14.21 11.41 -8.23
N PHE C 242 13.34 11.44 -7.23
CA PHE C 242 13.40 12.41 -6.14
C PHE C 242 13.75 11.70 -4.84
N ILE C 243 14.80 12.16 -4.18
CA ILE C 243 15.12 11.74 -2.82
C ILE C 243 14.53 12.80 -1.90
N ALA C 244 13.28 12.56 -1.49
CA ALA C 244 12.58 13.56 -0.71
C ALA C 244 13.13 13.63 0.71
N PRO C 245 12.98 14.78 1.38
CA PRO C 245 13.36 14.86 2.80
C PRO C 245 12.20 14.58 3.72
N ASP C 246 12.50 13.90 4.83
CA ASP C 246 11.51 13.68 5.88
C ASP C 246 11.60 14.70 7.00
N ARG C 247 12.80 15.22 7.28
CA ARG C 247 13.03 16.17 8.35
C ARG C 247 13.68 17.43 7.81
N ALA C 248 13.33 18.57 8.40
CA ALA C 248 14.03 19.83 8.22
C ALA C 248 14.99 20.04 9.38
N SER C 249 16.01 20.84 9.14
CA SER C 249 17.04 21.14 10.13
C SER C 249 16.98 22.60 10.52
N PHE C 250 17.46 22.87 11.73
CA PHE C 250 17.50 24.23 12.27
C PHE C 250 18.79 24.43 13.06
N LEU C 251 19.44 25.56 12.84
CA LEU C 251 20.64 25.90 13.59
C LEU C 251 20.25 26.23 15.03
N ARG C 252 20.98 25.64 15.99
CA ARG C 252 20.65 25.87 17.40
C ARG C 252 21.22 27.20 17.89
N GLY C 253 22.55 27.32 17.90
CA GLY C 253 23.20 28.54 18.33
C GLY C 253 24.43 28.85 17.53
N LYS C 254 25.54 29.09 18.21
CA LYS C 254 26.84 29.21 17.58
C LYS C 254 27.77 28.14 18.11
N SER C 255 28.75 27.77 17.31
CA SER C 255 29.73 26.75 17.70
C SER C 255 31.06 27.04 17.03
N MET C 256 32.04 26.19 17.33
CA MET C 256 33.39 26.32 16.80
C MET C 256 33.68 25.06 15.98
N GLY C 257 34.02 25.25 14.71
CA GLY C 257 34.28 24.16 13.79
C GLY C 257 35.76 24.09 13.45
N ILE C 258 36.33 22.89 13.59
CA ILE C 258 37.72 22.62 13.25
C ILE C 258 37.78 21.26 12.56
N GLN C 259 38.93 21.00 11.92
CA GLN C 259 39.21 19.69 11.35
C GLN C 259 40.66 19.33 11.65
N SER C 260 40.86 18.16 12.24
CA SER C 260 42.20 17.72 12.65
C SER C 260 42.13 16.23 12.96
N GLY C 261 43.31 15.64 13.16
CA GLY C 261 43.42 14.24 13.49
C GLY C 261 44.05 14.00 14.85
N VAL C 262 44.31 15.08 15.59
CA VAL C 262 44.93 14.99 16.90
C VAL C 262 43.94 14.43 17.91
N GLN C 263 44.43 14.05 19.08
CA GLN C 263 43.58 13.48 20.12
C GLN C 263 42.87 14.58 20.90
N VAL C 264 41.88 14.17 21.68
CA VAL C 264 41.11 15.07 22.54
C VAL C 264 41.70 15.02 23.95
N ASP C 265 41.41 16.06 24.72
CA ASP C 265 41.85 16.10 26.12
C ASP C 265 40.78 16.81 26.92
N ALA C 266 40.02 16.05 27.72
CA ALA C 266 38.89 16.56 28.47
C ALA C 266 39.29 17.37 29.70
N ASN C 267 40.58 17.65 29.88
CA ASN C 267 41.05 18.41 31.03
C ASN C 267 41.69 19.74 30.68
N CYS C 268 42.36 19.86 29.54
CA CYS C 268 42.90 21.14 29.12
C CYS C 268 41.80 22.00 28.50
N GLU C 269 41.97 23.31 28.61
CA GLU C 269 40.99 24.27 28.11
C GLU C 269 41.70 25.33 27.28
N GLY C 270 41.31 25.45 26.01
CA GLY C 270 41.89 26.45 25.13
C GLY C 270 40.84 26.98 24.19
N ASP C 271 41.11 28.18 23.67
CA ASP C 271 40.18 28.90 22.82
C ASP C 271 40.63 29.00 21.38
N CYS C 272 41.84 28.53 21.06
CA CYS C 272 42.38 28.60 19.71
C CYS C 272 42.87 27.22 19.30
N TYR C 273 42.40 26.73 18.15
CA TYR C 273 42.71 25.39 17.69
C TYR C 273 43.23 25.43 16.26
N HIS C 274 43.95 24.38 15.88
CA HIS C 274 44.41 24.22 14.51
C HIS C 274 44.70 22.75 14.26
N SER C 275 45.00 22.44 13.00
CA SER C 275 45.12 21.04 12.57
C SER C 275 46.14 20.28 13.40
N GLY C 276 47.25 20.92 13.74
CA GLY C 276 48.29 20.27 14.52
C GLY C 276 48.08 20.23 16.00
N GLY C 277 47.00 20.80 16.52
CA GLY C 277 46.73 20.73 17.94
C GLY C 277 46.02 21.99 18.42
N THR C 278 46.46 22.48 19.58
CA THR C 278 45.81 23.59 20.25
C THR C 278 46.82 24.68 20.56
N ILE C 279 46.48 25.92 20.23
CA ILE C 279 47.26 27.09 20.60
C ILE C 279 46.61 27.70 21.84
N ILE C 280 47.35 27.73 22.95
CA ILE C 280 46.94 28.43 24.16
C ILE C 280 48.01 29.48 24.46
N SER C 281 47.59 30.74 24.57
CA SER C 281 48.53 31.82 24.85
C SER C 281 47.74 33.09 25.15
N ASN C 282 48.27 33.89 26.06
CA ASN C 282 47.81 35.25 26.26
C ASN C 282 48.54 36.23 25.36
N LEU C 283 49.34 35.74 24.43
CA LEU C 283 50.09 36.63 23.54
C LEU C 283 49.21 37.02 22.35
N PRO C 284 49.32 38.27 21.88
CA PRO C 284 48.48 38.71 20.76
C PRO C 284 48.96 38.22 19.40
N PHE C 285 50.10 37.54 19.32
CA PHE C 285 50.68 37.11 18.06
C PHE C 285 51.09 35.65 18.15
N GLN C 286 51.25 35.02 16.98
CA GLN C 286 51.61 33.62 16.93
C GLN C 286 52.32 33.33 15.61
N ASN C 287 52.89 32.14 15.51
CA ASN C 287 53.67 31.76 14.34
C ASN C 287 53.43 30.31 13.91
N ILE C 288 52.42 29.64 14.46
CA ILE C 288 52.25 28.21 14.21
C ILE C 288 51.57 27.96 12.86
N ASP C 289 50.35 28.44 12.69
CA ASP C 289 49.56 28.14 11.51
C ASP C 289 48.65 29.32 11.21
N SER C 290 48.81 29.91 10.01
CA SER C 290 47.97 31.03 9.62
C SER C 290 46.50 30.64 9.49
N ARG C 291 46.21 29.35 9.34
CA ARG C 291 44.84 28.85 9.25
C ARG C 291 44.26 28.51 10.62
N ALA C 292 44.79 29.10 11.69
CA ALA C 292 44.28 28.83 13.04
C ALA C 292 42.87 29.39 13.19
N VAL C 293 42.02 28.64 13.90
CA VAL C 293 40.61 28.98 14.05
C VAL C 293 40.26 29.02 15.53
N GLY C 294 39.27 29.84 15.84
CA GLY C 294 38.85 30.09 17.21
C GLY C 294 39.25 31.47 17.68
N LYS C 295 39.29 31.63 19.00
CA LYS C 295 39.73 32.89 19.62
C LYS C 295 41.26 32.93 19.60
N CYS C 296 41.79 33.11 18.37
CA CYS C 296 43.21 32.98 18.07
C CYS C 296 43.91 34.34 18.00
N PRO C 297 45.19 34.37 18.31
CA PRO C 297 45.99 35.58 18.09
C PRO C 297 46.29 35.75 16.60
N ARG C 298 46.88 36.90 16.28
CA ARG C 298 47.23 37.23 14.90
C ARG C 298 48.48 36.48 14.48
N TYR C 299 48.38 35.70 13.41
CA TYR C 299 49.54 34.99 12.89
C TYR C 299 50.51 35.96 12.24
N VAL C 300 51.77 35.90 12.65
CA VAL C 300 52.82 36.75 12.09
C VAL C 300 53.99 35.88 11.69
N LYS C 301 54.75 36.35 10.69
CA LYS C 301 55.86 35.57 10.15
C LYS C 301 57.10 35.62 11.02
N GLN C 302 57.21 36.59 11.93
CA GLN C 302 58.39 36.70 12.78
C GLN C 302 58.31 35.68 13.90
N ARG C 303 59.41 34.95 14.11
CA ARG C 303 59.43 33.99 15.22
C ARG C 303 59.44 34.70 16.56
N SER C 304 60.08 35.86 16.66
CA SER C 304 60.21 36.55 17.93
C SER C 304 60.05 38.06 17.75
N LEU C 305 59.24 38.67 18.62
CA LEU C 305 59.15 40.11 18.76
C LEU C 305 58.99 40.43 20.23
N LEU C 306 59.82 41.34 20.75
CA LEU C 306 59.91 41.57 22.19
C LEU C 306 59.44 42.98 22.53
N LEU C 307 58.67 43.09 23.62
CA LEU C 307 58.30 44.39 24.17
C LEU C 307 59.48 44.91 24.97
N ALA C 308 59.28 45.95 25.80
CA ALA C 308 60.42 46.63 26.40
C ALA C 308 61.23 45.68 27.29
N THR C 309 60.67 45.16 28.40
CA THR C 309 59.46 45.56 29.11
C THR C 309 59.92 46.47 30.25
N GLY C 310 61.20 46.84 30.21
CA GLY C 310 61.81 47.65 31.25
C GLY C 310 62.39 48.94 30.73
N MET C 311 63.31 49.52 31.51
CA MET C 311 63.86 50.85 31.25
C MET C 311 65.18 50.77 30.49
N LYS C 312 65.59 51.92 29.95
CA LYS C 312 66.89 52.07 29.31
C LYS C 312 68.00 51.61 30.25
N ASN C 313 69.11 51.19 29.65
CA ASN C 313 70.18 50.51 30.41
C ASN C 313 71.54 50.96 29.89
N VAL C 314 72.29 51.66 30.74
CA VAL C 314 73.69 51.99 30.50
C VAL C 314 74.45 51.84 31.82
N PRO C 315 75.46 50.98 31.88
CA PRO C 315 76.15 50.70 33.15
C PRO C 315 77.05 51.86 33.57
N GLU C 316 77.70 51.70 34.72
CA GLU C 316 78.60 52.70 35.27
C GLU C 316 79.90 52.79 34.49
N ILE C 317 80.98 52.26 35.07
N ALA D 1 84.45 61.79 42.47
CA ALA D 1 84.48 60.34 42.53
C ALA D 1 83.06 59.76 42.51
N ILE D 2 82.09 60.60 42.15
CA ILE D 2 80.68 60.19 42.13
C ILE D 2 79.99 60.96 41.01
N ALA D 3 79.00 60.31 40.40
CA ALA D 3 78.27 60.89 39.28
C ALA D 3 76.86 60.32 39.23
N GLY D 4 75.98 61.00 38.50
CA GLY D 4 74.58 60.69 38.45
C GLY D 4 74.13 60.07 37.15
N PHE D 5 72.84 60.22 36.85
CA PHE D 5 72.21 59.48 35.76
C PHE D 5 72.70 59.95 34.40
N ILE D 6 72.93 61.26 34.23
CA ILE D 6 73.36 61.78 32.94
C ILE D 6 74.68 61.14 32.51
N GLU D 7 75.55 60.84 33.47
CA GLU D 7 76.76 60.09 33.16
C GLU D 7 76.46 58.61 32.96
N ASN D 8 75.94 57.95 33.99
CA ASN D 8 75.67 56.52 33.95
C ASN D 8 74.53 56.19 34.88
N GLY D 9 73.92 55.02 34.67
CA GLY D 9 73.01 54.46 35.63
C GLY D 9 73.76 53.85 36.80
N TRP D 10 73.02 53.22 37.70
CA TRP D 10 73.58 52.65 38.92
C TRP D 10 73.13 51.20 39.05
N GLU D 11 74.08 50.27 38.94
CA GLU D 11 73.77 48.85 39.08
C GLU D 11 73.34 48.48 40.49
N GLY D 12 73.61 49.34 41.47
CA GLY D 12 73.32 49.00 42.86
C GLY D 12 71.85 49.11 43.22
N LEU D 13 71.16 50.10 42.65
CA LEU D 13 69.74 50.29 42.94
C LEU D 13 68.94 49.08 42.51
N ILE D 14 68.19 48.51 43.45
CA ILE D 14 67.48 47.26 43.23
C ILE D 14 65.98 47.41 43.40
N ASP D 15 65.53 48.16 44.41
CA ASP D 15 64.11 48.23 44.76
C ASP D 15 63.39 49.37 44.05
N GLY D 16 63.88 49.82 42.90
CA GLY D 16 63.20 50.89 42.18
C GLY D 16 63.91 51.18 40.87
N TRP D 17 63.19 51.90 40.00
CA TRP D 17 63.75 52.26 38.71
C TRP D 17 64.78 53.39 38.87
N TYR D 18 64.33 54.54 39.37
CA TYR D 18 65.21 55.66 39.67
C TYR D 18 65.37 55.79 41.19
N GLY D 19 66.31 56.63 41.60
CA GLY D 19 66.53 56.81 43.01
C GLY D 19 67.54 57.90 43.28
N PHE D 20 67.78 58.12 44.57
CA PHE D 20 68.72 59.15 45.04
C PHE D 20 70.07 58.52 45.35
N ARG D 21 71.05 59.39 45.58
CA ARG D 21 72.35 58.99 46.11
C ARG D 21 72.96 60.19 46.80
N HIS D 22 73.05 60.13 48.13
CA HIS D 22 73.54 61.23 48.93
C HIS D 22 74.95 60.94 49.43
N GLN D 23 75.69 62.02 49.74
CA GLN D 23 77.06 61.90 50.24
C GLN D 23 77.27 63.08 51.19
N ASN D 24 77.07 62.82 52.48
CA ASN D 24 77.14 63.83 53.53
C ASN D 24 78.25 63.50 54.50
N ALA D 25 78.30 64.25 55.61
CA ALA D 25 79.31 64.00 56.64
C ALA D 25 79.17 62.61 57.23
N GLN D 26 77.95 62.08 57.32
CA GLN D 26 77.76 60.73 57.84
C GLN D 26 78.27 59.66 56.88
N GLY D 27 78.32 59.96 55.59
CA GLY D 27 78.79 59.00 54.59
C GLY D 27 77.85 58.92 53.41
N GLU D 28 78.33 58.23 52.38
CA GLU D 28 77.57 58.08 51.15
C GLU D 28 76.39 57.14 51.37
N GLY D 29 75.26 57.48 50.75
CA GLY D 29 74.09 56.62 50.79
C GLY D 29 73.22 56.86 49.56
N THR D 30 72.31 55.91 49.32
CA THR D 30 71.43 55.94 48.17
C THR D 30 70.00 55.69 48.64
N ALA D 31 69.05 55.94 47.74
CA ALA D 31 67.63 55.73 48.03
C ALA D 31 66.89 55.47 46.72
N ALA D 32 65.56 55.46 46.79
CA ALA D 32 64.71 55.21 45.64
C ALA D 32 63.54 56.18 45.66
N ASP D 33 62.81 56.21 44.55
CA ASP D 33 61.66 57.10 44.38
C ASP D 33 60.41 56.25 44.13
N TYR D 34 59.35 56.53 44.87
CA TYR D 34 58.08 55.84 44.68
C TYR D 34 57.29 56.45 43.52
N LYS D 35 57.29 57.78 43.43
CA LYS D 35 56.41 58.50 42.52
C LYS D 35 56.68 58.12 41.06
N SER D 36 57.91 58.32 40.60
CA SER D 36 58.23 58.04 39.19
C SER D 36 58.25 56.54 38.92
N THR D 37 58.73 55.75 39.87
CA THR D 37 58.81 54.31 39.68
C THR D 37 57.44 53.69 39.46
N GLN D 38 56.51 53.91 40.39
CA GLN D 38 55.17 53.36 40.23
C GLN D 38 54.40 54.08 39.13
N SER D 39 54.55 55.41 39.05
CA SER D 39 53.92 56.17 37.98
C SER D 39 54.31 55.68 36.60
N ALA D 40 55.48 55.04 36.47
CA ALA D 40 55.86 54.38 35.23
C ALA D 40 55.40 52.93 35.16
N ILE D 41 55.48 52.21 36.28
CA ILE D 41 55.08 50.80 36.32
C ILE D 41 53.64 50.63 35.85
N ASP D 42 52.75 51.53 36.30
CA ASP D 42 51.35 51.44 35.89
C ASP D 42 51.21 51.49 34.38
N GLN D 43 51.95 52.38 33.72
CA GLN D 43 51.86 52.51 32.27
C GLN D 43 52.64 51.42 31.53
N ILE D 44 53.59 50.76 32.20
CA ILE D 44 54.40 49.75 31.53
C ILE D 44 53.74 48.37 31.60
N THR D 45 53.04 48.06 32.69
CA THR D 45 52.47 46.72 32.85
C THR D 45 51.34 46.46 31.86
N GLY D 46 50.45 47.42 31.68
CA GLY D 46 49.23 47.18 30.92
C GLY D 46 49.35 47.19 29.41
N LYS D 47 50.54 47.51 28.87
CA LYS D 47 50.68 47.62 27.42
C LYS D 47 50.51 46.26 26.73
N LEU D 48 50.89 45.18 27.40
CA LEU D 48 50.65 43.84 26.86
C LEU D 48 49.16 43.66 26.52
N ASN D 49 48.30 43.81 27.53
CA ASN D 49 46.87 43.72 27.30
C ASN D 49 46.36 44.83 26.39
N ARG D 50 47.08 45.95 26.30
CA ARG D 50 46.80 46.91 25.23
C ARG D 50 47.06 46.31 23.85
N LEU D 51 47.89 45.26 23.77
CA LEU D 51 48.08 44.55 22.50
C LEU D 51 47.13 43.36 22.35
N ILE D 52 46.72 42.72 23.45
CA ILE D 52 45.94 41.49 23.36
C ILE D 52 44.48 41.73 23.02
N GLU D 53 44.07 42.98 22.78
CA GLU D 53 42.66 43.24 22.53
C GLU D 53 42.17 42.47 21.31
N LYS D 54 41.01 41.82 21.47
CA LYS D 54 40.43 40.97 20.41
C LYS D 54 38.93 41.26 20.37
N THR D 55 38.54 42.21 19.52
CA THR D 55 37.12 42.43 19.27
C THR D 55 36.56 41.34 18.36
N ASN D 56 37.09 41.25 17.13
CA ASN D 56 36.70 40.23 16.17
C ASN D 56 37.92 39.47 15.65
N GLN D 57 38.97 39.37 16.47
CA GLN D 57 40.19 38.69 16.03
C GLN D 57 39.99 37.18 15.87
N GLN D 58 38.84 36.66 16.26
CA GLN D 58 38.48 35.29 15.95
C GLN D 58 38.07 35.17 14.49
N PHE D 59 38.26 33.99 13.92
CA PHE D 59 37.87 33.75 12.54
C PHE D 59 37.74 32.26 12.30
N GLU D 60 36.81 31.90 11.42
CA GLU D 60 36.54 30.52 11.06
C GLU D 60 37.26 30.18 9.75
N LEU D 61 37.08 28.93 9.31
CA LEU D 61 37.73 28.49 8.08
C LEU D 61 36.91 28.90 6.86
N ILE D 62 37.62 29.17 5.76
CA ILE D 62 36.99 29.30 4.46
C ILE D 62 37.39 28.19 3.51
N ASP D 63 38.58 27.61 3.69
CA ASP D 63 39.04 26.45 2.94
C ASP D 63 39.02 25.23 3.87
N ASN D 64 39.52 24.10 3.38
CA ASN D 64 39.66 22.92 4.22
C ASN D 64 40.82 22.07 3.71
N GLU D 65 41.29 21.18 4.58
CA GLU D 65 42.45 20.36 4.29
C GLU D 65 42.10 19.02 3.66
N PHE D 66 40.97 18.43 4.05
CA PHE D 66 40.64 17.07 3.61
C PHE D 66 40.17 17.06 2.16
N ASN D 67 39.08 17.76 1.86
CA ASN D 67 38.56 17.88 0.51
C ASN D 67 38.87 19.29 0.01
N GLU D 68 40.01 19.43 -0.66
CA GLU D 68 40.49 20.73 -1.07
C GLU D 68 39.53 21.39 -2.07
N VAL D 69 39.45 22.71 -1.99
CA VAL D 69 38.61 23.51 -2.87
C VAL D 69 39.21 23.51 -4.27
N GLU D 70 38.45 24.02 -5.25
CA GLU D 70 38.95 24.09 -6.62
C GLU D 70 40.30 24.78 -6.68
N LYS D 71 41.08 24.42 -7.69
CA LYS D 71 42.49 24.79 -7.73
C LYS D 71 42.68 26.30 -7.78
N GLN D 72 41.96 26.97 -8.69
CA GLN D 72 42.15 28.41 -8.88
C GLN D 72 41.77 29.19 -7.62
N ILE D 73 40.54 28.99 -7.13
CA ILE D 73 40.08 29.71 -5.95
C ILE D 73 40.96 29.40 -4.75
N GLY D 74 41.44 28.16 -4.66
CA GLY D 74 42.40 27.83 -3.61
C GLY D 74 43.68 28.62 -3.73
N ASN D 75 44.18 28.81 -4.96
CA ASN D 75 45.37 29.64 -5.17
C ASN D 75 45.11 31.07 -4.72
N VAL D 76 43.96 31.63 -5.10
CA VAL D 76 43.63 33.00 -4.70
C VAL D 76 43.55 33.11 -3.18
N ILE D 77 43.00 32.09 -2.52
CA ILE D 77 42.88 32.11 -1.07
C ILE D 77 44.27 32.08 -0.43
N ASN D 78 45.14 31.19 -0.90
CA ASN D 78 46.48 31.08 -0.32
C ASN D 78 47.27 32.37 -0.51
N TRP D 79 47.27 32.91 -1.74
CA TRP D 79 48.00 34.14 -2.01
C TRP D 79 47.44 35.31 -1.21
N THR D 80 46.11 35.43 -1.16
CA THR D 80 45.49 36.51 -0.40
C THR D 80 45.86 36.43 1.08
N ARG D 81 45.73 35.23 1.68
CA ARG D 81 46.10 35.08 3.07
C ARG D 81 47.58 35.37 3.30
N ASP D 82 48.43 35.06 2.34
CA ASP D 82 49.84 35.42 2.46
C ASP D 82 50.02 36.93 2.49
N SER D 83 49.29 37.65 1.63
CA SER D 83 49.38 39.11 1.62
C SER D 83 48.91 39.70 2.94
N ILE D 84 47.75 39.24 3.44
CA ILE D 84 47.24 39.71 4.72
C ILE D 84 48.25 39.41 5.83
N THR D 85 48.91 38.26 5.75
CA THR D 85 49.95 37.92 6.72
C THR D 85 51.10 38.93 6.65
N GLU D 86 51.48 39.34 5.44
CA GLU D 86 52.51 40.36 5.30
C GLU D 86 52.09 41.66 5.96
N VAL D 87 50.85 42.09 5.72
CA VAL D 87 50.37 43.35 6.30
C VAL D 87 50.37 43.28 7.82
N TRP D 88 49.74 42.25 8.38
CA TRP D 88 49.67 42.14 9.83
C TRP D 88 51.04 41.97 10.47
N SER D 89 51.98 41.33 9.77
CA SER D 89 53.34 41.23 10.29
C SER D 89 54.02 42.59 10.35
N TYR D 90 53.93 43.36 9.25
CA TYR D 90 54.49 44.70 9.23
C TYR D 90 53.91 45.55 10.35
N ASN D 91 52.58 45.61 10.46
CA ASN D 91 51.96 46.40 11.52
C ASN D 91 52.34 45.89 12.91
N ALA D 92 52.58 44.59 13.04
CA ALA D 92 53.01 44.04 14.32
C ALA D 92 54.39 44.57 14.71
N GLU D 93 55.38 44.43 13.82
CA GLU D 93 56.72 44.92 14.12
C GLU D 93 56.71 46.43 14.37
N LEU D 94 55.96 47.18 13.56
CA LEU D 94 55.90 48.63 13.75
C LEU D 94 55.31 48.98 15.11
N LEU D 95 54.20 48.32 15.48
CA LEU D 95 53.57 48.60 16.77
C LEU D 95 54.51 48.27 17.93
N VAL D 96 55.21 47.15 17.85
CA VAL D 96 56.20 46.81 18.87
C VAL D 96 57.27 47.89 18.95
N ALA D 97 57.74 48.36 17.79
CA ALA D 97 58.81 49.35 17.76
C ALA D 97 58.39 50.65 18.43
N MET D 98 57.22 51.18 18.06
CA MET D 98 56.81 52.46 18.63
C MET D 98 56.33 52.34 20.07
N GLU D 99 55.87 51.16 20.49
CA GLU D 99 55.58 50.98 21.91
C GLU D 99 56.86 50.91 22.74
N ASN D 100 57.90 50.27 22.19
CA ASN D 100 59.20 50.28 22.87
C ASN D 100 59.76 51.70 22.95
N GLN D 101 59.69 52.45 21.85
CA GLN D 101 60.23 53.81 21.84
C GLN D 101 59.47 54.71 22.80
N HIS D 102 58.14 54.75 22.66
CA HIS D 102 57.33 55.56 23.57
C HIS D 102 57.54 55.16 25.03
N THR D 103 57.74 53.86 25.27
CA THR D 103 58.06 53.39 26.62
C THR D 103 59.37 54.00 27.11
N ILE D 104 60.40 53.99 26.25
CA ILE D 104 61.69 54.57 26.62
C ILE D 104 61.53 56.06 26.94
N ASP D 105 60.94 56.82 26.02
CA ASP D 105 60.80 58.25 26.20
C ASP D 105 60.02 58.58 27.47
N LEU D 106 58.96 57.80 27.75
CA LEU D 106 58.21 57.99 28.98
C LEU D 106 59.09 57.72 30.20
N ALA D 107 59.91 56.67 30.15
CA ALA D 107 60.76 56.34 31.28
C ALA D 107 61.80 57.43 31.55
N ASP D 108 62.72 57.65 30.61
CA ASP D 108 63.80 58.61 30.86
C ASP D 108 63.30 60.04 30.94
N SER D 109 62.11 60.33 30.41
CA SER D 109 61.50 61.63 30.65
C SER D 109 60.97 61.72 32.08
N GLU D 110 60.30 60.68 32.56
CA GLU D 110 59.83 60.65 33.94
C GLU D 110 60.98 60.64 34.94
N MET D 111 62.21 60.36 34.50
CA MET D 111 63.36 60.59 35.37
C MET D 111 63.64 62.07 35.54
N ASP D 112 63.80 62.79 34.42
CA ASP D 112 64.13 64.21 34.51
C ASP D 112 62.99 65.05 35.06
N LYS D 113 61.75 64.55 35.00
CA LYS D 113 60.67 65.20 35.74
C LYS D 113 61.01 65.23 37.23
N LEU D 114 61.41 64.09 37.79
CA LEU D 114 61.84 64.03 39.17
C LEU D 114 63.07 64.90 39.41
N TYR D 115 64.02 64.89 38.47
CA TYR D 115 65.21 65.73 38.60
C TYR D 115 64.85 67.20 38.76
N GLU D 116 64.06 67.74 37.83
CA GLU D 116 63.63 69.13 37.92
C GLU D 116 62.71 69.38 39.12
N ARG D 117 62.03 68.35 39.62
CA ARG D 117 61.23 68.51 40.83
C ARG D 117 62.13 68.74 42.05
N VAL D 118 63.13 67.88 42.23
CA VAL D 118 64.08 68.07 43.32
C VAL D 118 64.82 69.39 43.19
N LYS D 119 65.09 69.80 41.94
CA LYS D 119 65.69 71.12 41.71
C LYS D 119 64.76 72.24 42.20
N ARG D 120 63.49 72.18 41.80
CA ARG D 120 62.53 73.20 42.20
C ARG D 120 62.23 73.16 43.69
N GLN D 121 62.59 72.08 44.38
CA GLN D 121 62.70 72.16 45.83
C GLN D 121 63.99 72.87 46.23
N LEU D 122 65.08 72.62 45.52
CA LEU D 122 66.33 73.34 45.71
C LEU D 122 66.41 74.51 44.71
N ARG D 123 65.43 75.40 44.84
CA ARG D 123 65.35 76.63 44.06
C ARG D 123 66.71 77.32 43.91
N GLU D 124 67.35 77.64 45.04
CA GLU D 124 68.66 78.29 45.01
C GLU D 124 69.63 77.75 46.05
N ASN D 125 69.24 76.75 46.84
CA ASN D 125 70.12 76.24 47.89
C ASN D 125 71.30 75.44 47.36
N ALA D 126 71.29 75.08 46.07
CA ALA D 126 72.35 74.28 45.49
C ALA D 126 72.58 74.71 44.05
N GLU D 127 73.67 74.21 43.48
CA GLU D 127 73.99 74.40 42.07
C GLU D 127 74.01 73.05 41.37
N GLU D 128 73.52 73.03 40.14
CA GLU D 128 73.47 71.79 39.37
C GLU D 128 74.88 71.36 38.98
N ASP D 129 75.13 70.06 39.09
CA ASP D 129 76.45 69.50 38.81
C ASP D 129 76.66 69.19 37.34
N GLY D 130 75.58 68.99 36.58
CA GLY D 130 75.69 68.64 35.17
C GLY D 130 75.87 67.15 34.97
N THR D 131 76.45 66.49 35.97
CA THR D 131 76.71 65.06 35.94
C THR D 131 75.59 64.24 36.55
N GLY D 132 74.44 64.86 36.84
CA GLY D 132 73.35 64.19 37.52
C GLY D 132 73.35 64.33 39.03
N CYS D 133 74.39 64.92 39.60
CA CYS D 133 74.44 65.19 41.03
C CYS D 133 73.92 66.61 41.29
N PHE D 134 74.01 67.05 42.54
CA PHE D 134 73.57 68.39 42.93
C PHE D 134 74.52 68.89 44.01
N GLU D 135 75.36 69.86 43.67
CA GLU D 135 76.38 70.36 44.59
C GLU D 135 75.74 71.37 45.55
N ILE D 136 75.69 71.02 46.83
CA ILE D 136 75.13 71.87 47.87
C ILE D 136 76.29 72.40 48.72
N PHE D 137 76.30 73.71 48.93
CA PHE D 137 77.36 74.36 49.69
C PHE D 137 77.07 74.42 51.19
N HIS D 138 76.08 73.68 51.68
CA HIS D 138 75.78 73.64 53.10
C HIS D 138 75.81 72.20 53.59
N LYS D 139 75.90 72.04 54.91
CA LYS D 139 76.08 70.73 55.54
C LYS D 139 74.71 70.08 55.72
N CYS D 140 74.33 69.28 54.74
CA CYS D 140 73.02 68.61 54.73
C CYS D 140 73.17 67.26 55.43
N ASP D 141 72.75 67.21 56.69
CA ASP D 141 72.85 65.98 57.47
C ASP D 141 71.85 64.95 56.96
N ASP D 142 71.85 63.77 57.59
CA ASP D 142 70.95 62.71 57.19
C ASP D 142 69.49 63.13 57.31
N ASP D 143 69.17 63.91 58.35
CA ASP D 143 67.81 64.44 58.49
C ASP D 143 67.47 65.37 57.33
N CYS D 144 68.44 66.17 56.88
CA CYS D 144 68.21 67.04 55.73
C CYS D 144 68.01 66.24 54.45
N MET D 145 68.80 65.18 54.26
CA MET D 145 68.59 64.30 53.11
C MET D 145 67.19 63.69 53.14
N ALA D 146 66.74 63.26 54.32
CA ALA D 146 65.38 62.78 54.47
C ALA D 146 64.37 63.87 54.09
N SER D 147 64.64 65.11 54.49
CA SER D 147 63.77 66.21 54.12
C SER D 147 63.72 66.40 52.61
N ILE D 148 64.81 66.09 51.92
CA ILE D 148 64.80 66.15 50.45
C ILE D 148 63.94 65.02 49.89
N ARG D 149 64.23 63.78 50.29
CA ARG D 149 63.52 62.64 49.72
C ARG D 149 62.05 62.62 50.13
N ASN D 150 61.75 62.98 51.37
CA ASN D 150 60.38 63.02 51.85
C ASN D 150 59.67 64.34 51.51
N ASN D 151 60.35 65.26 50.82
CA ASN D 151 59.75 66.51 50.35
C ASN D 151 59.24 67.35 51.51
N THR D 152 60.10 67.56 52.52
CA THR D 152 59.80 68.42 53.65
C THR D 152 60.96 69.37 53.95
N TYR D 153 61.78 69.65 52.94
CA TYR D 153 62.93 70.54 53.11
C TYR D 153 62.48 71.97 52.84
N ASP D 154 62.45 72.79 53.89
CA ASP D 154 62.11 74.20 53.77
C ASP D 154 63.37 74.95 53.36
N HIS D 155 63.44 75.33 52.08
CA HIS D 155 64.60 76.04 51.57
C HIS D 155 64.77 77.41 52.21
N SER D 156 63.71 77.96 52.82
CA SER D 156 63.82 79.21 53.54
C SER D 156 64.48 79.06 54.90
N LYS D 157 64.54 77.84 55.44
CA LYS D 157 65.26 77.61 56.68
C LYS D 157 66.76 77.71 56.46
N TYR D 158 67.29 76.86 55.58
CA TYR D 158 68.71 76.83 55.26
C TYR D 158 69.07 77.81 54.13
N ARG D 159 68.16 78.71 53.78
CA ARG D 159 68.37 79.60 52.64
C ARG D 159 69.44 80.65 52.93
N GLU D 160 69.42 81.23 54.14
CA GLU D 160 70.34 82.30 54.47
C GLU D 160 71.79 81.84 54.34
N GLU D 161 72.16 80.78 55.06
CA GLU D 161 73.53 80.29 54.96
C GLU D 161 73.77 79.59 53.62
N ALA D 162 72.71 79.04 53.00
CA ALA D 162 72.87 78.39 51.71
C ALA D 162 73.38 79.37 50.66
N MET D 163 72.74 80.55 50.56
CA MET D 163 73.23 81.56 49.64
C MET D 163 74.47 82.25 50.19
N GLN D 164 74.63 82.30 51.52
CA GLN D 164 75.79 82.95 52.11
C GLN D 164 77.08 82.23 51.74
N ASN D 165 77.05 80.90 51.69
CA ASN D 165 78.23 80.15 51.27
C ASN D 165 78.58 80.44 49.81
N ARG D 166 77.57 80.69 48.98
CA ARG D 166 77.72 81.00 47.55
C ARG D 166 78.71 80.07 46.84
N GLU E 1 13.85 -23.43 -0.05
CA GLU E 1 12.69 -23.35 0.84
C GLU E 1 11.57 -22.56 0.17
N VAL E 2 11.93 -21.55 -0.61
CA VAL E 2 10.94 -20.73 -1.29
C VAL E 2 10.16 -21.59 -2.30
N GLN E 3 8.84 -21.40 -2.32
CA GLN E 3 8.01 -22.14 -3.26
C GLN E 3 6.70 -21.38 -3.48
N LEU E 4 6.07 -21.66 -4.62
CA LEU E 4 4.74 -21.19 -4.95
C LEU E 4 3.84 -22.39 -5.22
N LEU E 5 2.54 -22.21 -4.98
CA LEU E 5 1.60 -23.33 -5.05
C LEU E 5 0.30 -22.85 -5.68
N GLU E 6 0.10 -23.19 -6.96
CA GLU E 6 -1.11 -22.83 -7.69
C GLU E 6 -2.13 -23.96 -7.59
N SER E 7 -3.40 -23.57 -7.43
CA SER E 7 -4.47 -24.56 -7.31
C SER E 7 -5.78 -23.92 -7.75
N GLY E 8 -6.79 -24.76 -7.94
CA GLY E 8 -8.11 -24.31 -8.31
C GLY E 8 -8.47 -24.46 -9.77
N GLY E 9 -7.58 -25.04 -10.59
CA GLY E 9 -7.88 -25.21 -11.99
C GLY E 9 -8.74 -26.43 -12.26
N GLY E 10 -9.43 -26.38 -13.38
CA GLY E 10 -10.31 -27.48 -13.76
C GLY E 10 -10.95 -27.20 -15.10
N VAL E 11 -11.84 -28.10 -15.48
CA VAL E 11 -12.54 -28.00 -16.76
C VAL E 11 -13.88 -27.30 -16.54
N VAL E 12 -14.15 -26.30 -17.36
CA VAL E 12 -15.43 -25.60 -17.39
C VAL E 12 -15.82 -25.34 -18.83
N GLN E 13 -17.04 -24.87 -19.02
CA GLN E 13 -17.54 -24.51 -20.33
C GLN E 13 -17.40 -23.02 -20.56
N PRO E 14 -17.43 -22.58 -21.83
CA PRO E 14 -17.37 -21.14 -22.10
C PRO E 14 -18.51 -20.40 -21.41
N GLY E 15 -18.24 -19.15 -21.05
CA GLY E 15 -19.20 -18.32 -20.35
C GLY E 15 -19.24 -18.52 -18.85
N ARG E 16 -18.53 -19.50 -18.31
CA ARG E 16 -18.57 -19.81 -16.89
C ARG E 16 -17.47 -19.04 -16.15
N SER E 17 -17.27 -19.38 -14.88
CA SER E 17 -16.35 -18.65 -14.02
C SER E 17 -15.38 -19.61 -13.36
N LEU E 18 -14.35 -19.03 -12.74
CA LEU E 18 -13.38 -19.79 -11.98
C LEU E 18 -12.61 -18.84 -11.09
N ARG E 19 -12.05 -19.39 -10.01
CA ARG E 19 -11.25 -18.62 -9.07
C ARG E 19 -10.00 -19.42 -8.75
N LEU E 20 -8.84 -18.83 -8.96
CA LEU E 20 -7.56 -19.47 -8.72
C LEU E 20 -6.89 -18.87 -7.49
N SER E 21 -6.05 -19.67 -6.84
CA SER E 21 -5.32 -19.25 -5.66
C SER E 21 -3.89 -19.76 -5.74
N CYS E 22 -2.95 -18.90 -5.36
CA CYS E 22 -1.51 -19.18 -5.37
C CYS E 22 -1.01 -18.99 -3.95
N ALA E 23 -0.78 -20.09 -3.23
CA ALA E 23 -0.30 -20.03 -1.85
C ALA E 23 1.22 -19.94 -1.87
N ALA E 24 1.75 -18.83 -1.35
CA ALA E 24 3.18 -18.56 -1.36
C ALA E 24 3.79 -18.88 0.00
N SER E 25 4.99 -19.45 -0.03
CA SER E 25 5.72 -19.78 1.18
C SER E 25 7.21 -19.77 0.89
N GLY E 26 7.98 -19.22 1.84
CA GLY E 26 9.42 -19.21 1.72
C GLY E 26 10.05 -17.86 1.46
N PHE E 27 9.28 -16.78 1.49
CA PHE E 27 9.83 -15.44 1.24
C PHE E 27 8.86 -14.41 1.79
N THR E 28 9.34 -13.16 1.84
CA THR E 28 8.54 -12.04 2.35
C THR E 28 7.50 -11.69 1.29
N PHE E 29 6.41 -12.46 1.28
CA PHE E 29 5.37 -12.32 0.27
C PHE E 29 4.78 -10.91 0.26
N SER E 30 4.61 -10.31 1.43
CA SER E 30 3.96 -9.00 1.55
C SER E 30 4.78 -7.87 0.94
N SER E 31 5.98 -8.15 0.42
CA SER E 31 6.86 -7.10 -0.10
C SER E 31 6.93 -7.05 -1.61
N TYR E 32 6.89 -8.19 -2.30
CA TYR E 32 7.01 -8.21 -3.75
C TYR E 32 5.63 -8.20 -4.40
N ALA E 33 5.55 -7.56 -5.57
CA ALA E 33 4.36 -7.64 -6.39
C ALA E 33 4.27 -9.01 -7.05
N ILE E 34 3.04 -9.46 -7.30
CA ILE E 34 2.86 -10.84 -7.77
C ILE E 34 2.08 -10.85 -9.08
N HIS E 35 2.42 -11.79 -9.94
CA HIS E 35 1.90 -11.84 -11.30
C HIS E 35 1.22 -13.18 -11.59
N TRP E 36 0.24 -13.13 -12.48
CA TRP E 36 -0.33 -14.31 -13.12
C TRP E 36 0.13 -14.31 -14.58
N VAL E 37 0.76 -15.40 -15.00
CA VAL E 37 1.24 -15.58 -16.36
C VAL E 37 0.82 -16.97 -16.84
N ARG E 38 0.07 -17.03 -17.92
CA ARG E 38 -0.45 -18.28 -18.45
C ARG E 38 0.32 -18.69 -19.70
N GLN E 39 0.10 -19.95 -20.10
CA GLN E 39 0.71 -20.50 -21.30
C GLN E 39 -0.27 -21.47 -21.94
N ALA E 40 -0.69 -21.15 -23.16
CA ALA E 40 -1.61 -22.02 -23.88
C ALA E 40 -0.92 -23.34 -24.21
N PRO E 41 -1.68 -24.43 -24.36
CA PRO E 41 -1.07 -25.73 -24.62
C PRO E 41 -0.33 -25.73 -25.96
N GLY E 42 0.96 -26.05 -25.90
CA GLY E 42 1.80 -26.04 -27.08
C GLY E 42 2.17 -24.69 -27.60
N LYS E 43 1.68 -23.61 -27.00
CA LYS E 43 1.97 -22.25 -27.41
C LYS E 43 2.99 -21.63 -26.45
N GLY E 44 3.22 -20.33 -26.61
CA GLY E 44 4.18 -19.61 -25.80
C GLY E 44 3.56 -18.89 -24.61
N LEU E 45 4.44 -18.26 -23.83
CA LEU E 45 4.02 -17.59 -22.61
C LEU E 45 3.27 -16.29 -22.92
N GLU E 46 2.18 -16.06 -22.19
CA GLU E 46 1.41 -14.83 -22.29
C GLU E 46 1.16 -14.27 -20.90
N TRP E 47 1.67 -13.08 -20.65
CA TRP E 47 1.47 -12.43 -19.35
C TRP E 47 0.00 -12.04 -19.18
N VAL E 48 -0.54 -12.28 -17.99
CA VAL E 48 -1.96 -12.09 -17.71
C VAL E 48 -2.21 -10.86 -16.85
N ALA E 49 -1.69 -10.84 -15.63
CA ALA E 49 -2.01 -9.74 -14.73
C ALA E 49 -0.93 -9.61 -13.66
N LEU E 50 -1.01 -8.53 -12.90
CA LEU E 50 -0.08 -8.27 -11.80
C LEU E 50 -0.77 -7.41 -10.76
N ILE E 51 -0.39 -7.62 -9.50
CA ILE E 51 -0.89 -6.81 -8.38
C ILE E 51 0.32 -6.32 -7.58
N SER E 52 0.23 -5.08 -7.12
CA SER E 52 1.33 -4.40 -6.45
C SER E 52 1.55 -4.99 -5.05
N TYR E 53 2.61 -4.49 -4.40
CA TYR E 53 3.03 -5.07 -3.12
C TYR E 53 1.97 -4.93 -2.04
N ASP E 54 1.09 -3.93 -2.16
CA ASP E 54 0.04 -3.72 -1.17
C ASP E 54 -1.35 -3.82 -1.78
N GLY E 55 -1.47 -4.21 -3.04
CA GLY E 55 -2.76 -4.27 -3.68
C GLY E 55 -3.32 -2.94 -4.11
N SER E 56 -2.52 -1.86 -4.04
CA SER E 56 -3.01 -0.55 -4.47
C SER E 56 -3.34 -0.55 -5.95
N ASN E 57 -2.43 -1.04 -6.78
CA ASN E 57 -2.60 -1.04 -8.23
C ASN E 57 -2.71 -2.46 -8.75
N LYS E 58 -3.58 -2.65 -9.73
CA LYS E 58 -3.77 -3.94 -10.40
C LYS E 58 -3.75 -3.68 -11.90
N TYR E 59 -2.88 -4.40 -12.61
CA TYR E 59 -2.71 -4.22 -14.05
C TYR E 59 -3.06 -5.53 -14.75
N TYR E 60 -3.93 -5.45 -15.75
CA TYR E 60 -4.42 -6.62 -16.46
C TYR E 60 -4.08 -6.50 -17.95
N ALA E 61 -3.96 -7.66 -18.60
CA ALA E 61 -3.70 -7.69 -20.02
C ALA E 61 -4.96 -7.32 -20.80
N ASP E 62 -4.75 -6.93 -22.07
CA ASP E 62 -5.86 -6.44 -22.88
C ASP E 62 -6.83 -7.56 -23.24
N SER E 63 -6.32 -8.75 -23.55
CA SER E 63 -7.17 -9.90 -23.83
C SER E 63 -7.91 -10.38 -22.60
N VAL E 64 -7.76 -9.70 -21.47
CA VAL E 64 -8.29 -10.14 -20.19
C VAL E 64 -9.16 -9.09 -19.51
N LYS E 65 -9.03 -7.81 -19.83
CA LYS E 65 -9.74 -6.75 -19.15
C LYS E 65 -11.24 -7.00 -19.11
N GLY E 66 -11.87 -6.57 -18.03
CA GLY E 66 -13.30 -6.73 -17.88
C GLY E 66 -13.68 -8.07 -17.29
N ARG E 67 -12.98 -9.12 -17.72
CA ARG E 67 -13.33 -10.48 -17.32
C ARG E 67 -12.59 -10.92 -16.04
N PHE E 68 -11.26 -10.92 -16.08
CA PHE E 68 -10.50 -11.40 -14.93
C PHE E 68 -10.36 -10.27 -13.90
N THR E 69 -10.19 -10.67 -12.64
CA THR E 69 -10.00 -9.71 -11.56
C THR E 69 -9.08 -10.34 -10.52
N ILE E 70 -7.90 -9.75 -10.36
CA ILE E 70 -6.87 -10.29 -9.46
C ILE E 70 -7.01 -9.63 -8.09
N SER E 71 -6.63 -10.38 -7.06
CA SER E 71 -6.67 -9.89 -5.69
C SER E 71 -5.69 -10.71 -4.88
N ARG E 72 -5.39 -10.24 -3.67
CA ARG E 72 -4.43 -10.92 -2.80
C ARG E 72 -4.85 -10.79 -1.35
N ASP E 73 -4.43 -11.76 -0.55
CA ASP E 73 -4.60 -11.77 0.89
C ASP E 73 -3.23 -11.95 1.52
N ASN E 74 -2.67 -10.85 2.04
CA ASN E 74 -1.37 -10.93 2.69
C ASN E 74 -1.44 -11.66 4.02
N SER E 75 -2.58 -11.56 4.72
CA SER E 75 -2.74 -12.23 6.01
C SER E 75 -2.65 -13.74 5.87
N LYS E 76 -3.07 -14.28 4.72
CA LYS E 76 -3.00 -15.72 4.45
C LYS E 76 -1.92 -16.07 3.45
N ASN E 77 -1.19 -15.08 2.91
CA ASN E 77 -0.16 -15.30 1.90
C ASN E 77 -0.72 -16.04 0.68
N THR E 78 -1.81 -15.52 0.13
CA THR E 78 -2.51 -16.23 -0.94
C THR E 78 -2.91 -15.25 -2.03
N LEU E 79 -2.75 -15.68 -3.28
CA LEU E 79 -3.16 -14.91 -4.45
C LEU E 79 -4.44 -15.49 -5.04
N TYR E 80 -5.23 -14.62 -5.69
CA TYR E 80 -6.50 -15.03 -6.26
C TYR E 80 -6.69 -14.39 -7.62
N LEU E 81 -7.16 -15.18 -8.59
CA LEU E 81 -7.49 -14.70 -9.92
C LEU E 81 -8.91 -15.12 -10.24
N GLN E 82 -9.80 -14.14 -10.39
CA GLN E 82 -11.21 -14.41 -10.66
C GLN E 82 -11.41 -14.38 -12.17
N MET E 83 -11.60 -15.56 -12.74
CA MET E 83 -11.79 -15.73 -14.19
C MET E 83 -13.24 -16.07 -14.46
N ASN E 84 -14.09 -15.06 -14.60
CA ASN E 84 -15.46 -15.27 -15.03
C ASN E 84 -15.65 -14.77 -16.45
N SER E 85 -16.78 -15.17 -17.04
CA SER E 85 -17.05 -14.94 -18.46
C SER E 85 -15.98 -15.57 -19.33
N LEU E 86 -15.61 -16.81 -19.01
CA LEU E 86 -14.47 -17.47 -19.63
C LEU E 86 -14.72 -17.74 -21.11
N ARG E 87 -13.62 -17.92 -21.84
CA ARG E 87 -13.66 -18.20 -23.27
C ARG E 87 -12.73 -19.36 -23.59
N ALA E 88 -12.95 -19.97 -24.76
CA ALA E 88 -12.14 -21.11 -25.18
C ALA E 88 -10.68 -20.73 -25.36
N GLU E 89 -10.41 -19.47 -25.70
CA GLU E 89 -9.02 -19.05 -25.89
C GLU E 89 -8.27 -19.02 -24.57
N ASP E 90 -8.96 -18.87 -23.45
CA ASP E 90 -8.31 -18.87 -22.14
C ASP E 90 -7.80 -20.24 -21.73
N THR E 91 -8.03 -21.28 -22.53
CA THR E 91 -7.53 -22.60 -22.23
C THR E 91 -6.00 -22.60 -22.17
N ALA E 92 -5.46 -22.81 -20.98
CA ALA E 92 -4.01 -22.67 -20.78
C ALA E 92 -3.66 -23.15 -19.38
N VAL E 93 -2.37 -23.43 -19.19
CA VAL E 93 -1.82 -23.57 -17.85
C VAL E 93 -1.63 -22.18 -17.27
N TYR E 94 -1.81 -22.04 -15.96
CA TYR E 94 -1.72 -20.75 -15.29
C TYR E 94 -0.67 -20.83 -14.19
N TYR E 95 0.39 -20.05 -14.34
CA TYR E 95 1.45 -19.94 -13.35
C TYR E 95 1.30 -18.65 -12.57
N CYS E 96 1.56 -18.71 -11.27
CA CYS E 96 1.80 -17.50 -10.50
C CYS E 96 3.31 -17.31 -10.36
N ASN E 97 3.74 -16.06 -10.42
CA ASN E 97 5.16 -15.73 -10.48
C ASN E 97 5.40 -14.44 -9.73
N GLY E 98 6.20 -14.50 -8.67
CA GLY E 98 6.65 -13.29 -8.01
C GLY E 98 7.67 -12.57 -8.88
N HIS E 99 7.46 -11.27 -9.08
CA HIS E 99 8.26 -10.51 -10.03
C HIS E 99 8.25 -9.06 -9.58
N GLY E 100 9.35 -8.63 -8.95
CA GLY E 100 9.44 -7.27 -8.47
C GLY E 100 10.66 -6.99 -7.62
N SER E 101 10.99 -5.71 -7.47
CA SER E 101 12.14 -5.33 -6.66
C SER E 101 11.89 -5.62 -5.19
N GLY E 102 10.76 -5.17 -4.67
CA GLY E 102 10.45 -5.38 -3.26
C GLY E 102 11.12 -4.43 -2.31
N GLY E 103 11.36 -3.18 -2.75
CA GLY E 103 11.92 -2.16 -1.92
C GLY E 103 13.41 -1.94 -2.09
N GLU E 104 14.13 -2.90 -2.64
CA GLU E 104 15.58 -2.79 -2.81
C GLU E 104 15.91 -2.45 -4.25
N VAL E 105 16.87 -1.54 -4.44
CA VAL E 105 17.29 -1.18 -5.78
C VAL E 105 18.49 -2.02 -6.23
N GLY E 106 19.28 -2.54 -5.30
CA GLY E 106 20.28 -3.52 -5.67
C GLY E 106 19.61 -4.77 -6.17
N SER E 107 18.89 -5.45 -5.28
CA SER E 107 17.88 -6.43 -5.65
C SER E 107 18.47 -7.55 -6.50
N ASN E 108 19.32 -8.35 -5.87
CA ASN E 108 19.72 -9.62 -6.47
C ASN E 108 18.47 -10.36 -6.96
N TRP E 109 18.63 -11.05 -8.09
CA TRP E 109 17.46 -11.51 -8.84
C TRP E 109 16.57 -12.42 -8.01
N PHE E 110 15.30 -12.05 -7.91
CA PHE E 110 14.28 -12.86 -7.25
C PHE E 110 13.10 -12.97 -8.21
N ASP E 111 12.88 -14.18 -8.74
CA ASP E 111 11.82 -14.42 -9.72
C ASP E 111 11.32 -15.85 -9.56
N PRO E 112 10.55 -16.12 -8.51
CA PRO E 112 10.05 -17.48 -8.29
C PRO E 112 8.86 -17.79 -9.16
N TRP E 113 8.81 -19.03 -9.64
CA TRP E 113 7.71 -19.54 -10.44
C TRP E 113 7.14 -20.77 -9.77
N GLY E 114 5.81 -20.84 -9.72
CA GLY E 114 5.16 -22.07 -9.36
C GLY E 114 5.22 -23.06 -10.52
N GLN E 115 4.48 -24.15 -10.35
CA GLN E 115 4.44 -25.19 -11.36
C GLN E 115 3.25 -25.08 -12.31
N GLY E 116 2.23 -24.33 -11.93
CA GLY E 116 1.13 -24.09 -12.86
C GLY E 116 -0.07 -24.96 -12.54
N THR E 117 -1.24 -24.45 -12.88
CA THR E 117 -2.49 -25.21 -12.78
C THR E 117 -3.19 -25.16 -14.13
N LEU E 118 -3.54 -26.34 -14.65
CA LEU E 118 -4.16 -26.40 -15.97
C LEU E 118 -5.61 -25.96 -15.89
N VAL E 119 -6.01 -25.08 -16.82
CA VAL E 119 -7.39 -24.64 -16.95
C VAL E 119 -7.83 -24.93 -18.38
N THR E 120 -8.76 -25.87 -18.53
CA THR E 120 -9.30 -26.24 -19.83
C THR E 120 -10.72 -25.69 -19.95
N VAL E 121 -11.02 -25.07 -21.08
CA VAL E 121 -12.34 -24.54 -21.38
C VAL E 121 -12.82 -25.25 -22.64
N SER E 122 -13.52 -26.37 -22.45
CA SER E 122 -14.06 -27.15 -23.56
C SER E 122 -15.57 -27.11 -23.52
N SER E 123 -16.19 -27.37 -24.67
CA SER E 123 -17.64 -27.18 -24.79
C SER E 123 -18.42 -28.37 -24.25
N ALA E 124 -18.33 -29.52 -24.93
CA ALA E 124 -19.28 -30.59 -24.67
C ALA E 124 -18.92 -31.89 -25.38
N SER E 125 -19.89 -32.80 -25.44
CA SER E 125 -19.93 -33.86 -26.45
C SER E 125 -18.84 -34.91 -26.37
N THR E 126 -18.83 -35.72 -25.30
CA THR E 126 -18.21 -37.02 -25.41
C THR E 126 -18.85 -37.72 -26.61
N LYS E 127 -18.09 -37.94 -27.67
CA LYS E 127 -18.66 -38.24 -28.97
C LYS E 127 -17.95 -39.44 -29.59
N GLY E 128 -18.57 -40.01 -30.62
CA GLY E 128 -18.02 -41.11 -31.35
C GLY E 128 -17.29 -40.67 -32.60
N PRO E 129 -16.09 -41.19 -32.82
CA PRO E 129 -15.31 -40.77 -33.99
C PRO E 129 -15.90 -41.29 -35.29
N SER E 130 -15.85 -40.43 -36.32
CA SER E 130 -16.30 -40.78 -37.65
C SER E 130 -15.08 -41.06 -38.54
N VAL E 131 -15.14 -42.17 -39.28
CA VAL E 131 -14.02 -42.64 -40.09
C VAL E 131 -14.28 -42.31 -41.55
N PHE E 132 -13.24 -41.85 -42.24
CA PHE E 132 -13.33 -41.48 -43.64
C PHE E 132 -12.21 -42.14 -44.44
N PRO E 133 -12.45 -42.45 -45.72
CA PRO E 133 -11.41 -43.11 -46.53
C PRO E 133 -10.54 -42.13 -47.31
N LEU E 134 -9.25 -42.44 -47.44
CA LEU E 134 -8.33 -41.65 -48.26
C LEU E 134 -7.38 -42.61 -48.98
N ALA E 135 -7.62 -42.79 -50.31
CA ALA E 135 -7.03 -43.71 -51.27
C ALA E 135 -5.88 -43.05 -52.02
N PRO E 136 -4.92 -43.86 -52.52
CA PRO E 136 -3.83 -43.31 -53.34
C PRO E 136 -4.28 -43.10 -54.78
N SER E 137 -4.32 -41.85 -55.21
CA SER E 137 -4.76 -41.53 -56.56
C SER E 137 -3.70 -41.93 -57.58
N SER E 138 -3.83 -43.13 -58.13
CA SER E 138 -2.87 -43.64 -59.10
C SER E 138 -3.18 -43.17 -60.52
N GLY E 144 8.39 -45.59 -56.41
CA GLY E 144 8.66 -46.93 -55.92
C GLY E 144 7.62 -47.45 -54.96
N THR E 145 7.24 -46.63 -53.99
CA THR E 145 6.25 -46.99 -52.99
C THR E 145 5.20 -45.89 -52.90
N ALA E 146 4.05 -46.26 -52.34
CA ALA E 146 2.93 -45.35 -52.17
C ALA E 146 2.44 -45.41 -50.72
N ALA E 147 1.39 -44.65 -50.43
CA ALA E 147 0.83 -44.60 -49.09
C ALA E 147 -0.61 -44.12 -49.16
N LEU E 148 -1.43 -44.65 -48.25
CA LEU E 148 -2.82 -44.23 -48.14
C LEU E 148 -3.16 -44.07 -46.67
N GLY E 149 -4.43 -43.80 -46.37
CA GLY E 149 -4.78 -43.54 -44.98
C GLY E 149 -6.19 -43.88 -44.55
N CYS E 150 -6.54 -43.43 -43.35
CA CYS E 150 -7.85 -43.65 -42.74
C CYS E 150 -8.07 -42.56 -41.71
N LEU E 151 -9.23 -41.90 -41.78
CA LEU E 151 -9.49 -40.69 -41.00
C LEU E 151 -10.37 -41.01 -39.79
N VAL E 152 -9.90 -40.60 -38.62
CA VAL E 152 -10.64 -40.72 -37.36
C VAL E 152 -10.89 -39.29 -36.87
N LYS E 153 -12.07 -38.77 -37.15
CA LYS E 153 -12.35 -37.35 -36.95
C LYS E 153 -13.47 -37.15 -35.93
N ASP E 154 -13.37 -36.04 -35.20
CA ASP E 154 -14.44 -35.52 -34.33
C ASP E 154 -14.84 -36.54 -33.25
N TYR E 155 -13.88 -36.79 -32.36
CA TYR E 155 -14.12 -37.60 -31.18
C TYR E 155 -13.67 -36.85 -29.94
N PHE E 156 -14.06 -37.38 -28.77
CA PHE E 156 -13.71 -36.83 -27.47
C PHE E 156 -14.09 -37.83 -26.38
N PRO E 157 -13.24 -38.02 -25.35
CA PRO E 157 -11.90 -37.46 -25.20
C PRO E 157 -10.79 -38.47 -25.49
N GLU E 158 -9.55 -38.07 -25.22
CA GLU E 158 -8.40 -38.97 -25.33
C GLU E 158 -8.39 -39.94 -24.14
N PRO E 159 -7.78 -41.13 -24.30
CA PRO E 159 -7.10 -41.64 -25.49
C PRO E 159 -7.99 -42.54 -26.35
N VAL E 160 -7.39 -43.22 -27.33
CA VAL E 160 -8.09 -44.14 -28.20
C VAL E 160 -7.18 -45.33 -28.50
N THR E 161 -7.76 -46.33 -29.17
CA THR E 161 -7.04 -47.55 -29.53
C THR E 161 -7.13 -47.74 -31.04
N VAL E 162 -5.98 -47.89 -31.69
CA VAL E 162 -5.88 -47.94 -33.15
C VAL E 162 -5.52 -49.35 -33.58
N SER E 163 -5.93 -49.70 -34.79
CA SER E 163 -5.59 -50.98 -35.40
C SER E 163 -5.87 -50.91 -36.90
N TRP E 164 -4.94 -51.45 -37.70
CA TRP E 164 -5.11 -51.55 -39.14
C TRP E 164 -5.26 -53.02 -39.52
N ASN E 165 -6.35 -53.33 -40.25
CA ASN E 165 -6.67 -54.70 -40.65
C ASN E 165 -6.75 -55.62 -39.43
N SER E 166 -7.27 -55.08 -38.32
CA SER E 166 -7.34 -55.78 -37.04
C SER E 166 -5.96 -56.26 -36.58
N GLY E 167 -5.02 -55.32 -36.56
CA GLY E 167 -3.67 -55.63 -36.11
C GLY E 167 -2.93 -56.62 -36.98
N ALA E 168 -3.27 -56.69 -38.27
CA ALA E 168 -2.60 -57.60 -39.18
C ALA E 168 -1.31 -57.02 -39.75
N LEU E 169 -1.36 -55.76 -40.19
CA LEU E 169 -0.19 -55.05 -40.71
C LEU E 169 0.35 -54.16 -39.59
N THR E 170 1.54 -54.51 -39.09
CA THR E 170 2.17 -53.78 -37.99
C THR E 170 3.22 -52.78 -38.46
N SER E 171 4.01 -53.12 -39.47
CA SER E 171 5.01 -52.23 -40.01
C SER E 171 4.47 -51.52 -41.25
N GLY E 172 5.10 -50.39 -41.58
CA GLY E 172 4.65 -49.56 -42.67
C GLY E 172 3.47 -48.67 -42.37
N VAL E 173 2.97 -48.69 -41.13
CA VAL E 173 1.86 -47.85 -40.71
C VAL E 173 2.28 -47.11 -39.44
N HIS E 174 1.88 -45.84 -39.34
CA HIS E 174 2.20 -45.03 -38.18
C HIS E 174 0.97 -44.30 -37.69
N THR E 175 0.85 -44.17 -36.36
CA THR E 175 -0.26 -43.51 -35.71
C THR E 175 0.25 -42.22 -35.06
N PHE E 176 -0.36 -41.10 -35.43
CA PHE E 176 0.07 -39.77 -35.01
C PHE E 176 -0.84 -39.22 -33.93
N PRO E 177 -0.34 -38.30 -33.11
CA PRO E 177 -1.19 -37.68 -32.08
C PRO E 177 -2.34 -36.90 -32.71
N ALA E 178 -3.31 -36.55 -31.86
CA ALA E 178 -4.53 -35.92 -32.30
C ALA E 178 -4.41 -34.40 -32.30
N VAL E 179 -5.32 -33.77 -33.05
CA VAL E 179 -5.43 -32.32 -33.08
C VAL E 179 -6.65 -31.91 -32.27
N LEU E 180 -6.60 -30.70 -31.72
CA LEU E 180 -7.71 -30.12 -30.99
C LEU E 180 -8.32 -29.04 -31.87
N GLN E 181 -9.47 -29.34 -32.48
CA GLN E 181 -10.15 -28.36 -33.29
C GLN E 181 -10.72 -27.26 -32.40
N SER E 182 -11.01 -26.11 -33.02
CA SER E 182 -11.69 -25.04 -32.30
C SER E 182 -13.08 -25.46 -31.85
N SER E 183 -13.66 -26.48 -32.47
CA SER E 183 -14.92 -27.06 -32.03
C SER E 183 -14.78 -27.89 -30.76
N GLY E 184 -13.58 -28.02 -30.22
CA GLY E 184 -13.36 -28.77 -28.99
C GLY E 184 -13.23 -30.26 -29.16
N LEU E 185 -13.27 -30.78 -30.39
CA LEU E 185 -13.25 -32.21 -30.66
C LEU E 185 -11.87 -32.64 -31.15
N TYR E 186 -11.47 -33.84 -30.74
CA TYR E 186 -10.19 -34.40 -31.13
C TYR E 186 -10.30 -35.14 -32.46
N SER E 187 -9.15 -35.33 -33.10
CA SER E 187 -9.07 -36.07 -34.36
C SER E 187 -7.63 -36.46 -34.66
N LEU E 188 -7.38 -37.74 -34.96
CA LEU E 188 -6.05 -38.19 -35.33
C LEU E 188 -6.15 -39.16 -36.50
N SER E 189 -5.02 -39.38 -37.14
CA SER E 189 -4.93 -40.26 -38.30
C SER E 189 -3.78 -41.24 -38.11
N SER E 190 -3.69 -42.18 -39.05
CA SER E 190 -2.62 -43.18 -39.05
C SER E 190 -2.38 -43.59 -40.50
N VAL E 191 -1.20 -43.28 -41.04
CA VAL E 191 -0.92 -43.44 -42.46
C VAL E 191 -0.24 -44.79 -42.68
N VAL E 192 -0.61 -45.46 -43.76
CA VAL E 192 -0.03 -46.75 -44.13
C VAL E 192 0.81 -46.58 -45.37
N THR E 193 2.08 -47.00 -45.29
CA THR E 193 3.02 -46.92 -46.39
C THR E 193 3.23 -48.32 -46.94
N VAL E 194 2.88 -48.52 -48.22
CA VAL E 194 3.01 -49.82 -48.85
C VAL E 194 3.55 -49.63 -50.27
N PRO E 195 4.39 -50.54 -50.77
CA PRO E 195 4.82 -50.44 -52.17
C PRO E 195 3.62 -50.58 -53.11
N SER E 196 3.75 -49.97 -54.29
CA SER E 196 2.65 -49.91 -55.25
C SER E 196 2.35 -51.28 -55.84
N SER E 197 3.12 -52.28 -55.41
CA SER E 197 2.84 -53.66 -55.82
C SER E 197 1.47 -54.11 -55.32
N SER E 198 1.29 -54.19 -54.00
CA SER E 198 0.00 -54.59 -53.45
C SER E 198 -1.02 -53.48 -53.60
N LEU E 199 -1.41 -53.20 -54.84
CA LEU E 199 -2.34 -52.11 -55.17
C LEU E 199 -3.71 -52.73 -55.44
N GLY E 200 -4.47 -52.93 -54.37
CA GLY E 200 -5.80 -53.53 -54.46
C GLY E 200 -5.86 -54.97 -54.02
N THR E 201 -4.74 -55.70 -54.06
CA THR E 201 -4.74 -57.10 -53.65
C THR E 201 -5.09 -57.24 -52.17
N GLN E 202 -4.29 -56.62 -51.31
CA GLN E 202 -4.53 -56.65 -49.87
C GLN E 202 -5.67 -55.68 -49.55
N THR E 203 -6.81 -56.22 -49.11
CA THR E 203 -7.93 -55.37 -48.73
C THR E 203 -7.56 -54.51 -47.54
N TYR E 204 -7.87 -53.22 -47.63
CA TYR E 204 -7.47 -52.23 -46.63
C TYR E 204 -8.69 -51.86 -45.80
N ILE E 205 -8.77 -52.44 -44.60
CA ILE E 205 -9.88 -52.22 -43.68
C ILE E 205 -9.34 -51.53 -42.43
N CYS E 206 -9.98 -50.43 -42.04
CA CYS E 206 -9.61 -49.66 -40.86
C CYS E 206 -10.50 -50.06 -39.69
N ASN E 207 -9.87 -50.27 -38.53
CA ASN E 207 -10.53 -50.81 -37.33
C ASN E 207 -10.05 -50.04 -36.11
N VAL E 208 -10.90 -49.17 -35.57
CA VAL E 208 -10.54 -48.40 -34.38
C VAL E 208 -11.45 -48.79 -33.22
N ASN E 209 -11.20 -48.23 -32.04
CA ASN E 209 -12.12 -48.38 -30.91
C ASN E 209 -11.89 -47.21 -29.95
N HIS E 210 -12.79 -46.23 -30.00
CA HIS E 210 -12.86 -45.21 -28.96
C HIS E 210 -13.74 -45.75 -27.83
N LYS E 211 -13.17 -45.83 -26.63
CA LYS E 211 -13.77 -46.60 -25.55
C LYS E 211 -14.99 -45.92 -24.91
N PRO E 212 -14.90 -44.64 -24.51
CA PRO E 212 -16.06 -44.05 -23.80
C PRO E 212 -17.33 -43.98 -24.63
N SER E 213 -17.22 -43.67 -25.93
CA SER E 213 -18.41 -43.57 -26.78
C SER E 213 -18.81 -44.88 -27.42
N ASN E 214 -17.91 -45.87 -27.47
CA ASN E 214 -18.20 -47.20 -27.99
C ASN E 214 -18.67 -47.15 -29.44
N THR E 215 -18.04 -46.28 -30.24
CA THR E 215 -18.36 -46.13 -31.65
C THR E 215 -17.13 -46.51 -32.47
N LYS E 216 -17.24 -47.59 -33.24
CA LYS E 216 -16.15 -48.08 -34.08
C LYS E 216 -16.70 -48.44 -35.44
N VAL E 217 -16.00 -48.04 -36.49
CA VAL E 217 -16.36 -48.38 -37.87
C VAL E 217 -15.13 -48.88 -38.59
N ASP E 218 -15.30 -49.97 -39.35
CA ASP E 218 -14.26 -50.47 -40.24
C ASP E 218 -14.42 -49.80 -41.60
N LYS E 219 -13.29 -49.50 -42.25
CA LYS E 219 -13.32 -48.76 -43.51
C LYS E 219 -12.50 -49.45 -44.58
N LYS E 220 -13.15 -49.91 -45.63
CA LYS E 220 -12.47 -50.43 -46.81
C LYS E 220 -12.04 -49.27 -47.71
N VAL E 221 -10.79 -49.29 -48.16
CA VAL E 221 -10.22 -48.23 -48.98
C VAL E 221 -9.96 -48.77 -50.38
N GLU E 222 -10.27 -47.97 -51.39
CA GLU E 222 -10.14 -48.37 -52.78
C GLU E 222 -9.85 -47.14 -53.63
N PRO E 223 -9.04 -47.27 -54.69
CA PRO E 223 -8.59 -46.08 -55.44
C PRO E 223 -9.71 -45.34 -56.17
N LYS E 224 -9.36 -44.24 -56.82
CA LYS E 224 -10.33 -43.45 -57.56
C LYS E 224 -10.71 -44.16 -58.86
N SER E 225 -11.79 -43.67 -59.47
CA SER E 225 -12.28 -44.23 -60.73
C SER E 225 -13.25 -43.27 -61.41
N ASN F 1 0.63 -2.27 -27.15
CA ASN F 1 1.37 -1.10 -27.58
C ASN F 1 2.60 -1.51 -28.41
N PHE F 2 3.21 -2.63 -28.05
CA PHE F 2 4.31 -3.18 -28.84
C PHE F 2 4.38 -4.67 -28.65
N MET F 3 5.18 -5.32 -29.49
CA MET F 3 5.36 -6.77 -29.44
C MET F 3 6.84 -7.08 -29.58
N LEU F 4 7.24 -8.24 -29.07
CA LEU F 4 8.61 -8.71 -29.15
C LEU F 4 8.67 -9.90 -30.09
N THR F 5 9.50 -9.80 -31.13
CA THR F 5 9.55 -10.78 -32.20
C THR F 5 10.81 -11.64 -32.04
N GLN F 6 10.63 -12.94 -31.93
CA GLN F 6 11.71 -13.90 -31.86
C GLN F 6 11.67 -14.83 -33.07
N PRO F 7 12.82 -15.33 -33.53
CA PRO F 7 12.80 -16.35 -34.57
C PRO F 7 12.12 -17.61 -34.07
N HIS F 8 11.28 -18.20 -34.92
CA HIS F 8 10.53 -19.38 -34.50
C HIS F 8 11.46 -20.52 -34.12
N SER F 9 12.55 -20.71 -34.87
CA SER F 9 13.43 -21.84 -34.66
C SER F 9 14.87 -21.41 -34.83
N VAL F 10 15.77 -22.23 -34.29
CA VAL F 10 17.21 -22.05 -34.47
C VAL F 10 17.88 -23.36 -34.11
N SER F 11 18.99 -23.66 -34.79
CA SER F 11 19.72 -24.90 -34.56
C SER F 11 21.21 -24.61 -34.67
N GLU F 12 21.99 -25.32 -33.85
CA GLU F 12 23.43 -25.18 -33.87
C GLU F 12 24.05 -26.39 -33.18
N SER F 13 25.18 -26.86 -33.71
CA SER F 13 25.83 -28.05 -33.20
C SER F 13 26.57 -27.74 -31.90
N PRO F 14 26.71 -28.73 -31.01
CA PRO F 14 27.36 -28.49 -29.72
C PRO F 14 28.77 -27.95 -29.89
N GLY F 15 29.22 -27.23 -28.86
CA GLY F 15 30.54 -26.62 -28.88
C GLY F 15 30.52 -25.23 -29.48
N LYS F 16 29.58 -24.98 -30.39
CA LYS F 16 29.47 -23.70 -31.06
C LYS F 16 28.68 -22.70 -30.22
N THR F 17 28.65 -21.46 -30.68
CA THR F 17 27.90 -20.38 -30.05
C THR F 17 26.75 -19.96 -30.95
N VAL F 18 25.58 -19.74 -30.36
CA VAL F 18 24.38 -19.36 -31.09
C VAL F 18 23.76 -18.15 -30.41
N THR F 19 23.10 -17.32 -31.21
CA THR F 19 22.48 -16.08 -30.73
C THR F 19 21.00 -16.08 -31.12
N ILE F 20 20.15 -15.71 -30.17
CA ILE F 20 18.71 -15.61 -30.35
C ILE F 20 18.33 -14.14 -30.22
N SER F 21 17.50 -13.65 -31.13
CA SER F 21 17.17 -12.23 -31.22
C SER F 21 15.77 -11.96 -30.68
N CYS F 22 15.58 -10.73 -30.22
CA CYS F 22 14.31 -10.26 -29.67
C CYS F 22 14.15 -8.81 -30.11
N THR F 23 13.27 -8.57 -31.07
CA THR F 23 13.16 -7.27 -31.72
C THR F 23 11.88 -6.58 -31.29
N ARG F 24 12.00 -5.38 -30.73
CA ARG F 24 10.87 -4.62 -30.22
C ARG F 24 10.30 -3.74 -31.32
N SER F 25 8.98 -3.87 -31.55
CA SER F 25 8.35 -3.20 -32.69
C SER F 25 8.12 -1.72 -32.46
N SER F 26 8.06 -1.27 -31.20
CA SER F 26 7.70 0.11 -30.91
C SER F 26 8.31 0.52 -29.58
N GLY F 27 8.97 1.67 -29.58
CA GLY F 27 9.68 2.11 -28.39
C GLY F 27 11.09 1.56 -28.31
N SER F 28 11.97 2.35 -27.72
CA SER F 28 13.38 1.97 -27.64
C SER F 28 13.55 0.73 -26.77
N ILE F 29 14.32 -0.23 -27.26
CA ILE F 29 14.60 -1.44 -26.50
C ILE F 29 15.32 -1.10 -25.20
N ALA F 30 16.04 0.03 -25.18
CA ALA F 30 16.70 0.50 -23.96
C ALA F 30 15.77 1.23 -23.01
N SER F 31 14.53 1.49 -23.41
CA SER F 31 13.60 2.20 -22.53
C SER F 31 13.12 1.31 -21.38
N ASN F 32 13.05 -0.01 -21.60
CA ASN F 32 12.61 -0.94 -20.57
C ASN F 32 13.54 -2.15 -20.57
N TYR F 33 13.72 -2.73 -19.38
CA TYR F 33 14.61 -3.88 -19.24
C TYR F 33 14.09 -5.07 -20.03
N VAL F 34 15.00 -6.01 -20.29
CA VAL F 34 14.69 -7.26 -20.99
C VAL F 34 15.24 -8.43 -20.18
N GLN F 35 14.41 -9.42 -19.94
CA GLN F 35 14.80 -10.65 -19.27
C GLN F 35 14.67 -11.83 -20.25
N TRP F 36 15.56 -12.81 -20.08
CA TRP F 36 15.58 -14.01 -20.88
C TRP F 36 15.24 -15.21 -20.00
N TYR F 37 14.16 -15.90 -20.34
CA TYR F 37 13.67 -17.07 -19.63
C TYR F 37 13.91 -18.33 -20.44
N GLN F 38 14.15 -19.43 -19.73
CA GLN F 38 14.34 -20.75 -20.32
C GLN F 38 13.23 -21.66 -19.81
N GLN F 39 12.60 -22.40 -20.72
CA GLN F 39 11.53 -23.33 -20.38
C GLN F 39 11.82 -24.66 -21.06
N ARG F 40 12.08 -25.68 -20.26
CA ARG F 40 12.16 -27.06 -20.73
C ARG F 40 10.78 -27.69 -20.70
N PRO F 41 10.52 -28.65 -21.58
CA PRO F 41 9.14 -29.16 -21.75
C PRO F 41 8.54 -29.64 -20.44
N GLY F 42 7.28 -29.26 -20.21
CA GLY F 42 6.57 -29.66 -19.03
C GLY F 42 6.89 -28.82 -17.81
N SER F 43 8.14 -28.36 -17.71
CA SER F 43 8.61 -27.64 -16.54
C SER F 43 8.21 -26.16 -16.61
N SER F 44 8.25 -25.51 -15.46
CA SER F 44 8.02 -24.08 -15.40
C SER F 44 9.26 -23.32 -15.91
N PRO F 45 9.09 -22.09 -16.37
CA PRO F 45 10.23 -21.33 -16.87
C PRO F 45 11.24 -21.03 -15.78
N THR F 46 12.50 -20.92 -16.20
CA THR F 46 13.60 -20.56 -15.31
C THR F 46 14.35 -19.40 -15.93
N THR F 47 14.42 -18.28 -15.21
CA THR F 47 15.10 -17.10 -15.70
C THR F 47 16.59 -17.37 -15.84
N VAL F 48 17.14 -17.12 -17.03
CA VAL F 48 18.56 -17.31 -17.27
C VAL F 48 19.31 -15.99 -17.44
N ILE F 49 18.64 -14.92 -17.87
CA ILE F 49 19.27 -13.61 -17.96
C ILE F 49 18.28 -12.57 -17.44
N TYR F 50 18.79 -11.58 -16.72
CA TYR F 50 17.96 -10.48 -16.25
C TYR F 50 18.70 -9.16 -16.45
N GLU F 51 17.93 -8.12 -16.80
CA GLU F 51 18.44 -6.75 -16.90
C GLU F 51 19.54 -6.63 -17.96
N TYR F 52 19.25 -7.21 -19.13
CA TYR F 52 20.00 -7.08 -20.39
C TYR F 52 21.34 -7.79 -20.42
N ASN F 53 21.97 -7.99 -19.26
CA ASN F 53 23.30 -8.59 -19.27
C ASN F 53 23.64 -9.37 -18.01
N GLN F 54 22.75 -9.46 -17.03
CA GLN F 54 23.12 -10.03 -15.75
C GLN F 54 22.71 -11.49 -15.69
N ARG F 55 23.50 -12.26 -14.95
CA ARG F 55 23.39 -13.71 -14.92
C ARG F 55 23.15 -14.17 -13.49
N PRO F 56 21.97 -14.68 -13.17
CA PRO F 56 21.70 -15.11 -11.79
C PRO F 56 22.59 -16.28 -11.39
N SER F 57 22.97 -16.29 -10.12
CA SER F 57 23.86 -17.32 -9.61
C SER F 57 23.27 -18.71 -9.84
N GLY F 58 24.06 -19.59 -10.45
CA GLY F 58 23.62 -20.90 -10.85
C GLY F 58 23.57 -21.11 -12.34
N VAL F 59 23.62 -20.03 -13.12
CA VAL F 59 23.62 -20.12 -14.58
C VAL F 59 25.06 -20.16 -15.06
N PRO F 60 25.42 -21.09 -15.95
CA PRO F 60 26.81 -21.15 -16.43
C PRO F 60 27.21 -19.86 -17.14
N ASP F 61 28.48 -19.51 -17.00
CA ASP F 61 29.00 -18.25 -17.54
C ASP F 61 28.99 -18.21 -19.07
N ARG F 62 28.57 -19.29 -19.74
CA ARG F 62 28.45 -19.27 -21.19
C ARG F 62 27.22 -18.49 -21.65
N PHE F 63 26.20 -18.36 -20.80
CA PHE F 63 25.05 -17.52 -21.12
C PHE F 63 25.43 -16.05 -21.02
N SER F 64 25.08 -15.27 -22.04
CA SER F 64 25.39 -13.85 -22.06
C SER F 64 24.22 -13.07 -22.66
N GLY F 65 24.06 -11.84 -22.18
CA GLY F 65 23.03 -10.95 -22.67
C GLY F 65 23.64 -9.80 -23.45
N SER F 66 22.91 -9.30 -24.44
CA SER F 66 23.44 -8.28 -25.33
C SER F 66 22.31 -7.36 -25.78
N ILE F 67 22.68 -6.12 -26.11
CA ILE F 67 21.74 -5.11 -26.56
C ILE F 67 22.24 -4.52 -27.86
N ASP F 68 21.30 -4.07 -28.70
CA ASP F 68 21.61 -3.43 -29.97
C ASP F 68 20.55 -2.37 -30.23
N SER F 69 20.91 -1.10 -29.96
CA SER F 69 19.98 0.00 -30.18
C SER F 69 19.73 0.24 -31.66
N SER F 70 20.67 -0.14 -32.52
CA SER F 70 20.53 0.10 -33.95
C SER F 70 19.38 -0.70 -34.53
N SER F 71 19.37 -2.01 -34.30
CA SER F 71 18.26 -2.86 -34.71
C SER F 71 17.11 -2.84 -33.71
N ASN F 72 17.22 -2.03 -32.65
CA ASN F 72 16.22 -1.97 -31.58
C ASN F 72 15.87 -3.36 -31.08
N SER F 73 16.90 -4.15 -30.78
CA SER F 73 16.72 -5.53 -30.40
C SER F 73 17.69 -5.88 -29.26
N ALA F 74 17.38 -6.98 -28.58
CA ALA F 74 18.24 -7.55 -27.56
C ALA F 74 18.48 -9.02 -27.90
N SER F 75 19.66 -9.52 -27.59
CA SER F 75 20.03 -10.86 -28.02
C SER F 75 20.59 -11.67 -26.86
N LEU F 76 20.16 -12.92 -26.77
CA LEU F 76 20.77 -13.90 -25.89
C LEU F 76 21.82 -14.69 -26.66
N THR F 77 22.98 -14.88 -26.05
CA THR F 77 24.07 -15.56 -26.73
C THR F 77 24.60 -16.68 -25.84
N ILE F 78 24.68 -17.88 -26.40
CA ILE F 78 25.13 -19.07 -25.67
C ILE F 78 26.36 -19.61 -26.36
N SER F 79 27.45 -19.74 -25.60
CA SER F 79 28.73 -20.21 -26.12
C SER F 79 28.96 -21.65 -25.70
N GLY F 80 29.37 -22.49 -26.64
CA GLY F 80 29.60 -23.89 -26.33
C GLY F 80 28.34 -24.62 -25.94
N LEU F 81 27.44 -24.82 -26.91
CA LEU F 81 26.18 -25.48 -26.63
C LEU F 81 26.40 -26.87 -26.03
N LYS F 82 25.46 -27.29 -25.19
CA LYS F 82 25.53 -28.59 -24.54
C LYS F 82 24.15 -29.24 -24.60
N THR F 83 24.10 -30.48 -24.11
CA THR F 83 22.87 -31.28 -24.24
C THR F 83 21.71 -30.65 -23.48
N GLU F 84 22.00 -30.06 -22.32
CA GLU F 84 20.95 -29.53 -21.46
C GLU F 84 20.36 -28.21 -21.96
N ASP F 85 21.05 -27.52 -22.87
CA ASP F 85 20.59 -26.21 -23.33
C ASP F 85 19.38 -26.28 -24.24
N GLU F 86 19.05 -27.47 -24.77
CA GLU F 86 17.94 -27.60 -25.71
C GLU F 86 16.62 -27.36 -24.98
N ALA F 87 16.01 -26.21 -25.22
CA ALA F 87 14.75 -25.84 -24.59
C ALA F 87 14.15 -24.67 -25.36
N ASP F 88 12.97 -24.24 -24.93
CA ASP F 88 12.36 -23.03 -25.47
C ASP F 88 12.85 -21.81 -24.70
N TYR F 89 13.07 -20.71 -25.41
CA TYR F 89 13.60 -19.50 -24.80
C TYR F 89 12.68 -18.33 -25.11
N TYR F 90 12.37 -17.54 -24.08
CA TYR F 90 11.44 -16.43 -24.21
C TYR F 90 12.12 -15.14 -23.77
N CYS F 91 11.98 -14.08 -24.57
CA CYS F 91 12.39 -12.76 -24.15
C CYS F 91 11.18 -12.00 -23.62
N GLN F 92 11.42 -11.13 -22.64
CA GLN F 92 10.34 -10.43 -21.97
C GLN F 92 10.78 -9.01 -21.65
N SER F 93 9.97 -8.03 -22.05
CA SER F 93 10.21 -6.64 -21.71
C SER F 93 8.96 -6.08 -21.04
N TYR F 94 8.88 -4.76 -20.88
CA TYR F 94 7.76 -4.15 -20.18
C TYR F 94 7.10 -3.08 -21.03
N ASP F 95 5.78 -3.14 -21.14
CA ASP F 95 5.00 -1.93 -21.31
C ASP F 95 4.80 -1.30 -19.94
N SER F 96 4.21 -0.10 -19.91
CA SER F 96 4.37 0.83 -18.79
C SER F 96 4.53 0.11 -17.45
N ALA F 97 3.56 -0.72 -17.08
CA ALA F 97 3.75 -1.68 -16.01
C ALA F 97 3.55 -3.12 -16.45
N ASN F 98 2.90 -3.34 -17.60
CA ASN F 98 2.61 -4.68 -18.07
C ASN F 98 3.89 -5.36 -18.56
N ARG F 99 3.83 -6.69 -18.63
CA ARG F 99 4.94 -7.47 -19.19
C ARG F 99 4.57 -7.98 -20.57
N VAL F 100 5.57 -8.05 -21.43
CA VAL F 100 5.40 -8.50 -22.81
C VAL F 100 6.38 -9.64 -23.05
N PHE F 101 5.87 -10.75 -23.58
CA PHE F 101 6.68 -11.93 -23.87
C PHE F 101 6.87 -12.08 -25.37
N GLY F 102 8.00 -12.69 -25.74
CA GLY F 102 8.24 -13.03 -27.12
C GLY F 102 7.54 -14.31 -27.53
N GLY F 103 7.50 -14.55 -28.84
CA GLY F 103 6.85 -15.74 -29.35
C GLY F 103 7.53 -17.04 -28.98
N GLY F 104 8.80 -16.96 -28.56
CA GLY F 104 9.54 -18.17 -28.25
C GLY F 104 10.39 -18.64 -29.40
N THR F 105 11.57 -19.19 -29.09
CA THR F 105 12.51 -19.66 -30.10
C THR F 105 12.92 -21.08 -29.74
N LYS F 106 12.57 -22.03 -30.60
CA LYS F 106 12.89 -23.43 -30.36
C LYS F 106 14.38 -23.65 -30.60
N LEU F 107 15.14 -23.77 -29.51
CA LEU F 107 16.57 -24.02 -29.57
C LEU F 107 16.80 -25.52 -29.58
N THR F 108 17.26 -26.04 -30.70
CA THR F 108 17.50 -27.48 -30.88
C THR F 108 19.00 -27.73 -30.90
N VAL F 109 19.49 -28.47 -29.91
CA VAL F 109 20.89 -28.90 -29.87
C VAL F 109 21.01 -30.12 -30.79
N LEU F 110 21.74 -29.96 -31.88
CA LEU F 110 21.81 -31.01 -32.90
C LEU F 110 22.46 -32.27 -32.35
N GLY F 111 21.68 -33.35 -32.29
CA GLY F 111 22.20 -34.67 -31.96
C GLY F 111 22.29 -35.60 -33.14
N GLN F 112 22.02 -35.13 -34.34
CA GLN F 112 22.10 -35.90 -35.57
C GLN F 112 21.97 -34.94 -36.75
N PRO F 113 22.36 -35.36 -37.95
CA PRO F 113 22.27 -34.46 -39.11
C PRO F 113 20.83 -34.12 -39.45
N LYS F 114 20.69 -33.05 -40.25
CA LYS F 114 19.38 -32.55 -40.63
C LYS F 114 18.66 -33.55 -41.53
N ALA F 115 17.40 -33.82 -41.23
CA ALA F 115 16.58 -34.76 -41.99
C ALA F 115 15.31 -34.07 -42.47
N ALA F 116 15.05 -34.17 -43.78
CA ALA F 116 13.85 -33.60 -44.38
C ALA F 116 12.64 -34.45 -44.04
N PRO F 117 11.45 -33.85 -43.97
CA PRO F 117 10.27 -34.59 -43.54
C PRO F 117 9.70 -35.47 -44.64
N SER F 118 8.79 -36.36 -44.23
CA SER F 118 8.08 -37.27 -45.12
C SER F 118 6.63 -36.83 -45.17
N VAL F 119 6.25 -36.15 -46.26
CA VAL F 119 4.92 -35.59 -46.43
C VAL F 119 4.04 -36.55 -47.22
N THR F 120 2.81 -36.74 -46.76
CA THR F 120 1.81 -37.56 -47.46
C THR F 120 0.50 -36.76 -47.48
N LEU F 121 0.30 -35.98 -48.54
CA LEU F 121 -0.90 -35.19 -48.69
C LEU F 121 -2.06 -36.07 -49.18
N PHE F 122 -3.29 -35.56 -48.99
CA PHE F 122 -4.50 -36.26 -49.42
C PHE F 122 -5.56 -35.26 -49.85
N PRO F 123 -6.22 -35.50 -50.98
CA PRO F 123 -7.41 -34.71 -51.32
C PRO F 123 -8.58 -35.11 -50.43
N PRO F 124 -9.61 -34.26 -50.32
CA PRO F 124 -10.70 -34.57 -49.37
C PRO F 124 -11.41 -35.87 -49.71
N SER F 125 -11.92 -36.52 -48.66
CA SER F 125 -12.53 -37.84 -48.78
C SER F 125 -13.86 -37.76 -49.51
N SER F 126 -14.38 -38.93 -49.89
CA SER F 126 -15.57 -39.01 -50.73
C SER F 126 -16.84 -38.74 -49.93
N GLU F 127 -17.12 -39.57 -48.91
CA GLU F 127 -18.38 -39.44 -48.19
C GLU F 127 -18.47 -38.13 -47.42
N GLU F 128 -17.33 -37.56 -47.02
CA GLU F 128 -17.36 -36.23 -46.43
C GLU F 128 -17.88 -35.20 -47.42
N LEU F 129 -17.42 -35.28 -48.67
CA LEU F 129 -18.00 -34.47 -49.73
C LEU F 129 -19.46 -34.85 -50.00
N GLN F 130 -19.86 -36.08 -49.66
CA GLN F 130 -21.26 -36.45 -49.69
C GLN F 130 -22.04 -35.89 -48.51
N ALA F 131 -21.35 -35.35 -47.51
CA ALA F 131 -21.97 -34.55 -46.45
C ALA F 131 -21.81 -33.05 -46.69
N ASN F 132 -21.39 -32.67 -47.90
CA ASN F 132 -21.15 -31.27 -48.28
C ASN F 132 -20.19 -30.60 -47.30
N LYS F 133 -18.97 -31.13 -47.25
CA LYS F 133 -17.91 -30.61 -46.41
C LYS F 133 -16.57 -30.97 -47.02
N ALA F 134 -15.51 -30.41 -46.45
CA ALA F 134 -14.15 -30.69 -46.94
C ALA F 134 -13.16 -30.39 -45.83
N THR F 135 -12.45 -31.41 -45.37
CA THR F 135 -11.37 -31.24 -44.39
C THR F 135 -10.14 -31.95 -44.92
N LEU F 136 -9.11 -31.18 -45.24
CA LEU F 136 -7.86 -31.73 -45.77
C LEU F 136 -7.05 -32.40 -44.66
N VAL F 137 -6.17 -33.30 -45.07
CA VAL F 137 -5.32 -34.07 -44.16
C VAL F 137 -3.91 -34.05 -44.75
N CYS F 138 -3.08 -33.12 -44.26
CA CYS F 138 -1.70 -33.01 -44.69
C CYS F 138 -0.81 -33.55 -43.57
N LEU F 139 -0.07 -34.62 -43.86
CA LEU F 139 0.74 -35.32 -42.86
C LEU F 139 2.22 -35.02 -43.06
N ILE F 140 2.96 -34.93 -41.96
CA ILE F 140 4.39 -34.64 -41.98
C ILE F 140 5.07 -35.52 -40.94
N SER F 141 6.18 -36.17 -41.33
CA SER F 141 6.84 -37.08 -40.41
C SER F 141 8.31 -37.22 -40.78
N ASP F 142 9.08 -37.76 -39.83
CA ASP F 142 10.50 -38.08 -40.02
C ASP F 142 11.31 -36.83 -40.40
N PHE F 143 11.36 -35.88 -39.47
CA PHE F 143 12.14 -34.67 -39.66
C PHE F 143 12.85 -34.30 -38.37
N TYR F 144 14.00 -33.64 -38.53
CA TYR F 144 14.85 -33.17 -37.45
C TYR F 144 15.58 -31.95 -38.01
N PRO F 145 15.56 -30.80 -37.31
CA PRO F 145 14.93 -30.52 -36.01
C PRO F 145 13.41 -30.51 -36.05
N GLY F 146 12.77 -30.44 -34.89
CA GLY F 146 11.32 -30.48 -34.81
C GLY F 146 10.64 -29.15 -35.05
N ALA F 147 11.15 -28.40 -36.02
CA ALA F 147 10.63 -27.08 -36.37
C ALA F 147 10.07 -27.12 -37.79
N VAL F 148 8.80 -26.78 -37.94
CA VAL F 148 8.10 -26.82 -39.22
C VAL F 148 7.07 -25.70 -39.23
N THR F 149 7.00 -24.97 -40.34
CA THR F 149 5.94 -23.98 -40.53
C THR F 149 5.06 -24.42 -41.69
N VAL F 150 3.76 -24.52 -41.44
CA VAL F 150 2.80 -25.00 -42.43
C VAL F 150 1.91 -23.83 -42.83
N ALA F 151 1.92 -23.49 -44.12
CA ALA F 151 1.10 -22.42 -44.67
C ALA F 151 0.10 -22.99 -45.66
N TRP F 152 -1.17 -22.68 -45.47
CA TRP F 152 -2.24 -23.12 -46.37
C TRP F 152 -2.49 -22.05 -47.41
N LYS F 153 -2.51 -22.46 -48.68
CA LYS F 153 -2.69 -21.52 -49.78
C LYS F 153 -3.84 -21.95 -50.67
N ALA F 154 -4.48 -20.96 -51.28
CA ALA F 154 -5.46 -21.14 -52.35
C ALA F 154 -4.84 -20.51 -53.59
N ASP F 155 -4.06 -21.31 -54.32
CA ASP F 155 -3.28 -20.83 -55.46
C ASP F 155 -2.31 -19.72 -55.03
N SER F 156 -1.51 -20.05 -54.00
CA SER F 156 -0.50 -19.13 -53.45
C SER F 156 -1.14 -17.84 -52.94
N SER F 157 -2.02 -18.01 -51.94
CA SER F 157 -2.73 -16.90 -51.32
C SER F 157 -3.02 -17.26 -49.87
N PRO F 158 -3.03 -16.28 -48.97
CA PRO F 158 -3.21 -16.58 -47.53
C PRO F 158 -4.56 -17.24 -47.25
N VAL F 159 -4.51 -18.41 -46.63
CA VAL F 159 -5.71 -19.16 -46.23
C VAL F 159 -5.57 -19.51 -44.75
N LYS F 160 -6.56 -19.12 -43.95
CA LYS F 160 -6.62 -19.48 -42.53
C LYS F 160 -7.99 -20.10 -42.27
N ALA F 161 -8.10 -21.41 -42.52
CA ALA F 161 -9.32 -22.14 -42.22
C ALA F 161 -8.99 -23.54 -41.70
N GLY F 162 -7.83 -23.70 -41.04
CA GLY F 162 -7.35 -25.00 -40.66
C GLY F 162 -6.82 -25.04 -39.24
N VAL F 163 -6.37 -26.22 -38.84
CA VAL F 163 -5.84 -26.49 -37.51
C VAL F 163 -4.68 -27.46 -37.67
N GLU F 164 -3.58 -27.18 -36.97
CA GLU F 164 -2.34 -27.93 -37.11
C GLU F 164 -1.86 -28.40 -35.74
N THR F 165 -1.35 -29.63 -35.71
CA THR F 165 -0.86 -30.21 -34.46
C THR F 165 0.55 -29.76 -34.16
N THR F 166 0.83 -29.51 -32.88
CA THR F 166 2.20 -29.31 -32.44
C THR F 166 3.03 -30.55 -32.77
N THR F 167 4.36 -30.37 -32.75
CA THR F 167 5.25 -31.43 -33.19
C THR F 167 5.86 -32.15 -32.00
N PRO F 168 5.40 -33.34 -31.64
CA PRO F 168 6.04 -34.11 -30.57
C PRO F 168 7.21 -34.91 -31.10
N SER F 169 8.09 -35.30 -30.17
CA SER F 169 9.23 -36.12 -30.53
C SER F 169 8.79 -37.52 -30.94
N LYS F 170 9.65 -38.19 -31.71
CA LYS F 170 9.34 -39.53 -32.19
C LYS F 170 9.71 -40.57 -31.16
N GLN F 171 8.80 -41.53 -30.96
CA GLN F 171 9.03 -42.63 -30.03
C GLN F 171 10.00 -43.67 -30.58
N SER F 172 10.40 -43.58 -31.85
CA SER F 172 11.28 -44.55 -32.47
C SER F 172 12.60 -43.97 -32.93
N ASN F 173 12.58 -42.87 -33.69
CA ASN F 173 13.78 -42.31 -34.28
C ASN F 173 14.31 -41.08 -33.54
N ASN F 174 13.63 -40.66 -32.47
CA ASN F 174 13.93 -39.38 -31.80
C ASN F 174 13.88 -38.22 -32.77
N LYS F 175 13.11 -38.36 -33.84
CA LYS F 175 12.76 -37.28 -34.74
C LYS F 175 11.49 -36.62 -34.21
N TYR F 176 10.83 -35.80 -35.03
CA TYR F 176 9.55 -35.21 -34.67
C TYR F 176 8.55 -35.45 -35.79
N ALA F 177 7.26 -35.45 -35.43
CA ALA F 177 6.18 -35.65 -36.38
C ALA F 177 5.13 -34.57 -36.21
N ALA F 178 4.30 -34.39 -37.23
CA ALA F 178 3.30 -33.33 -37.20
C ALA F 178 2.15 -33.66 -38.15
N SER F 179 0.98 -33.15 -37.81
CA SER F 179 -0.23 -33.33 -38.60
C SER F 179 -0.77 -31.97 -39.03
N SER F 180 -1.77 -31.98 -39.92
CA SER F 180 -2.37 -30.75 -40.41
C SER F 180 -3.74 -31.07 -41.01
N TYR F 181 -4.70 -30.18 -40.77
CA TYR F 181 -6.08 -30.39 -41.22
C TYR F 181 -6.69 -29.03 -41.58
N LEU F 182 -6.78 -28.74 -42.88
CA LEU F 182 -7.50 -27.56 -43.34
C LEU F 182 -8.94 -27.94 -43.65
N SER F 183 -9.88 -27.06 -43.28
CA SER F 183 -11.30 -27.32 -43.41
C SER F 183 -11.93 -26.36 -44.42
N LEU F 184 -12.82 -26.91 -45.25
CA LEU F 184 -13.45 -26.14 -46.33
C LEU F 184 -14.78 -26.81 -46.69
N THR F 185 -15.34 -26.41 -47.83
CA THR F 185 -16.57 -26.96 -48.37
C THR F 185 -16.34 -27.35 -49.83
N PRO F 186 -17.16 -28.26 -50.37
CA PRO F 186 -16.91 -28.74 -51.75
C PRO F 186 -16.98 -27.63 -52.79
N GLU F 187 -17.99 -26.76 -52.73
CA GLU F 187 -18.05 -25.64 -53.66
C GLU F 187 -16.80 -24.79 -53.56
N GLN F 188 -16.35 -24.51 -52.33
CA GLN F 188 -15.06 -23.85 -52.16
C GLN F 188 -13.91 -24.73 -52.64
N TRP F 189 -14.06 -26.06 -52.56
CA TRP F 189 -12.97 -26.96 -52.92
C TRP F 189 -12.70 -26.93 -54.42
N LYS F 190 -13.74 -26.81 -55.24
CA LYS F 190 -13.58 -26.76 -56.68
C LYS F 190 -13.70 -25.35 -57.25
N SER F 191 -13.80 -24.33 -56.39
CA SER F 191 -13.85 -22.95 -56.85
C SER F 191 -12.50 -22.43 -57.28
N HIS F 192 -11.43 -23.22 -57.15
CA HIS F 192 -10.11 -22.84 -57.60
C HIS F 192 -9.39 -24.08 -58.10
N ARG F 193 -8.26 -23.84 -58.79
CA ARG F 193 -7.54 -24.94 -59.43
C ARG F 193 -6.64 -25.71 -58.48
N SER F 194 -6.16 -25.08 -57.42
CA SER F 194 -5.15 -25.71 -56.57
C SER F 194 -5.39 -25.37 -55.10
N TYR F 195 -4.56 -26.00 -54.25
CA TYR F 195 -4.56 -25.78 -52.81
C TYR F 195 -3.20 -26.27 -52.30
N SER F 196 -2.52 -25.44 -51.51
CA SER F 196 -1.14 -25.70 -51.15
C SER F 196 -0.98 -25.95 -49.66
N CYS F 197 -0.27 -27.03 -49.33
CA CYS F 197 0.20 -27.33 -47.98
C CYS F 197 1.71 -27.08 -48.00
N GLN F 198 2.13 -25.93 -47.46
CA GLN F 198 3.52 -25.49 -47.49
C GLN F 198 4.22 -25.86 -46.19
N VAL F 199 5.42 -26.43 -46.31
CA VAL F 199 6.18 -26.96 -45.18
C VAL F 199 7.57 -26.33 -45.23
N THR F 200 7.74 -25.19 -44.56
CA THR F 200 9.07 -24.59 -44.43
C THR F 200 9.81 -25.29 -43.29
N HIS F 201 10.99 -25.82 -43.62
CA HIS F 201 11.80 -26.61 -42.69
C HIS F 201 13.25 -26.17 -42.83
N GLU F 202 13.78 -25.52 -41.80
CA GLU F 202 15.17 -25.06 -41.78
C GLU F 202 15.50 -24.20 -42.99
N GLY F 203 14.52 -23.45 -43.48
CA GLY F 203 14.68 -22.64 -44.68
C GLY F 203 14.22 -23.33 -45.94
N SER F 204 14.54 -24.63 -46.08
CA SER F 204 14.08 -25.40 -47.22
C SER F 204 12.59 -25.67 -47.10
N THR F 205 11.79 -25.06 -47.98
CA THR F 205 10.33 -25.11 -47.91
C THR F 205 9.82 -26.19 -48.85
N VAL F 206 9.80 -27.43 -48.35
CA VAL F 206 9.17 -28.53 -49.08
C VAL F 206 7.66 -28.45 -48.89
N GLU F 207 6.92 -28.59 -49.99
CA GLU F 207 5.48 -28.40 -49.96
C GLU F 207 4.80 -29.42 -50.86
N LYS F 208 3.49 -29.58 -50.67
CA LYS F 208 2.68 -30.44 -51.52
C LYS F 208 1.42 -29.70 -51.94
N THR F 209 1.01 -29.90 -53.19
CA THR F 209 -0.17 -29.25 -53.74
C THR F 209 -1.24 -30.30 -54.00
N VAL F 210 -2.49 -29.82 -54.15
CA VAL F 210 -3.62 -30.70 -54.39
C VAL F 210 -4.65 -29.95 -55.22
N ALA F 211 -5.18 -30.62 -56.25
CA ALA F 211 -6.17 -30.07 -57.15
C ALA F 211 -7.45 -30.91 -57.11
N PRO F 212 -8.62 -30.30 -57.40
CA PRO F 212 -9.90 -31.03 -57.41
C PRO F 212 -9.89 -32.24 -58.35
N GLU G 1 -6.18 20.14 -1.34
CA GLU G 1 -7.31 20.82 -2.00
C GLU G 1 -8.48 20.90 -1.05
N VAL G 2 -8.66 19.84 -0.25
CA VAL G 2 -9.65 19.88 0.81
C VAL G 2 -9.15 20.78 1.95
N GLN G 3 -9.99 21.72 2.37
CA GLN G 3 -9.58 22.69 3.39
C GLN G 3 -10.81 23.30 4.05
N LEU G 4 -10.58 23.81 5.26
CA LEU G 4 -11.58 24.53 6.05
C LEU G 4 -10.99 25.86 6.50
N LEU G 5 -11.79 26.92 6.38
CA LEU G 5 -11.35 28.30 6.56
C LEU G 5 -12.19 28.95 7.64
N GLU G 6 -11.64 29.06 8.84
CA GLU G 6 -12.32 29.73 9.94
C GLU G 6 -12.11 31.23 9.84
N SER G 7 -13.19 31.98 10.01
CA SER G 7 -13.14 33.44 9.95
C SER G 7 -14.10 34.03 10.97
N GLY G 8 -13.82 35.28 11.36
CA GLY G 8 -14.63 35.97 12.33
C GLY G 8 -14.06 36.06 13.72
N GLY G 9 -12.78 35.72 13.91
CA GLY G 9 -12.19 35.77 15.23
C GLY G 9 -11.68 37.14 15.59
N GLY G 10 -11.68 37.42 16.89
CA GLY G 10 -11.21 38.69 17.38
C GLY G 10 -11.42 38.80 18.88
N VAL G 11 -11.04 39.97 19.41
CA VAL G 11 -11.17 40.25 20.83
C VAL G 11 -12.52 40.89 21.11
N VAL G 12 -13.18 40.43 22.17
CA VAL G 12 -14.48 40.96 22.59
C VAL G 12 -14.48 41.08 24.11
N GLN G 13 -15.53 41.72 24.62
CA GLN G 13 -15.83 41.82 26.04
C GLN G 13 -16.91 40.83 26.42
N PRO G 14 -17.07 40.51 27.71
CA PRO G 14 -18.13 39.61 28.13
C PRO G 14 -19.51 40.22 27.90
N GLY G 15 -20.53 39.35 27.96
CA GLY G 15 -21.90 39.76 27.74
C GLY G 15 -22.27 40.07 26.31
N ARG G 16 -21.30 40.22 25.42
CA ARG G 16 -21.54 40.61 24.04
C ARG G 16 -21.81 39.35 23.20
N SER G 17 -21.80 39.50 21.88
CA SER G 17 -22.04 38.39 20.97
C SER G 17 -20.91 38.28 19.97
N LEU G 18 -20.92 37.18 19.21
CA LEU G 18 -19.97 36.97 18.13
C LEU G 18 -20.53 35.94 17.18
N ARG G 19 -19.99 35.92 15.97
CA ARG G 19 -20.39 34.96 14.95
C ARG G 19 -19.14 34.45 14.25
N LEU G 20 -19.06 33.13 14.07
CA LEU G 20 -17.92 32.51 13.40
C LEU G 20 -18.40 31.79 12.14
N SER G 21 -17.49 31.66 11.19
CA SER G 21 -17.80 31.05 9.90
C SER G 21 -16.66 30.15 9.46
N CYS G 22 -17.02 29.08 8.75
CA CYS G 22 -16.08 28.12 8.21
C CYS G 22 -16.40 27.93 6.74
N ALA G 23 -15.38 28.08 5.88
CA ALA G 23 -15.54 27.94 4.44
C ALA G 23 -14.96 26.60 4.01
N ALA G 24 -15.82 25.74 3.46
CA ALA G 24 -15.44 24.38 3.10
C ALA G 24 -15.22 24.29 1.59
N SER G 25 -14.14 23.62 1.20
CA SER G 25 -13.80 23.48 -0.21
C SER G 25 -12.90 22.27 -0.38
N GLY G 26 -13.21 21.44 -1.36
CA GLY G 26 -12.44 20.25 -1.66
C GLY G 26 -13.13 18.93 -1.39
N PHE G 27 -14.37 18.95 -0.89
CA PHE G 27 -15.10 17.72 -0.62
C PHE G 27 -16.59 18.00 -0.68
N THR G 28 -17.37 16.93 -0.59
CA THR G 28 -18.83 17.00 -0.64
C THR G 28 -19.34 17.48 0.72
N PHE G 29 -19.43 18.80 0.88
CA PHE G 29 -19.83 19.38 2.16
C PHE G 29 -21.25 18.94 2.55
N SER G 30 -22.13 18.83 1.56
CA SER G 30 -23.55 18.57 1.83
C SER G 30 -23.79 17.23 2.50
N SER G 31 -22.80 16.34 2.53
CA SER G 31 -23.00 14.98 3.02
C SER G 31 -22.50 14.73 4.43
N TYR G 32 -21.42 15.41 4.84
CA TYR G 32 -20.85 15.20 6.16
C TYR G 32 -21.45 16.17 7.17
N ALA G 33 -21.45 15.75 8.44
CA ALA G 33 -21.80 16.63 9.55
C ALA G 33 -20.56 17.39 10.00
N ILE G 34 -20.77 18.59 10.56
CA ILE G 34 -19.66 19.47 10.86
C ILE G 34 -19.66 19.83 12.34
N HIS G 35 -18.46 19.99 12.90
CA HIS G 35 -18.28 20.17 14.34
C HIS G 35 -17.47 21.43 14.61
N TRP G 36 -17.73 22.04 15.77
CA TRP G 36 -16.95 23.13 16.32
C TRP G 36 -16.22 22.61 17.56
N VAL G 37 -14.89 22.69 17.55
CA VAL G 37 -14.05 22.20 18.63
C VAL G 37 -13.04 23.28 18.98
N ARG G 38 -13.00 23.68 20.25
CA ARG G 38 -12.15 24.77 20.72
C ARG G 38 -11.08 24.25 21.67
N GLN G 39 -10.15 25.13 22.01
CA GLN G 39 -9.05 24.79 22.92
C GLN G 39 -8.54 26.07 23.56
N ALA G 40 -8.74 26.21 24.87
CA ALA G 40 -8.21 27.34 25.59
C ALA G 40 -6.67 27.26 25.63
N PRO G 41 -5.99 28.41 25.69
CA PRO G 41 -4.53 28.38 25.69
C PRO G 41 -3.97 27.65 26.90
N GLY G 42 -2.93 26.85 26.67
CA GLY G 42 -2.37 26.01 27.70
C GLY G 42 -3.26 24.88 28.17
N LYS G 43 -4.48 24.78 27.66
CA LYS G 43 -5.43 23.74 28.02
C LYS G 43 -5.58 22.77 26.85
N GLY G 44 -6.45 21.77 27.05
CA GLY G 44 -6.69 20.76 26.06
C GLY G 44 -7.93 21.04 25.21
N LEU G 45 -8.21 20.10 24.32
CA LEU G 45 -9.34 20.24 23.41
C LEU G 45 -10.66 20.06 24.14
N GLU G 46 -11.70 20.71 23.61
CA GLU G 46 -13.06 20.59 24.14
C GLU G 46 -14.03 20.67 22.98
N TRP G 47 -14.85 19.63 22.81
CA TRP G 47 -15.87 19.65 21.78
C TRP G 47 -16.95 20.65 22.13
N VAL G 48 -17.29 21.53 21.18
CA VAL G 48 -18.26 22.59 21.43
C VAL G 48 -19.61 22.22 20.84
N ALA G 49 -19.68 22.02 19.53
CA ALA G 49 -20.97 21.80 18.91
C ALA G 49 -20.83 20.92 17.67
N LEU G 50 -21.98 20.56 17.12
CA LEU G 50 -22.05 19.79 15.89
C LEU G 50 -23.41 20.01 15.25
N ILE G 51 -23.44 19.92 13.93
CA ILE G 51 -24.67 20.03 13.15
C ILE G 51 -24.64 18.96 12.06
N SER G 52 -25.81 18.39 11.77
CA SER G 52 -25.93 17.28 10.85
C SER G 52 -25.78 17.76 9.41
N TYR G 53 -25.73 16.78 8.49
CA TYR G 53 -25.51 17.06 7.08
C TYR G 53 -26.64 17.90 6.48
N ASP G 54 -27.85 17.77 7.01
CA ASP G 54 -29.01 18.48 6.49
C ASP G 54 -29.58 19.48 7.50
N GLY G 55 -28.82 19.77 8.55
CA GLY G 55 -29.23 20.75 9.54
C GLY G 55 -30.42 20.34 10.38
N SER G 56 -30.94 19.13 10.19
CA SER G 56 -32.08 18.67 10.97
C SER G 56 -31.76 18.60 12.44
N ASN G 57 -30.54 18.17 12.79
CA ASN G 57 -30.14 17.95 14.17
C ASN G 57 -28.95 18.82 14.49
N LYS G 58 -29.00 19.50 15.64
CA LYS G 58 -27.89 20.29 16.17
C LYS G 58 -27.65 19.86 17.60
N TYR G 59 -26.41 19.54 17.92
CA TYR G 59 -26.05 19.07 19.26
C TYR G 59 -24.97 19.97 19.84
N TYR G 60 -25.22 20.50 21.03
CA TYR G 60 -24.33 21.45 21.68
C TYR G 60 -23.77 20.84 22.96
N ALA G 61 -22.59 21.34 23.34
CA ALA G 61 -22.00 20.93 24.61
C ALA G 61 -22.80 21.46 25.78
N ASP G 62 -22.80 20.71 26.87
CA ASP G 62 -23.57 21.12 28.05
C ASP G 62 -23.03 22.39 28.66
N SER G 63 -21.73 22.66 28.49
CA SER G 63 -21.10 23.86 29.03
C SER G 63 -21.37 25.10 28.21
N VAL G 64 -22.06 24.97 27.07
CA VAL G 64 -22.28 26.09 26.16
C VAL G 64 -23.73 26.22 25.72
N LYS G 65 -24.62 25.34 26.18
CA LYS G 65 -26.02 25.37 25.77
C LYS G 65 -26.66 26.72 26.07
N GLY G 66 -27.60 27.09 25.24
CA GLY G 66 -28.32 28.35 25.36
C GLY G 66 -27.64 29.54 24.69
N ARG G 67 -26.33 29.67 24.88
CA ARG G 67 -25.61 30.81 24.32
C ARG G 67 -25.26 30.59 22.86
N PHE G 68 -24.55 29.50 22.55
CA PHE G 68 -24.13 29.25 21.19
C PHE G 68 -25.27 28.66 20.37
N THR G 69 -25.24 28.93 19.07
CA THR G 69 -26.25 28.40 18.15
C THR G 69 -25.58 28.10 16.81
N ILE G 70 -25.60 26.85 16.40
CA ILE G 70 -24.89 26.41 15.21
C ILE G 70 -25.86 26.44 14.03
N SER G 71 -25.31 26.66 12.84
CA SER G 71 -26.10 26.75 11.62
C SER G 71 -25.19 26.53 10.43
N ARG G 72 -25.79 26.25 9.27
CA ARG G 72 -25.01 25.98 8.09
C ARG G 72 -25.80 26.38 6.84
N ASP G 73 -25.07 26.75 5.80
CA ASP G 73 -25.63 27.06 4.49
C ASP G 73 -24.91 26.17 3.47
N ASN G 74 -25.60 25.13 3.01
CA ASN G 74 -25.00 24.18 2.07
C ASN G 74 -24.86 24.80 0.68
N SER G 75 -25.79 25.67 0.29
CA SER G 75 -25.68 26.35 -0.99
C SER G 75 -24.43 27.21 -1.06
N LYS G 76 -24.00 27.75 0.08
CA LYS G 76 -22.78 28.53 0.17
C LYS G 76 -21.61 27.76 0.77
N ASN G 77 -21.84 26.53 1.24
CA ASN G 77 -20.80 25.71 1.87
C ASN G 77 -20.15 26.45 3.04
N THR G 78 -20.98 26.94 3.95
CA THR G 78 -20.49 27.77 5.05
C THR G 78 -21.07 27.28 6.37
N LEU G 79 -20.25 27.31 7.42
CA LEU G 79 -20.69 26.97 8.77
C LEU G 79 -20.68 28.22 9.63
N TYR G 80 -21.66 28.32 10.53
CA TYR G 80 -21.86 29.50 11.37
C TYR G 80 -22.04 29.08 12.82
N LEU G 81 -21.30 29.72 13.72
CA LEU G 81 -21.43 29.51 15.15
C LEU G 81 -21.74 30.83 15.82
N GLN G 82 -22.93 30.94 16.41
CA GLN G 82 -23.41 32.18 17.03
C GLN G 82 -23.09 32.13 18.52
N MET G 83 -22.06 32.86 18.92
CA MET G 83 -21.59 32.87 20.31
C MET G 83 -22.07 34.13 21.03
N ASN G 84 -23.38 34.22 21.25
CA ASN G 84 -23.86 35.37 22.00
C ASN G 84 -23.78 35.10 23.51
N SER G 85 -23.88 36.18 24.29
CA SER G 85 -23.81 36.12 25.75
C SER G 85 -22.51 35.45 26.20
N LEU G 86 -21.39 35.90 25.64
CA LEU G 86 -20.11 35.30 25.91
C LEU G 86 -19.71 35.45 27.38
N ARG G 87 -18.80 34.59 27.81
CA ARG G 87 -18.24 34.59 29.15
C ARG G 87 -16.73 34.78 29.05
N ALA G 88 -16.06 34.76 30.20
CA ALA G 88 -14.60 34.91 30.22
C ALA G 88 -13.89 33.63 29.82
N GLU G 89 -14.45 32.46 30.16
CA GLU G 89 -13.77 31.20 29.90
C GLU G 89 -13.83 30.79 28.45
N ASP G 90 -14.79 31.31 27.68
CA ASP G 90 -14.92 30.95 26.27
C ASP G 90 -13.72 31.34 25.43
N THR G 91 -12.79 32.11 25.99
CA THR G 91 -11.55 32.46 25.30
C THR G 91 -10.79 31.20 24.89
N ALA G 92 -10.66 30.99 23.59
CA ALA G 92 -10.03 29.77 23.08
C ALA G 92 -9.79 29.91 21.59
N VAL G 93 -8.95 29.02 21.06
CA VAL G 93 -8.85 28.83 19.62
C VAL G 93 -10.03 27.98 19.16
N TYR G 94 -10.64 28.36 18.05
CA TYR G 94 -11.86 27.71 17.56
C TYR G 94 -11.59 27.08 16.21
N TYR G 95 -11.62 25.75 16.16
CA TYR G 95 -11.46 24.99 14.93
C TYR G 95 -12.83 24.51 14.44
N CYS G 96 -13.06 24.61 13.14
CA CYS G 96 -14.12 23.84 12.51
C CYS G 96 -13.53 22.53 12.01
N ASN G 97 -14.26 21.44 12.25
CA ASN G 97 -13.72 20.11 12.10
C ASN G 97 -14.83 19.19 11.60
N GLY G 98 -14.68 18.68 10.37
CA GLY G 98 -15.65 17.77 9.81
C GLY G 98 -15.48 16.37 10.39
N HIS G 99 -16.61 15.76 10.79
CA HIS G 99 -16.54 14.52 11.54
C HIS G 99 -17.86 13.78 11.32
N GLY G 100 -17.85 12.77 10.47
CA GLY G 100 -19.05 12.02 10.19
C GLY G 100 -18.80 10.93 9.18
N SER G 101 -19.69 9.94 9.19
CA SER G 101 -19.59 8.82 8.26
C SER G 101 -19.79 9.29 6.81
N GLY G 102 -20.79 10.15 6.59
CA GLY G 102 -21.05 10.65 5.26
C GLY G 102 -21.78 9.68 4.35
N GLY G 103 -22.64 8.83 4.91
CA GLY G 103 -23.44 7.91 4.13
C GLY G 103 -22.77 6.59 3.81
N GLU G 104 -21.46 6.50 3.94
CA GLU G 104 -20.72 5.29 3.64
C GLU G 104 -20.24 4.63 4.93
N VAL G 105 -20.18 3.30 4.93
CA VAL G 105 -19.80 2.55 6.11
C VAL G 105 -18.38 2.00 6.02
N GLY G 106 -17.85 1.77 4.82
CA GLY G 106 -16.44 1.46 4.66
C GLY G 106 -15.62 2.61 5.20
N SER G 107 -15.73 3.77 4.55
CA SER G 107 -15.45 5.06 5.17
C SER G 107 -14.02 5.14 5.70
N ASN G 108 -13.08 5.15 4.75
CA ASN G 108 -11.72 5.57 5.08
C ASN G 108 -11.78 6.86 5.91
N TRP G 109 -10.88 6.96 6.89
CA TRP G 109 -10.99 8.01 7.89
C TRP G 109 -10.91 9.40 7.25
N PHE G 110 -11.99 10.16 7.40
CA PHE G 110 -12.09 11.51 6.85
C PHE G 110 -12.44 12.45 7.99
N ASP G 111 -11.45 13.19 8.47
CA ASP G 111 -11.64 14.10 9.62
C ASP G 111 -10.75 15.31 9.42
N PRO G 112 -11.21 16.30 8.66
CA PRO G 112 -10.38 17.49 8.41
C PRO G 112 -10.53 18.52 9.50
N TRP G 113 -9.44 19.27 9.71
CA TRP G 113 -9.42 20.37 10.66
C TRP G 113 -8.88 21.62 9.98
N GLY G 114 -9.39 22.77 10.42
CA GLY G 114 -8.85 24.04 10.00
C GLY G 114 -7.64 24.44 10.82
N GLN G 115 -7.23 25.69 10.65
CA GLN G 115 -6.11 26.23 11.40
C GLN G 115 -6.52 26.84 12.74
N GLY G 116 -7.81 27.06 12.97
CA GLY G 116 -8.28 27.60 14.22
C GLY G 116 -8.22 29.12 14.27
N THR G 117 -9.28 29.75 14.78
CA THR G 117 -9.36 31.20 14.90
C THR G 117 -9.39 31.58 16.37
N LEU G 118 -8.48 32.47 16.78
CA LEU G 118 -8.36 32.85 18.17
C LEU G 118 -9.53 33.74 18.58
N VAL G 119 -10.11 33.44 19.75
CA VAL G 119 -11.18 34.25 20.32
C VAL G 119 -10.75 34.60 21.74
N THR G 120 -10.27 35.83 21.92
CA THR G 120 -9.88 36.33 23.23
C THR G 120 -11.02 37.16 23.81
N VAL G 121 -11.42 36.83 25.04
CA VAL G 121 -12.47 37.57 25.74
C VAL G 121 -11.84 38.06 27.05
N SER G 122 -11.26 39.26 27.00
CA SER G 122 -10.77 39.95 28.19
C SER G 122 -11.70 41.10 28.52
N SER G 123 -11.57 41.63 29.74
CA SER G 123 -12.56 42.59 30.22
C SER G 123 -12.28 44.00 29.72
N ALA G 124 -11.20 44.62 30.19
CA ALA G 124 -10.99 46.05 29.97
C ALA G 124 -9.58 46.42 30.43
N SER G 125 -9.37 47.73 30.57
CA SER G 125 -8.30 48.29 31.39
C SER G 125 -6.87 48.01 30.94
N THR G 126 -6.47 48.60 29.81
CA THR G 126 -5.04 48.77 29.56
C THR G 126 -4.43 49.50 30.75
N LYS G 127 -3.58 48.82 31.50
CA LYS G 127 -3.16 49.26 32.82
C LYS G 127 -1.64 49.40 32.88
N GLY G 128 -1.18 50.08 33.92
CA GLY G 128 0.24 50.23 34.19
C GLY G 128 0.69 49.25 35.25
N PRO G 129 1.89 48.69 35.07
CA PRO G 129 2.39 47.69 36.00
C PRO G 129 2.79 48.31 37.34
N SER G 130 2.31 47.70 38.42
CA SER G 130 2.72 48.07 39.78
C SER G 130 3.84 47.15 40.24
N VAL G 131 4.93 47.74 40.72
CA VAL G 131 6.13 47.01 41.07
C VAL G 131 6.21 46.82 42.58
N PHE G 132 6.58 45.63 43.00
CA PHE G 132 6.68 45.25 44.40
C PHE G 132 8.04 44.65 44.69
N PRO G 133 8.50 44.73 45.95
CA PRO G 133 9.81 44.16 46.31
C PRO G 133 9.73 42.69 46.66
N LEU G 134 10.80 41.97 46.35
CA LEU G 134 10.93 40.55 46.65
C LEU G 134 12.33 40.33 47.24
N ALA G 135 12.40 40.21 48.60
CA ALA G 135 13.58 40.12 49.44
C ALA G 135 13.93 38.68 49.75
N PRO G 136 15.22 38.37 49.89
CA PRO G 136 15.64 37.01 50.25
C PRO G 136 15.69 36.81 51.75
N SER G 137 15.25 35.63 52.18
CA SER G 137 15.24 35.26 53.59
C SER G 137 16.62 34.71 53.97
N SER G 138 17.39 35.51 54.70
CA SER G 138 18.73 35.09 55.12
C SER G 138 18.65 34.01 56.20
N GLY G 144 25.77 28.46 49.79
CA GLY G 144 26.45 29.74 49.79
C GLY G 144 25.95 30.69 48.72
N THR G 145 24.71 30.50 48.29
CA THR G 145 24.09 31.34 47.27
C THR G 145 22.66 31.67 47.67
N ALA G 146 22.15 32.78 47.14
CA ALA G 146 20.78 33.21 47.37
C ALA G 146 20.27 33.89 46.10
N ALA G 147 19.08 34.49 46.19
CA ALA G 147 18.46 35.13 45.05
C ALA G 147 17.38 36.08 45.53
N LEU G 148 17.14 37.13 44.76
CA LEU G 148 16.08 38.07 45.09
C LEU G 148 15.45 38.57 43.80
N GLY G 149 14.31 39.26 43.93
CA GLY G 149 13.54 39.58 42.75
C GLY G 149 12.84 40.92 42.73
N CYS G 150 11.89 41.04 41.80
CA CYS G 150 11.16 42.29 41.55
C CYS G 150 9.85 41.93 40.88
N LEU G 151 8.74 42.44 41.42
CA LEU G 151 7.40 42.00 41.02
C LEU G 151 6.76 43.03 40.11
N VAL G 152 6.25 42.56 38.97
CA VAL G 152 5.54 43.38 37.99
C VAL G 152 4.11 42.87 37.92
N LYS G 153 3.20 43.51 38.65
CA LYS G 153 1.84 43.01 38.85
C LYS G 153 0.81 43.92 38.21
N ASP G 154 -0.29 43.32 37.75
CA ASP G 154 -1.51 44.03 37.35
C ASP G 154 -1.23 45.04 36.24
N TYR G 155 -0.87 44.50 35.07
CA TYR G 155 -0.67 45.33 33.88
C TYR G 155 -1.45 44.74 32.71
N PHE G 156 -1.61 45.55 31.67
CA PHE G 156 -2.28 45.18 30.44
C PHE G 156 -2.02 46.24 29.38
N PRO G 157 -1.75 45.85 28.12
CA PRO G 157 -1.52 44.47 27.69
C PRO G 157 -0.03 44.17 27.49
N GLU G 158 0.27 42.99 26.96
CA GLU G 158 1.64 42.60 26.67
C GLU G 158 2.18 43.42 25.49
N PRO G 159 3.51 43.50 25.34
CA PRO G 159 4.58 42.99 26.21
C PRO G 159 5.15 44.07 27.13
N VAL G 160 6.26 43.75 27.80
CA VAL G 160 7.00 44.72 28.61
C VAL G 160 8.48 44.56 28.33
N THR G 161 9.27 45.48 28.89
CA THR G 161 10.73 45.44 28.80
C THR G 161 11.31 45.64 30.19
N VAL G 162 12.02 44.64 30.68
CA VAL G 162 12.57 44.64 32.04
C VAL G 162 14.08 44.89 31.97
N SER G 163 14.56 45.76 32.87
CA SER G 163 15.99 46.06 32.96
C SER G 163 16.34 46.20 34.44
N TRP G 164 17.14 45.25 34.94
CA TRP G 164 17.57 45.28 36.34
C TRP G 164 18.77 46.20 36.51
N ASN G 165 18.67 47.12 37.48
CA ASN G 165 19.74 48.06 37.80
C ASN G 165 20.21 48.81 36.56
N SER G 166 19.24 49.27 35.76
CA SER G 166 19.49 50.01 34.52
C SER G 166 20.34 49.18 33.54
N GLY G 167 19.80 48.00 33.20
CA GLY G 167 20.42 47.13 32.22
C GLY G 167 21.86 46.76 32.51
N ALA G 168 22.21 46.66 33.79
CA ALA G 168 23.58 46.38 34.20
C ALA G 168 23.78 44.91 34.58
N LEU G 169 23.00 44.41 35.55
CA LEU G 169 23.16 43.06 36.05
C LEU G 169 22.40 42.10 35.16
N THR G 170 23.11 41.40 34.27
CA THR G 170 22.52 40.42 33.39
C THR G 170 23.00 38.99 33.65
N SER G 171 24.14 38.82 34.30
CA SER G 171 24.65 37.50 34.61
C SER G 171 23.86 36.88 35.76
N GLY G 172 23.34 35.68 35.54
CA GLY G 172 22.56 35.01 36.56
C GLY G 172 21.20 35.62 36.81
N VAL G 173 20.58 36.20 35.77
CA VAL G 173 19.28 36.84 35.90
C VAL G 173 18.34 36.20 34.87
N HIS G 174 17.08 36.04 35.25
CA HIS G 174 16.09 35.47 34.35
C HIS G 174 14.76 36.19 34.51
N THR G 175 14.01 36.28 33.40
CA THR G 175 12.69 36.89 33.38
C THR G 175 11.70 35.85 32.84
N PHE G 176 10.69 35.52 33.64
CA PHE G 176 9.75 34.46 33.33
C PHE G 176 8.52 35.00 32.60
N PRO G 177 7.82 34.16 31.85
CA PRO G 177 6.64 34.62 31.12
C PRO G 177 5.53 35.08 32.06
N ALA G 178 4.58 35.79 31.49
CA ALA G 178 3.48 36.38 32.24
C ALA G 178 2.33 35.40 32.40
N VAL G 179 1.46 35.70 33.37
CA VAL G 179 0.25 34.92 33.59
C VAL G 179 -0.95 35.81 33.28
N LEU G 180 -2.04 35.16 32.88
CA LEU G 180 -3.31 35.83 32.69
C LEU G 180 -4.15 35.61 33.95
N GLN G 181 -4.27 36.64 34.78
CA GLN G 181 -5.06 36.53 35.99
C GLN G 181 -6.53 36.31 35.65
N SER G 182 -7.26 35.74 36.62
CA SER G 182 -8.71 35.60 36.45
C SER G 182 -9.39 36.95 36.33
N SER G 183 -8.76 38.01 36.86
CA SER G 183 -9.28 39.37 36.69
C SER G 183 -9.05 39.91 35.28
N GLY G 184 -8.34 39.17 34.43
CA GLY G 184 -8.12 39.57 33.06
C GLY G 184 -6.85 40.36 32.81
N LEU G 185 -6.14 40.77 33.86
CA LEU G 185 -4.95 41.59 33.73
C LEU G 185 -3.68 40.74 33.86
N TYR G 186 -2.64 41.14 33.13
CA TYR G 186 -1.40 40.40 33.09
C TYR G 186 -0.55 40.69 34.32
N SER G 187 0.48 39.86 34.52
CA SER G 187 1.47 40.03 35.56
C SER G 187 2.62 39.06 35.30
N LEU G 188 3.85 39.53 35.48
CA LEU G 188 5.03 38.70 35.28
C LEU G 188 6.10 39.09 36.30
N SER G 189 7.09 38.22 36.45
CA SER G 189 8.15 38.40 37.42
C SER G 189 9.51 38.35 36.73
N SER G 190 10.55 38.63 37.52
CA SER G 190 11.94 38.57 37.04
C SER G 190 12.84 38.46 38.24
N VAL G 191 13.66 37.42 38.30
CA VAL G 191 14.48 37.13 39.47
C VAL G 191 15.95 37.16 39.09
N VAL G 192 16.78 37.47 40.07
CA VAL G 192 18.24 37.45 39.91
C VAL G 192 18.83 36.54 40.98
N THR G 193 19.78 35.70 40.55
CA THR G 193 20.50 34.78 41.42
C THR G 193 21.91 35.30 41.66
N VAL G 194 22.35 35.25 42.91
CA VAL G 194 23.66 35.79 43.29
C VAL G 194 24.26 34.92 44.38
N PRO G 195 25.58 34.95 44.60
CA PRO G 195 26.14 34.28 45.77
C PRO G 195 25.70 34.98 47.05
N SER G 196 25.78 34.23 48.16
CA SER G 196 25.32 34.73 49.46
C SER G 196 26.24 35.85 49.96
N SER G 197 27.30 36.13 49.19
CA SER G 197 28.22 37.19 49.56
C SER G 197 27.57 38.56 49.51
N SER G 198 27.10 38.97 48.33
CA SER G 198 26.61 40.33 48.12
C SER G 198 25.19 40.47 48.71
N LEU G 199 25.14 40.44 50.04
CA LEU G 199 23.90 40.66 50.78
C LEU G 199 24.02 41.99 51.53
N GLY G 200 23.28 42.99 51.07
CA GLY G 200 23.36 44.34 51.59
C GLY G 200 24.37 45.22 50.90
N THR G 201 25.33 44.63 50.18
CA THR G 201 26.40 45.41 49.55
C THR G 201 25.83 46.38 48.52
N GLN G 202 25.22 45.85 47.46
CA GLN G 202 24.69 46.66 46.37
C GLN G 202 23.17 46.66 46.45
N THR G 203 22.59 47.84 46.59
CA THR G 203 21.14 47.99 46.52
C THR G 203 20.66 47.69 45.10
N TYR G 204 19.49 47.07 45.00
CA TYR G 204 19.00 46.51 43.74
C TYR G 204 17.72 47.24 43.33
N ILE G 205 17.88 48.24 42.46
CA ILE G 205 16.74 49.00 41.94
C ILE G 205 16.23 48.34 40.67
N CYS G 206 14.92 48.10 40.62
CA CYS G 206 14.28 47.46 39.48
C CYS G 206 13.72 48.55 38.56
N ASN G 207 13.98 48.40 37.26
CA ASN G 207 13.60 49.41 36.26
C ASN G 207 12.84 48.71 35.13
N VAL G 208 11.52 48.88 35.12
CA VAL G 208 10.67 48.24 34.14
C VAL G 208 10.31 49.24 33.05
N ASN G 209 9.74 48.75 31.95
CA ASN G 209 9.19 49.63 30.92
C ASN G 209 8.11 48.87 30.17
N HIS G 210 6.85 49.14 30.51
CA HIS G 210 5.70 48.72 29.71
C HIS G 210 5.37 49.85 28.74
N LYS G 211 5.43 49.56 27.44
CA LYS G 211 5.43 50.64 26.45
C LYS G 211 4.07 51.33 26.33
N PRO G 212 2.96 50.64 26.04
CA PRO G 212 1.70 51.36 25.85
C PRO G 212 1.25 52.15 27.06
N SER G 213 1.42 51.60 28.26
CA SER G 213 1.11 52.35 29.48
C SER G 213 2.18 53.37 29.83
N ASN G 214 3.33 53.33 29.15
CA ASN G 214 4.40 54.31 29.32
C ASN G 214 4.87 54.40 30.77
N THR G 215 4.72 53.31 31.51
CA THR G 215 5.03 53.29 32.94
C THR G 215 6.38 52.62 33.17
N LYS G 216 7.27 53.32 33.87
CA LYS G 216 8.60 52.82 34.20
C LYS G 216 8.85 53.12 35.67
N VAL G 217 8.88 52.09 36.51
CA VAL G 217 8.96 52.25 37.96
C VAL G 217 10.16 51.47 38.48
N ASP G 218 10.83 52.03 39.48
CA ASP G 218 11.98 51.42 40.12
C ASP G 218 11.56 50.77 41.44
N LYS G 219 12.33 49.77 41.87
CA LYS G 219 12.09 49.18 43.19
C LYS G 219 13.36 48.53 43.71
N LYS G 220 13.97 49.14 44.72
CA LYS G 220 15.17 48.60 45.35
C LYS G 220 14.80 47.56 46.40
N VAL G 221 15.58 46.48 46.44
CA VAL G 221 15.38 45.40 47.41
C VAL G 221 16.42 45.56 48.52
N GLU G 222 15.96 45.44 49.77
CA GLU G 222 16.82 45.53 50.94
C GLU G 222 16.28 44.55 51.98
N PRO G 223 17.14 43.74 52.58
CA PRO G 223 16.66 42.70 53.51
C PRO G 223 15.93 43.30 54.70
N LYS G 224 14.84 42.64 55.10
CA LYS G 224 14.04 43.07 56.24
C LYS G 224 14.69 42.61 57.53
N SER G 225 13.98 42.77 58.65
CA SER G 225 14.47 42.35 59.95
C SER G 225 13.31 42.15 60.93
N ASN H 1 -22.25 12.93 31.39
CA ASN H 1 -22.47 11.51 31.62
C ASN H 1 -21.18 10.82 32.05
N PHE H 2 -20.15 10.93 31.22
CA PHE H 2 -18.87 10.32 31.54
C PHE H 2 -17.74 11.24 31.10
N MET H 3 -16.55 10.96 31.63
CA MET H 3 -15.34 11.70 31.31
C MET H 3 -14.22 10.71 31.04
N LEU H 4 -13.31 11.11 30.15
CA LEU H 4 -12.16 10.30 29.78
C LEU H 4 -10.94 10.85 30.51
N THR H 5 -10.32 10.03 31.35
CA THR H 5 -9.13 10.41 32.10
C THR H 5 -7.90 9.75 31.48
N GLN H 6 -6.93 10.58 31.10
CA GLN H 6 -5.63 10.12 30.65
C GLN H 6 -4.56 10.83 31.46
N PRO H 7 -3.38 10.22 31.62
CA PRO H 7 -2.36 10.81 32.50
C PRO H 7 -1.92 12.18 32.01
N HIS H 8 -1.53 13.03 32.96
CA HIS H 8 -1.12 14.39 32.61
C HIS H 8 0.13 14.40 31.76
N SER H 9 1.03 13.43 31.97
CA SER H 9 2.29 13.42 31.24
C SER H 9 2.88 12.02 31.27
N VAL H 10 3.82 11.79 30.37
CA VAL H 10 4.57 10.53 30.32
C VAL H 10 5.81 10.79 29.49
N SER H 11 6.86 10.00 29.74
CA SER H 11 8.13 10.18 29.06
C SER H 11 8.84 8.83 28.96
N GLU H 12 9.65 8.69 27.91
CA GLU H 12 10.42 7.48 27.69
C GLU H 12 11.56 7.79 26.73
N SER H 13 12.62 6.97 26.81
CA SER H 13 13.79 7.19 26.00
C SER H 13 13.52 6.82 24.54
N PRO H 14 14.20 7.48 23.60
CA PRO H 14 14.02 7.14 22.18
C PRO H 14 14.40 5.70 21.89
N GLY H 15 13.66 5.09 20.95
CA GLY H 15 13.80 3.69 20.64
C GLY H 15 12.97 2.77 21.50
N LYS H 16 12.68 3.18 22.74
CA LYS H 16 11.84 2.40 23.62
C LYS H 16 10.36 2.62 23.28
N THR H 17 9.52 1.72 23.78
CA THR H 17 8.09 1.77 23.54
C THR H 17 7.39 2.50 24.70
N VAL H 18 6.29 3.17 24.37
CA VAL H 18 5.52 3.93 25.36
C VAL H 18 4.03 3.69 25.11
N THR H 19 3.26 3.72 26.19
CA THR H 19 1.81 3.51 26.11
C THR H 19 1.10 4.59 26.92
N ILE H 20 -0.05 5.02 26.43
CA ILE H 20 -0.85 6.07 27.06
C ILE H 20 -2.26 5.52 27.25
N SER H 21 -2.80 5.68 28.46
CA SER H 21 -4.10 5.12 28.83
C SER H 21 -5.19 6.18 28.74
N CYS H 22 -6.43 5.70 28.66
CA CYS H 22 -7.61 6.55 28.49
C CYS H 22 -8.76 5.81 29.15
N THR H 23 -9.11 6.20 30.36
CA THR H 23 -10.05 5.46 31.19
C THR H 23 -11.39 6.19 31.22
N ARG H 24 -12.47 5.45 30.94
CA ARG H 24 -13.80 6.02 30.85
C ARG H 24 -14.52 5.87 32.19
N SER H 25 -15.00 6.98 32.73
CA SER H 25 -15.51 6.98 34.09
C SER H 25 -16.85 6.24 34.21
N SER H 26 -17.66 6.26 33.16
CA SER H 26 -19.00 5.68 33.25
C SER H 26 -19.42 5.16 31.88
N GLY H 27 -19.69 3.88 31.79
CA GLY H 27 -20.06 3.29 30.52
C GLY H 27 -18.93 2.49 29.92
N SER H 28 -19.28 1.46 29.14
CA SER H 28 -18.27 0.57 28.59
C SER H 28 -17.46 1.27 27.51
N ILE H 29 -16.14 1.08 27.56
CA ILE H 29 -15.26 1.65 26.55
C ILE H 29 -15.57 1.06 25.17
N ALA H 30 -16.15 -0.14 25.12
CA ALA H 30 -16.54 -0.75 23.87
C ALA H 30 -17.89 -0.26 23.36
N SER H 31 -18.60 0.56 24.14
CA SER H 31 -19.91 1.05 23.70
C SER H 31 -19.77 2.03 22.53
N ASN H 32 -18.75 2.88 22.56
CA ASN H 32 -18.55 3.88 21.53
C ASN H 32 -17.09 3.84 21.08
N TYR H 33 -16.88 4.21 19.81
CA TYR H 33 -15.54 4.23 19.25
C TYR H 33 -14.66 5.25 19.96
N VAL H 34 -13.35 4.99 19.95
CA VAL H 34 -12.35 5.87 20.54
C VAL H 34 -11.36 6.27 19.46
N GLN H 35 -11.17 7.58 19.31
CA GLN H 35 -10.20 8.15 18.39
C GLN H 35 -9.02 8.71 19.18
N TRP H 36 -7.83 8.54 18.63
CA TRP H 36 -6.60 9.08 19.21
C TRP H 36 -6.07 10.18 18.31
N TYR H 37 -5.95 11.39 18.88
CA TYR H 37 -5.51 12.59 18.20
C TYR H 37 -4.14 13.03 18.70
N GLN H 38 -3.32 13.53 17.79
CA GLN H 38 -2.02 14.12 18.11
C GLN H 38 -2.06 15.61 17.79
N GLN H 39 -1.64 16.43 18.75
CA GLN H 39 -1.55 17.87 18.58
C GLN H 39 -0.13 18.31 18.92
N ARG H 40 0.57 18.85 17.91
CA ARG H 40 1.87 19.48 18.09
C ARG H 40 1.69 20.94 18.47
N PRO H 41 2.69 21.55 19.12
CA PRO H 41 2.54 22.94 19.56
C PRO H 41 2.21 23.88 18.41
N GLY H 42 1.11 24.61 18.56
CA GLY H 42 0.70 25.58 17.57
C GLY H 42 -0.03 24.98 16.37
N SER H 43 0.27 23.73 16.05
CA SER H 43 -0.34 23.07 14.91
C SER H 43 -1.74 22.57 15.25
N SER H 44 -2.52 22.33 14.20
CA SER H 44 -3.84 21.74 14.36
C SER H 44 -3.71 20.23 14.60
N PRO H 45 -4.66 19.63 15.30
CA PRO H 45 -4.55 18.20 15.62
C PRO H 45 -4.65 17.32 14.39
N THR H 46 -3.96 16.20 14.45
CA THR H 46 -3.96 15.19 13.39
C THR H 46 -4.28 13.84 14.00
N THR H 47 -5.27 13.16 13.42
CA THR H 47 -5.67 11.86 13.93
C THR H 47 -4.56 10.84 13.70
N VAL H 48 -4.14 10.17 14.77
CA VAL H 48 -3.18 9.08 14.68
C VAL H 48 -3.86 7.73 14.71
N ILE H 49 -4.95 7.59 15.46
CA ILE H 49 -5.69 6.33 15.52
C ILE H 49 -7.18 6.64 15.42
N TYR H 50 -7.93 5.77 14.75
CA TYR H 50 -9.38 5.87 14.72
C TYR H 50 -9.98 4.47 14.86
N GLU H 51 -11.17 4.41 15.47
CA GLU H 51 -11.92 3.17 15.63
C GLU H 51 -11.09 2.11 16.34
N TYR H 52 -10.42 2.55 17.41
CA TYR H 52 -9.70 1.77 18.41
C TYR H 52 -8.37 1.18 17.96
N ASN H 53 -8.21 0.94 16.66
CA ASN H 53 -6.97 0.33 16.22
C ASN H 53 -6.57 0.68 14.80
N GLN H 54 -7.35 1.49 14.08
CA GLN H 54 -7.14 1.65 12.64
C GLN H 54 -6.15 2.77 12.39
N ARG H 55 -5.16 2.48 11.56
CA ARG H 55 -4.05 3.38 11.27
C ARG H 55 -4.33 4.10 9.96
N PRO H 56 -4.72 5.37 9.99
CA PRO H 56 -5.02 6.08 8.73
C PRO H 56 -3.79 6.18 7.85
N SER H 57 -4.04 6.36 6.56
CA SER H 57 -2.95 6.43 5.59
C SER H 57 -2.01 7.57 5.91
N GLY H 58 -0.74 7.24 6.16
CA GLY H 58 0.30 8.20 6.49
C GLY H 58 0.96 7.96 7.83
N VAL H 59 0.22 7.40 8.77
CA VAL H 59 0.76 7.17 10.12
C VAL H 59 1.64 5.92 10.10
N PRO H 60 2.88 6.00 10.59
CA PRO H 60 3.77 4.84 10.53
C PRO H 60 3.29 3.71 11.41
N ASP H 61 3.87 2.52 11.16
CA ASP H 61 3.47 1.30 11.85
C ASP H 61 3.74 1.33 13.35
N ARG H 62 4.45 2.34 13.86
CA ARG H 62 4.76 2.38 15.29
C ARG H 62 3.51 2.61 16.13
N PHE H 63 2.54 3.35 15.59
CA PHE H 63 1.33 3.69 16.34
C PHE H 63 0.37 2.51 16.34
N SER H 64 -0.06 2.10 17.52
CA SER H 64 -1.03 1.02 17.67
C SER H 64 -2.05 1.39 18.72
N GLY H 65 -3.28 0.96 18.51
CA GLY H 65 -4.38 1.19 19.44
C GLY H 65 -4.84 -0.11 20.07
N SER H 66 -5.32 -0.02 21.30
CA SER H 66 -5.75 -1.21 22.01
C SER H 66 -6.89 -0.84 22.97
N ILE H 67 -7.65 -1.86 23.34
CA ILE H 67 -8.79 -1.72 24.26
C ILE H 67 -8.59 -2.69 25.41
N ASP H 68 -8.75 -2.21 26.63
CA ASP H 68 -8.71 -3.05 27.83
C ASP H 68 -10.07 -2.96 28.50
N SER H 69 -10.95 -3.89 28.14
CA SER H 69 -12.30 -3.91 28.70
C SER H 69 -12.28 -4.09 30.21
N SER H 70 -11.23 -4.71 30.73
CA SER H 70 -11.17 -5.00 32.17
C SER H 70 -11.05 -3.71 32.97
N SER H 71 -10.05 -2.89 32.65
CA SER H 71 -9.90 -1.57 33.24
C SER H 71 -10.71 -0.51 32.51
N ASN H 72 -11.53 -0.90 31.54
CA ASN H 72 -12.39 0.01 30.78
C ASN H 72 -11.58 1.17 30.21
N SER H 73 -10.46 0.83 29.59
CA SER H 73 -9.51 1.81 29.10
C SER H 73 -9.19 1.58 27.63
N ALA H 74 -8.53 2.56 27.04
CA ALA H 74 -8.02 2.51 25.68
C ALA H 74 -6.59 3.02 25.68
N SER H 75 -5.71 2.32 24.98
CA SER H 75 -4.29 2.61 25.05
C SER H 75 -3.72 2.89 23.67
N LEU H 76 -2.95 3.98 23.56
CA LEU H 76 -2.20 4.31 22.36
C LEU H 76 -0.73 4.05 22.63
N THR H 77 -0.10 3.22 21.79
CA THR H 77 1.25 2.75 22.05
C THR H 77 2.12 3.04 20.84
N ILE H 78 3.32 3.58 21.10
CA ILE H 78 4.30 3.87 20.06
C ILE H 78 5.55 3.07 20.36
N SER H 79 6.00 2.27 19.38
CA SER H 79 7.21 1.50 19.49
C SER H 79 8.33 2.19 18.71
N GLY H 80 9.52 2.24 19.31
CA GLY H 80 10.63 2.94 18.68
C GLY H 80 10.36 4.42 18.58
N LEU H 81 10.33 5.09 19.73
CA LEU H 81 10.00 6.50 19.79
C LEU H 81 11.03 7.34 19.03
N LYS H 82 10.55 8.44 18.46
CA LYS H 82 11.39 9.41 17.77
C LYS H 82 11.03 10.80 18.26
N THR H 83 12.01 11.70 18.26
CA THR H 83 11.83 13.03 18.81
C THR H 83 10.69 13.79 18.14
N GLU H 84 10.32 13.41 16.91
CA GLU H 84 9.17 14.02 16.26
C GLU H 84 7.87 13.72 16.99
N ASP H 85 7.81 12.58 17.68
CA ASP H 85 6.60 12.16 18.38
C ASP H 85 6.28 13.02 19.59
N GLU H 86 7.17 13.93 19.99
CA GLU H 86 6.97 14.72 21.20
C GLU H 86 5.86 15.74 20.96
N ALA H 87 4.65 15.41 21.39
CA ALA H 87 3.50 16.29 21.25
C ALA H 87 2.48 15.89 22.31
N ASP H 88 1.35 16.59 22.31
CA ASP H 88 0.25 16.23 23.19
C ASP H 88 -0.67 15.26 22.48
N TYR H 89 -1.28 14.35 23.25
CA TYR H 89 -2.16 13.35 22.69
C TYR H 89 -3.48 13.35 23.45
N TYR H 90 -4.58 13.34 22.70
CA TYR H 90 -5.91 13.39 23.28
C TYR H 90 -6.74 12.21 22.78
N CYS H 91 -7.35 11.48 23.71
CA CYS H 91 -8.32 10.48 23.33
C CYS H 91 -9.72 11.08 23.34
N GLN H 92 -10.56 10.63 22.43
CA GLN H 92 -11.90 11.16 22.28
C GLN H 92 -12.88 10.01 22.03
N SER H 93 -13.95 9.97 22.79
CA SER H 93 -15.01 9.00 22.59
C SER H 93 -16.32 9.76 22.41
N TYR H 94 -17.42 9.05 22.45
CA TYR H 94 -18.73 9.62 22.15
C TYR H 94 -19.71 9.35 23.28
N ASP H 95 -20.26 10.41 23.85
CA ASP H 95 -21.59 10.31 24.41
C ASP H 95 -22.59 10.41 23.26
N SER H 96 -23.85 10.08 23.55
CA SER H 96 -24.80 9.60 22.55
C SER H 96 -24.57 10.22 21.18
N ALA H 97 -24.56 11.53 21.08
CA ALA H 97 -24.09 12.21 19.88
C ALA H 97 -22.93 13.15 20.15
N ASN H 98 -22.78 13.63 21.37
CA ASN H 98 -21.73 14.59 21.68
C ASN H 98 -20.38 13.91 21.75
N ARG H 99 -19.34 14.63 21.32
CA ARG H 99 -17.97 14.13 21.45
C ARG H 99 -17.40 14.50 22.81
N VAL H 100 -16.52 13.65 23.31
CA VAL H 100 -15.88 13.85 24.61
C VAL H 100 -14.39 13.67 24.44
N PHE H 101 -13.61 14.66 24.88
CA PHE H 101 -12.17 14.66 24.72
C PHE H 101 -11.49 14.33 26.04
N GLY H 102 -10.34 13.68 25.95
CA GLY H 102 -9.54 13.39 27.12
C GLY H 102 -8.84 14.63 27.64
N GLY H 103 -8.30 14.52 28.84
CA GLY H 103 -7.60 15.62 29.45
C GLY H 103 -6.27 15.97 28.84
N GLY H 104 -5.81 15.19 27.87
CA GLY H 104 -4.50 15.43 27.28
C GLY H 104 -3.39 14.72 28.02
N THR H 105 -2.35 14.36 27.28
CA THR H 105 -1.19 13.67 27.83
C THR H 105 0.06 14.23 27.15
N LYS H 106 0.85 15.00 27.88
CA LYS H 106 2.07 15.59 27.32
C LYS H 106 3.14 14.51 27.25
N LEU H 107 3.46 14.07 26.03
CA LEU H 107 4.48 13.07 25.80
C LEU H 107 5.76 13.79 25.37
N THR H 108 6.78 13.71 26.22
CA THR H 108 8.09 14.28 25.92
C THR H 108 9.08 13.13 25.73
N VAL H 109 9.81 13.17 24.62
CA VAL H 109 10.85 12.19 24.34
C VAL H 109 12.15 12.71 24.93
N LEU H 110 12.86 11.84 25.64
CA LEU H 110 14.04 12.27 26.40
C LEU H 110 15.13 12.76 25.46
N GLY H 111 15.60 13.98 25.73
CA GLY H 111 16.72 14.55 24.99
C GLY H 111 17.89 14.85 25.90
N GLN H 112 17.75 14.48 27.17
CA GLN H 112 18.74 14.68 28.22
C GLN H 112 18.28 13.99 29.49
N PRO H 113 19.15 13.81 30.49
CA PRO H 113 18.68 13.27 31.77
C PRO H 113 17.69 14.20 32.46
N LYS H 114 16.85 13.60 33.30
CA LYS H 114 15.80 14.35 33.98
C LYS H 114 16.39 15.31 35.01
N ALA H 115 15.86 16.52 35.03
CA ALA H 115 16.31 17.56 35.95
C ALA H 115 15.15 17.98 36.85
N ALA H 116 15.39 17.99 38.16
CA ALA H 116 14.42 18.45 39.13
C ALA H 116 14.37 19.98 39.14
N PRO H 117 13.23 20.57 39.49
CA PRO H 117 13.08 22.02 39.40
C PRO H 117 13.85 22.75 40.49
N SER H 118 14.06 24.05 40.25
CA SER H 118 14.70 24.96 41.20
C SER H 118 13.64 25.91 41.72
N VAL H 119 13.03 25.54 42.86
CA VAL H 119 11.94 26.31 43.43
C VAL H 119 12.52 27.43 44.30
N THR H 120 12.03 28.66 44.07
CA THR H 120 12.42 29.82 44.88
C THR H 120 11.14 30.59 45.23
N LEU H 121 10.60 30.32 46.41
CA LEU H 121 9.40 31.02 46.88
C LEU H 121 9.77 32.40 47.39
N PHE H 122 8.75 33.26 47.54
CA PHE H 122 8.94 34.63 48.00
C PHE H 122 7.87 35.00 49.01
N PRO H 123 8.23 35.60 50.14
CA PRO H 123 7.23 36.10 51.06
C PRO H 123 6.50 37.29 50.47
N PRO H 124 5.24 37.52 50.84
CA PRO H 124 4.49 38.63 50.24
C PRO H 124 5.07 39.97 50.66
N SER H 125 5.10 40.90 49.69
CA SER H 125 5.66 42.22 49.94
C SER H 125 4.91 42.94 51.05
N SER H 126 5.63 43.77 51.80
CA SER H 126 5.04 44.45 52.95
C SER H 126 4.04 45.51 52.51
N GLU H 127 4.42 46.34 51.54
CA GLU H 127 3.52 47.39 51.07
C GLU H 127 2.24 46.82 50.45
N GLU H 128 2.28 45.58 49.98
CA GLU H 128 1.04 44.92 49.55
C GLU H 128 0.12 44.66 50.73
N LEU H 129 0.68 44.16 51.83
CA LEU H 129 -0.08 44.06 53.08
C LEU H 129 -0.54 45.42 53.57
N GLN H 130 0.17 46.49 53.21
CA GLN H 130 -0.28 47.85 53.46
C GLN H 130 -1.35 48.29 52.47
N ALA H 131 -1.54 47.56 51.37
CA ALA H 131 -2.70 47.71 50.51
C ALA H 131 -3.78 46.69 50.83
N ASN H 132 -3.68 46.03 51.98
CA ASN H 132 -4.63 45.00 52.42
C ASN H 132 -4.80 43.91 51.37
N LYS H 133 -3.68 43.24 51.08
CA LYS H 133 -3.64 42.19 50.09
C LYS H 133 -2.48 41.25 50.42
N ALA H 134 -2.41 40.14 49.67
CA ALA H 134 -1.31 39.20 49.81
C ALA H 134 -1.29 38.31 48.57
N THR H 135 -0.18 38.33 47.83
CA THR H 135 -0.01 37.51 46.63
C THR H 135 1.38 36.90 46.67
N LEU H 136 1.45 35.59 46.90
CA LEU H 136 2.73 34.90 46.96
C LEU H 136 3.33 34.76 45.56
N VAL H 137 4.63 34.51 45.52
CA VAL H 137 5.38 34.38 44.28
C VAL H 137 6.26 33.14 44.36
N CYS H 138 5.84 32.06 43.70
CA CYS H 138 6.62 30.82 43.64
C CYS H 138 7.20 30.68 42.25
N LEU H 139 8.53 30.64 42.15
CA LEU H 139 9.22 30.61 40.86
C LEU H 139 9.85 29.24 40.66
N ILE H 140 9.52 28.60 39.54
CA ILE H 140 9.99 27.26 39.22
C ILE H 140 10.83 27.36 37.95
N SER H 141 12.04 26.79 37.98
CA SER H 141 12.95 26.93 36.87
C SER H 141 13.89 25.72 36.81
N ASP H 142 14.46 25.50 35.62
CA ASP H 142 15.45 24.47 35.38
C ASP H 142 14.91 23.08 35.73
N PHE H 143 13.88 22.68 34.98
CA PHE H 143 13.31 21.34 35.14
C PHE H 143 13.00 20.74 33.78
N TYR H 144 13.21 19.44 33.66
CA TYR H 144 12.98 18.66 32.45
C TYR H 144 12.54 17.28 32.92
N PRO H 145 11.44 16.72 32.39
CA PRO H 145 10.56 17.24 31.33
C PRO H 145 9.74 18.46 31.74
N GLY H 146 9.04 19.06 30.78
CA GLY H 146 8.29 20.27 31.04
C GLY H 146 6.89 20.05 31.58
N ALA H 147 6.74 19.03 32.42
CA ALA H 147 5.46 18.71 33.06
C ALA H 147 5.62 18.80 34.57
N VAL H 148 4.78 19.61 35.21
CA VAL H 148 4.93 19.92 36.62
C VAL H 148 3.54 20.20 37.19
N THR H 149 3.29 19.74 38.41
CA THR H 149 2.06 20.05 39.11
C THR H 149 2.36 21.00 40.26
N VAL H 150 1.59 22.09 40.36
CA VAL H 150 1.81 23.12 41.37
C VAL H 150 0.53 23.24 42.18
N ALA H 151 0.51 22.63 43.36
CA ALA H 151 -0.60 22.74 44.29
C ALA H 151 -0.15 23.53 45.52
N TRP H 152 -0.89 24.58 45.84
CA TRP H 152 -0.70 25.33 47.07
C TRP H 152 -1.51 24.69 48.18
N LYS H 153 -0.97 24.73 49.39
CA LYS H 153 -1.63 24.12 50.54
C LYS H 153 -1.65 25.10 51.71
N ALA H 154 -2.79 25.16 52.40
CA ALA H 154 -2.91 25.95 53.64
C ALA H 154 -2.54 25.02 54.79
N ASP H 155 -1.23 24.80 54.93
CA ASP H 155 -0.68 23.80 55.86
C ASP H 155 -1.24 22.42 55.53
N SER H 156 -0.90 21.94 54.33
CA SER H 156 -1.28 20.61 53.85
C SER H 156 -2.80 20.46 53.74
N SER H 157 -3.38 21.31 52.88
CA SER H 157 -4.83 21.30 52.69
C SER H 157 -5.17 22.00 51.39
N PRO H 158 -6.17 21.54 50.64
CA PRO H 158 -6.45 22.12 49.32
C PRO H 158 -6.81 23.60 49.39
N VAL H 159 -6.07 24.41 48.63
CA VAL H 159 -6.33 25.83 48.45
C VAL H 159 -6.67 26.06 46.98
N LYS H 160 -7.74 26.83 46.71
CA LYS H 160 -8.04 27.31 45.37
C LYS H 160 -8.26 28.82 45.48
N ALA H 161 -7.15 29.57 45.51
CA ALA H 161 -7.17 31.03 45.51
C ALA H 161 -5.97 31.60 44.77
N GLY H 162 -5.40 30.82 43.85
CA GLY H 162 -4.16 31.20 43.19
C GLY H 162 -4.27 31.05 41.69
N VAL H 163 -3.30 31.66 41.00
CA VAL H 163 -3.21 31.62 39.55
C VAL H 163 -1.78 31.28 39.17
N GLU H 164 -1.61 30.25 38.35
CA GLU H 164 -0.31 29.71 38.00
C GLU H 164 -0.22 29.53 36.49
N THR H 165 0.94 29.82 35.93
CA THR H 165 1.12 29.83 34.48
C THR H 165 1.36 28.43 33.95
N THR H 166 1.17 28.29 32.63
CA THR H 166 1.57 27.08 31.93
C THR H 166 3.11 26.98 31.95
N THR H 167 3.63 25.89 31.38
CA THR H 167 5.05 25.58 31.44
C THR H 167 5.68 25.72 30.06
N PRO H 168 6.19 26.90 29.71
CA PRO H 168 6.92 27.05 28.45
C PRO H 168 8.38 26.64 28.60
N SER H 169 9.05 26.52 27.46
CA SER H 169 10.44 26.08 27.42
C SER H 169 11.37 27.24 27.77
N LYS H 170 12.66 26.93 27.84
CA LYS H 170 13.70 27.93 28.08
C LYS H 170 14.39 28.26 26.76
N GLN H 171 14.56 29.55 26.50
CA GLN H 171 15.38 30.02 25.38
C GLN H 171 16.87 29.89 25.65
N SER H 172 17.25 29.30 26.79
CA SER H 172 18.65 29.24 27.20
C SER H 172 19.18 27.83 27.32
N ASN H 173 18.51 26.95 28.06
CA ASN H 173 19.05 25.64 28.40
C ASN H 173 18.23 24.48 27.84
N ASN H 174 17.28 24.75 26.95
CA ASN H 174 16.36 23.73 26.43
C ASN H 174 15.57 23.05 27.54
N LYS H 175 15.44 23.69 28.69
CA LYS H 175 14.60 23.22 29.78
C LYS H 175 13.30 24.02 29.78
N TYR H 176 12.49 23.84 30.82
CA TYR H 176 11.21 24.53 30.94
C TYR H 176 11.15 25.29 32.26
N ALA H 177 10.39 26.37 32.27
CA ALA H 177 10.25 27.21 33.44
C ALA H 177 8.78 27.60 33.62
N ALA H 178 8.43 27.97 34.85
CA ALA H 178 7.05 28.33 35.18
C ALA H 178 7.05 29.14 36.46
N SER H 179 5.88 29.67 36.80
CA SER H 179 5.70 30.48 38.00
C SER H 179 4.31 30.25 38.55
N SER H 180 4.03 30.84 39.71
CA SER H 180 2.75 30.67 40.39
C SER H 180 2.56 31.82 41.37
N TYR H 181 1.30 32.22 41.57
CA TYR H 181 0.96 33.36 42.40
C TYR H 181 -0.28 33.03 43.22
N LEU H 182 -0.09 32.81 44.52
CA LEU H 182 -1.21 32.52 45.43
C LEU H 182 -1.66 33.83 46.08
N SER H 183 -2.93 34.18 45.89
CA SER H 183 -3.47 35.47 46.31
C SER H 183 -4.35 35.31 47.53
N LEU H 184 -4.06 36.07 48.57
CA LEU H 184 -4.81 36.03 49.83
C LEU H 184 -4.76 37.43 50.47
N THR H 185 -5.07 37.51 51.75
CA THR H 185 -5.04 38.73 52.53
C THR H 185 -4.26 38.49 53.82
N PRO H 186 -3.74 39.55 54.44
CA PRO H 186 -2.95 39.36 55.68
C PRO H 186 -3.72 38.72 56.82
N GLU H 187 -5.06 38.83 56.84
CA GLU H 187 -5.83 38.14 57.88
C GLU H 187 -5.70 36.62 57.73
N GLN H 188 -6.03 36.11 56.55
CA GLN H 188 -5.82 34.69 56.27
C GLN H 188 -4.34 34.34 56.34
N TRP H 189 -3.46 35.28 55.97
CA TRP H 189 -2.03 35.05 56.01
C TRP H 189 -1.50 34.94 57.44
N LYS H 190 -2.23 35.46 58.42
CA LYS H 190 -1.85 35.37 59.82
C LYS H 190 -2.75 34.43 60.63
N SER H 191 -3.91 34.06 60.12
CA SER H 191 -4.77 33.08 60.77
C SER H 191 -4.45 31.65 60.36
N HIS H 192 -3.43 31.45 59.52
CA HIS H 192 -2.92 30.13 59.18
C HIS H 192 -1.41 30.12 59.43
N ARG H 193 -0.91 28.94 59.85
CA ARG H 193 0.48 28.86 60.28
C ARG H 193 1.46 29.01 59.12
N SER H 194 1.11 28.54 57.92
CA SER H 194 1.98 28.67 56.77
C SER H 194 1.19 28.29 55.52
N TYR H 195 1.84 28.46 54.36
CA TYR H 195 1.31 28.05 53.07
C TYR H 195 2.44 27.44 52.26
N SER H 196 2.14 26.33 51.58
CA SER H 196 3.13 25.54 50.88
C SER H 196 2.93 25.65 49.37
N CYS H 197 4.03 25.91 48.66
CA CYS H 197 4.12 25.74 47.22
C CYS H 197 4.64 24.32 46.97
N GLN H 198 3.73 23.43 46.59
CA GLN H 198 4.07 22.04 46.31
C GLN H 198 4.19 21.84 44.81
N VAL H 199 5.29 21.24 44.39
CA VAL H 199 5.68 21.12 42.99
C VAL H 199 6.05 19.66 42.75
N THR H 200 5.10 18.88 42.24
CA THR H 200 5.37 17.50 41.88
C THR H 200 6.00 17.47 40.48
N HIS H 201 7.20 16.89 40.40
CA HIS H 201 7.94 16.72 39.16
C HIS H 201 8.36 15.26 39.06
N GLU H 202 7.80 14.55 38.07
CA GLU H 202 8.11 13.14 37.82
C GLU H 202 7.95 12.31 39.10
N GLY H 203 6.92 12.64 39.88
CA GLY H 203 6.66 11.98 41.15
C GLY H 203 7.37 12.62 42.34
N SER H 204 8.60 13.06 42.15
CA SER H 204 9.35 13.72 43.22
C SER H 204 8.76 15.11 43.45
N THR H 205 8.12 15.28 44.61
CA THR H 205 7.35 16.49 44.91
C THR H 205 8.19 17.41 45.79
N VAL H 206 8.94 18.32 45.15
CA VAL H 206 9.67 19.35 45.90
C VAL H 206 8.67 20.36 46.46
N GLU H 207 8.98 20.92 47.62
CA GLU H 207 8.06 21.83 48.29
C GLU H 207 8.83 22.99 48.90
N LYS H 208 8.22 24.16 48.92
CA LYS H 208 8.78 25.31 49.64
C LYS H 208 7.65 26.06 50.33
N THR H 209 7.84 26.38 51.61
CA THR H 209 6.79 26.91 52.45
C THR H 209 7.07 28.38 52.80
N VAL H 210 6.02 29.06 53.28
CA VAL H 210 6.12 30.44 53.74
C VAL H 210 5.26 30.61 54.99
N ALA H 211 5.80 31.30 55.99
CA ALA H 211 5.13 31.45 57.28
C ALA H 211 5.19 32.89 57.75
N PRO H 212 4.17 33.34 58.50
CA PRO H 212 4.14 34.69 59.07
C PRO H 212 4.92 34.80 60.38
#